data_6C9Z
#
_entry.id   6C9Z
#
_cell.length_a   67.751
_cell.length_b   126.346
_cell.length_c   88.191
_cell.angle_alpha   90.00
_cell.angle_beta   107.82
_cell.angle_gamma   90.00
#
_symmetry.space_group_name_H-M   'P 1 21 1'
#
loop_
_entity.id
_entity.type
_entity.pdbx_description
1 polymer 'Glycosyl hydrolase, family 31'
2 non-polymer (1S,2S,3R,4S,5S)-5-[(1,3-dihydroxypropan-2-yl)amino]-1-(hydroxymethyl)cyclohexane-1,2,3,4-tetrol
3 water water
#
_entity_poly.entity_id   1
_entity_poly.type   'polypeptide(L)'
_entity_poly.pdbx_seq_one_letter_code
;SNAMIRKYRYGAPFDTEALTEKIETAEEAFPYGEISQKEGFAFTYIMDEDDIVYGLGESNRGINKRGYCYISNCTDDPIH
TEDKRSLYGAHNFIIVSGKTTFGLFFDYPSKLTFDIGYTRMDTLKVSCENADLDIYVIEGENAYDIVKQFRRVIGRSYIP
PKFAFGFGQSRYGYTTKEDFRAVAKGYRENHIPIDMIYMDIDYMQDFKDFTVNEKNFPDFPEFVKEMKDQELRLIPIIDA
GVKVEKGYEVYEEGVKNNYFCKREDGSDFVAAVWPGDTHFPDMLNPEARKWFGDKYRFLIDQGIEGFWNDMNEPAIFYSS
EGLAEAKEFAGEFAKDTEGKIHPWAMQAKMKDIVNSPEDYKRFYHNVNGKKIRHDKVHNLFGYNMTRAAGEAFERIDPEK
RFLMFSRSSYIGMHRYGGIWMGDNKSWWSHILLNLKMLPSLNMCGFMYTGADLGGFGDDTTRDLLLRFLALGVFTPLMRD
HAAEGTREQECYQFENIEDFRSVINARYRLVPYLYSEYMKAALNDDMYFKPLGFVYPDDKMAIRVEDQLMLGNEIMIAPV
YEQNARGRYVYLPEEMKFIKFMPDGSISEEVLEKGVHYVDVALNEVPLFIRSGKCIPVAEAAECVKDIDTENMQLIGYEG
SSYTLYEDDGIHKDYDKKENYRVLTK
;
_entity_poly.pdbx_strand_id   A,B
#
loop_
_chem_comp.id
_chem_comp.type
_chem_comp.name
_chem_comp.formula
VOG non-polymer (1S,2S,3R,4S,5S)-5-[(1,3-dihydroxypropan-2-yl)amino]-1-(hydroxymethyl)cyclohexane-1,2,3,4-tetrol 'C10 H21 N O7'
#
# COMPACT_ATOMS: atom_id res chain seq x y z
N ALA A 3 -7.64 28.92 -31.54
CA ALA A 3 -6.58 28.69 -32.51
C ALA A 3 -5.62 27.62 -32.02
N MET A 4 -5.54 27.47 -30.70
CA MET A 4 -4.63 26.51 -30.09
C MET A 4 -5.34 25.19 -29.81
N ILE A 5 -6.63 25.16 -30.08
CA ILE A 5 -7.43 23.99 -29.79
C ILE A 5 -8.25 23.55 -31.00
N ARG A 6 -8.07 22.29 -31.41
CA ARG A 6 -8.87 21.70 -32.47
C ARG A 6 -9.71 20.56 -31.88
N LYS A 7 -10.85 20.27 -32.51
CA LYS A 7 -11.78 19.28 -31.98
C LYS A 7 -12.10 18.25 -33.05
N TYR A 8 -11.88 16.98 -32.74
CA TYR A 8 -12.15 15.90 -33.70
C TYR A 8 -13.30 15.04 -33.21
N ARG A 9 -14.27 14.83 -34.10
CA ARG A 9 -15.50 14.14 -33.76
C ARG A 9 -15.52 12.72 -34.31
N TYR A 10 -16.02 11.78 -33.52
CA TYR A 10 -16.14 10.39 -33.93
C TYR A 10 -17.53 9.90 -33.53
N GLY A 11 -18.31 9.49 -34.52
CA GLY A 11 -19.66 9.00 -34.28
C GLY A 11 -20.58 10.10 -33.82
N ALA A 12 -21.55 9.74 -32.98
CA ALA A 12 -22.53 10.69 -32.47
C ALA A 12 -22.39 10.81 -30.96
N PRO A 13 -21.46 11.66 -30.50
CA PRO A 13 -21.12 11.72 -29.08
C PRO A 13 -22.18 12.37 -28.20
N PHE A 14 -22.43 11.79 -27.03
CA PHE A 14 -23.32 12.39 -26.05
C PHE A 14 -22.71 13.71 -25.59
N ASP A 15 -23.53 14.76 -25.53
CA ASP A 15 -23.04 16.08 -25.11
C ASP A 15 -22.93 16.17 -23.59
N THR A 16 -21.71 16.12 -23.09
CA THR A 16 -21.47 16.11 -21.65
C THR A 16 -21.46 17.51 -21.05
N GLU A 17 -21.35 18.51 -21.92
CA GLU A 17 -21.28 19.91 -21.53
C GLU A 17 -20.02 20.20 -20.71
N ALA A 18 -19.01 19.34 -20.86
CA ALA A 18 -17.71 19.53 -20.23
C ALA A 18 -17.09 20.89 -20.53
N LEU A 19 -17.05 21.26 -21.81
CA LEU A 19 -16.54 22.59 -22.19
C LEU A 19 -17.62 23.68 -22.20
N THR A 20 -17.22 24.91 -21.90
CA THR A 20 -18.11 26.06 -22.07
C THR A 20 -17.78 26.78 -23.37
N GLU A 21 -16.58 26.60 -23.89
CA GLU A 21 -16.24 27.20 -25.17
C GLU A 21 -16.66 26.27 -26.30
N LYS A 22 -17.36 26.83 -27.28
CA LYS A 22 -17.78 26.08 -28.47
C LYS A 22 -16.65 26.03 -29.49
N ILE A 23 -16.11 24.84 -29.71
CA ILE A 23 -15.03 24.66 -30.69
C ILE A 23 -15.56 23.93 -31.91
N GLU A 24 -15.28 24.49 -33.08
CA GLU A 24 -15.73 23.91 -34.33
C GLU A 24 -15.06 22.56 -34.58
N THR A 25 -15.63 21.79 -35.50
CA THR A 25 -15.12 20.48 -35.82
C THR A 25 -14.06 20.56 -36.90
N ALA A 26 -12.86 20.05 -36.58
CA ALA A 26 -11.74 20.05 -37.53
C ALA A 26 -12.04 19.11 -38.70
N GLU A 27 -11.32 19.30 -39.80
CA GLU A 27 -11.56 18.50 -40.99
C GLU A 27 -10.40 17.54 -41.32
N GLU A 28 -9.17 18.01 -41.15
CA GLU A 28 -8.02 17.19 -41.49
C GLU A 28 -7.85 15.97 -40.58
N ALA A 29 -6.94 15.07 -40.98
CA ALA A 29 -6.68 13.84 -40.21
C ALA A 29 -6.18 14.16 -38.79
N PHE A 30 -6.34 13.20 -37.89
CA PHE A 30 -5.83 13.34 -36.53
C PHE A 30 -4.33 13.62 -36.58
N PRO A 31 -3.89 14.65 -35.84
CA PRO A 31 -2.55 15.22 -35.98
C PRO A 31 -1.43 14.46 -35.24
N TYR A 32 -1.78 13.47 -34.42
CA TYR A 32 -0.75 12.70 -33.71
C TYR A 32 -1.10 11.23 -33.65
N GLY A 33 -0.10 10.37 -33.80
CA GLY A 33 -0.29 8.93 -33.70
C GLY A 33 -1.29 8.41 -34.69
N GLU A 34 -1.96 7.30 -34.34
CA GLU A 34 -2.94 6.69 -35.22
C GLU A 34 -4.26 6.38 -34.51
N ILE A 35 -5.36 6.54 -35.24
CA ILE A 35 -6.68 6.23 -34.70
C ILE A 35 -7.25 5.02 -35.45
N SER A 36 -7.89 4.12 -34.70
CA SER A 36 -8.54 2.97 -35.31
C SER A 36 -9.93 2.75 -34.72
N GLN A 37 -10.89 2.40 -35.57
CA GLN A 37 -12.25 2.13 -35.13
C GLN A 37 -12.61 0.65 -35.33
N LYS A 38 -11.58 -0.17 -35.49
CA LYS A 38 -11.75 -1.59 -35.82
C LYS A 38 -12.35 -2.42 -34.67
N GLU A 39 -11.87 -2.21 -33.47
CA GLU A 39 -12.34 -2.97 -32.32
C GLU A 39 -13.02 -2.04 -31.32
N GLY A 40 -13.84 -1.13 -31.83
CA GLY A 40 -14.42 -0.08 -31.02
C GLY A 40 -13.76 1.23 -31.38
N PHE A 41 -12.98 1.77 -30.45
CA PHE A 41 -12.16 2.95 -30.73
C PHE A 41 -10.83 2.80 -30.01
N ALA A 42 -9.77 3.29 -30.65
CA ALA A 42 -8.43 3.20 -30.07
C ALA A 42 -7.53 4.29 -30.62
N PHE A 43 -6.83 4.97 -29.71
CA PHE A 43 -5.81 5.94 -30.09
C PHE A 43 -4.47 5.40 -29.65
N THR A 44 -3.52 5.34 -30.59
CA THR A 44 -2.21 4.75 -30.32
C THR A 44 -1.08 5.72 -30.65
N TYR A 45 -0.17 5.91 -29.70
CA TYR A 45 0.93 6.86 -29.86
C TYR A 45 2.25 6.31 -29.31
N ILE A 46 3.29 6.32 -30.14
CA ILE A 46 4.63 5.90 -29.70
C ILE A 46 5.37 7.05 -29.02
N MET A 47 5.56 6.94 -27.72
CA MET A 47 6.25 7.96 -26.93
C MET A 47 7.76 7.89 -27.08
N ASP A 48 8.41 9.05 -27.06
CA ASP A 48 9.87 9.12 -26.90
C ASP A 48 10.22 8.72 -25.47
N GLU A 49 11.40 8.15 -25.28
CA GLU A 49 11.80 7.62 -23.98
C GLU A 49 11.90 8.66 -22.86
N ASP A 50 12.09 9.94 -23.23
CA ASP A 50 12.19 11.01 -22.25
C ASP A 50 10.84 11.69 -21.98
N ASP A 51 9.84 11.34 -22.78
CA ASP A 51 8.49 11.85 -22.60
C ASP A 51 7.94 11.63 -21.20
N ILE A 52 7.24 12.64 -20.70
CA ILE A 52 6.52 12.55 -19.44
C ILE A 52 5.04 12.71 -19.77
N VAL A 53 4.17 12.05 -19.01
CA VAL A 53 2.74 12.16 -19.25
C VAL A 53 2.03 12.67 -17.99
N TYR A 54 1.47 13.88 -18.08
CA TYR A 54 0.77 14.47 -16.95
C TYR A 54 -0.74 14.27 -17.06
N GLY A 55 -1.45 14.42 -15.95
CA GLY A 55 -2.90 14.54 -16.00
C GLY A 55 -3.68 13.43 -15.34
N LEU A 56 -4.87 13.16 -15.88
CA LEU A 56 -5.81 12.16 -15.37
C LEU A 56 -6.42 12.50 -13.99
N GLY A 57 -6.15 13.70 -13.49
CA GLY A 57 -6.81 14.20 -12.28
C GLY A 57 -6.75 13.23 -11.11
N GLU A 58 -7.93 12.85 -10.61
CA GLU A 58 -8.03 11.86 -9.54
C GLU A 58 -7.84 10.46 -10.09
N SER A 59 -6.59 10.01 -10.09
CA SER A 59 -6.25 8.64 -10.49
C SER A 59 -5.09 8.14 -9.65
N ASN A 60 -4.84 6.83 -9.74
CA ASN A 60 -3.85 6.18 -8.89
C ASN A 60 -2.42 6.56 -9.25
N ARG A 61 -1.48 6.16 -8.39
CA ARG A 61 -0.06 6.30 -8.66
C ARG A 61 0.46 7.74 -8.74
N GLY A 62 1.46 7.97 -9.57
CA GLY A 62 2.23 9.20 -9.50
C GLY A 62 1.76 10.35 -10.37
N ILE A 63 2.61 11.39 -10.46
CA ILE A 63 2.32 12.57 -11.27
C ILE A 63 2.60 12.28 -12.75
N ASN A 64 3.78 11.74 -13.03
CA ASN A 64 4.04 11.16 -14.35
C ASN A 64 3.29 9.83 -14.41
N LYS A 65 2.27 9.76 -15.26
CA LYS A 65 1.37 8.61 -15.28
C LYS A 65 1.96 7.40 -16.01
N ARG A 66 3.08 7.64 -16.70
CA ARG A 66 3.80 6.58 -17.39
C ARG A 66 4.01 5.36 -16.49
N GLY A 67 3.76 4.17 -17.04
CA GLY A 67 4.08 2.96 -16.34
C GLY A 67 2.93 2.15 -15.77
N TYR A 68 1.69 2.57 -16.00
CA TYR A 68 0.59 1.72 -15.57
C TYR A 68 -0.68 1.91 -16.42
N CYS A 69 -1.83 1.57 -15.86
CA CYS A 69 -3.06 1.52 -16.62
C CYS A 69 -4.16 2.16 -15.79
N TYR A 70 -4.88 3.09 -16.41
CA TYR A 70 -5.90 3.89 -15.74
C TYR A 70 -7.20 3.81 -16.53
N ILE A 71 -8.27 3.49 -15.84
CA ILE A 71 -9.57 3.32 -16.48
C ILE A 71 -10.58 4.29 -15.89
N SER A 72 -11.14 5.14 -16.74
CA SER A 72 -12.15 6.08 -16.29
C SER A 72 -13.48 5.37 -16.20
N ASN A 73 -13.89 5.09 -14.96
CA ASN A 73 -15.06 4.30 -14.67
C ASN A 73 -15.30 4.51 -13.19
N CYS A 74 -16.08 5.52 -12.86
CA CYS A 74 -16.34 5.91 -11.48
C CYS A 74 -16.74 4.72 -10.63
N THR A 75 -15.96 4.44 -9.58
CA THR A 75 -16.14 3.21 -8.80
C THR A 75 -16.05 3.46 -7.30
N ASP A 76 -16.94 2.81 -6.53
CA ASP A 76 -16.86 2.83 -5.08
C ASP A 76 -15.84 1.79 -4.58
N ASP A 77 -14.59 2.22 -4.37
CA ASP A 77 -13.53 1.29 -3.92
C ASP A 77 -12.79 1.85 -2.71
N PRO A 78 -13.00 1.23 -1.53
CA PRO A 78 -12.39 1.73 -0.29
C PRO A 78 -10.95 1.25 -0.08
N ILE A 79 -10.38 0.60 -1.08
CA ILE A 79 -9.01 0.10 -0.93
C ILE A 79 -8.13 0.63 -2.05
N HIS A 80 -7.31 1.61 -1.72
CA HIS A 80 -6.58 2.36 -2.74
C HIS A 80 -5.14 1.90 -2.86
N THR A 81 -4.97 0.71 -3.42
CA THR A 81 -3.65 0.12 -3.53
C THR A 81 -3.14 0.37 -4.96
N GLU A 82 -1.85 0.17 -5.18
CA GLU A 82 -1.19 0.55 -6.44
C GLU A 82 -1.72 -0.15 -7.67
N ASP A 83 -2.39 -1.27 -7.46
CA ASP A 83 -2.88 -2.09 -8.56
C ASP A 83 -4.21 -1.57 -9.10
N LYS A 84 -4.91 -0.76 -8.31
CA LYS A 84 -6.25 -0.30 -8.71
C LYS A 84 -6.20 0.56 -9.97
N ARG A 85 -7.09 0.27 -10.91
CA ARG A 85 -7.12 1.02 -12.17
C ARG A 85 -8.21 2.11 -12.22
N SER A 86 -9.19 2.05 -11.30
CA SER A 86 -10.35 2.94 -11.34
C SER A 86 -10.76 3.39 -9.94
N LEU A 87 -10.75 4.69 -9.71
CA LEU A 87 -11.27 5.20 -8.45
C LEU A 87 -12.62 5.88 -8.65
N TYR A 88 -12.82 7.03 -8.01
CA TYR A 88 -14.12 7.68 -8.02
C TYR A 88 -14.32 8.58 -9.23
N GLY A 89 -13.27 9.25 -9.67
CA GLY A 89 -13.40 10.23 -10.72
C GLY A 89 -13.12 9.74 -12.13
N ALA A 90 -13.49 10.55 -13.10
CA ALA A 90 -13.15 10.30 -14.49
C ALA A 90 -12.65 11.59 -15.10
N HIS A 91 -11.33 11.72 -15.21
CA HIS A 91 -10.73 12.97 -15.64
C HIS A 91 -9.85 12.80 -16.87
N ASN A 92 -10.52 12.78 -18.03
CA ASN A 92 -9.91 12.33 -19.28
C ASN A 92 -8.99 13.32 -20.01
N PHE A 93 -8.18 14.05 -19.25
CA PHE A 93 -7.28 15.05 -19.82
C PHE A 93 -5.84 14.61 -19.59
N ILE A 94 -5.07 14.47 -20.67
CA ILE A 94 -3.65 14.13 -20.53
C ILE A 94 -2.76 15.03 -21.35
N ILE A 95 -1.49 15.11 -20.94
CA ILE A 95 -0.49 15.88 -21.68
C ILE A 95 0.76 15.06 -21.91
N VAL A 96 1.10 14.85 -23.17
CA VAL A 96 2.41 14.29 -23.48
C VAL A 96 3.42 15.43 -23.50
N SER A 97 4.41 15.36 -22.62
CA SER A 97 5.45 16.40 -22.52
C SER A 97 6.85 15.84 -22.83
N GLY A 98 7.56 16.46 -23.76
CA GLY A 98 8.86 15.98 -24.19
C GLY A 98 9.30 16.73 -25.43
N LYS A 99 10.08 16.09 -26.29
CA LYS A 99 10.47 16.68 -27.59
C LYS A 99 9.23 17.23 -28.29
N THR A 100 8.33 16.31 -28.66
CA THR A 100 7.01 16.68 -29.16
C THR A 100 6.04 16.79 -27.99
N THR A 101 5.34 17.91 -27.87
CA THR A 101 4.45 18.13 -26.75
C THR A 101 3.05 18.54 -27.23
N PHE A 102 2.02 17.94 -26.64
CA PHE A 102 0.63 18.25 -27.01
C PHE A 102 -0.33 17.78 -25.93
N GLY A 103 -1.53 18.35 -25.91
CA GLY A 103 -2.53 17.97 -24.93
C GLY A 103 -3.72 17.28 -25.58
N LEU A 104 -4.38 16.42 -24.82
CA LEU A 104 -5.53 15.70 -25.34
C LEU A 104 -6.62 15.63 -24.29
N PHE A 105 -7.87 15.75 -24.73
CA PHE A 105 -9.02 15.57 -23.86
C PHE A 105 -10.07 14.71 -24.56
N PHE A 106 -10.36 13.56 -23.97
CA PHE A 106 -11.29 12.63 -24.58
C PHE A 106 -12.67 12.85 -23.98
N ASP A 107 -13.52 13.60 -24.69
CA ASP A 107 -14.84 13.90 -24.18
C ASP A 107 -15.74 12.68 -24.45
N TYR A 108 -15.68 11.73 -23.53
CA TYR A 108 -16.38 10.47 -23.65
C TYR A 108 -16.85 10.12 -22.24
N PRO A 109 -18.15 9.82 -22.08
CA PRO A 109 -18.74 9.71 -20.75
C PRO A 109 -18.78 8.27 -20.20
N SER A 110 -18.06 7.34 -20.81
CA SER A 110 -18.14 5.93 -20.43
C SER A 110 -16.76 5.32 -20.18
N LYS A 111 -16.70 3.99 -20.11
CA LYS A 111 -15.46 3.29 -19.78
C LYS A 111 -14.32 3.62 -20.75
N LEU A 112 -13.30 4.30 -20.26
CA LEU A 112 -12.18 4.68 -21.11
C LEU A 112 -10.86 4.21 -20.51
N THR A 113 -10.09 3.50 -21.33
CA THR A 113 -8.86 2.87 -20.85
C THR A 113 -7.60 3.56 -21.34
N PHE A 114 -6.78 3.96 -20.39
CA PHE A 114 -5.51 4.61 -20.69
C PHE A 114 -4.38 3.62 -20.39
N ASP A 115 -3.96 2.90 -21.42
CA ASP A 115 -2.77 2.08 -21.32
C ASP A 115 -1.59 2.99 -21.62
N ILE A 116 -0.93 3.45 -20.56
CA ILE A 116 0.18 4.38 -20.70
C ILE A 116 1.48 3.68 -20.37
N GLY A 117 1.99 2.90 -21.32
CA GLY A 117 3.23 2.20 -21.13
C GLY A 117 3.11 0.94 -20.29
N TYR A 118 1.88 0.50 -20.02
CA TYR A 118 1.66 -0.76 -19.29
C TYR A 118 2.04 -1.97 -20.14
N THR A 119 1.37 -2.14 -21.28
CA THR A 119 1.65 -3.24 -22.20
C THR A 119 3.07 -3.16 -22.78
N ARG A 120 3.39 -2.05 -23.43
CA ARG A 120 4.75 -1.76 -23.87
C ARG A 120 5.12 -0.40 -23.32
N MET A 121 6.32 -0.29 -22.76
CA MET A 121 6.78 0.96 -22.14
C MET A 121 6.76 2.17 -23.09
N ASP A 122 6.94 1.92 -24.39
CA ASP A 122 6.97 3.02 -25.35
C ASP A 122 5.60 3.39 -25.92
N THR A 123 4.57 2.61 -25.58
CA THR A 123 3.27 2.79 -26.22
C THR A 123 2.19 3.35 -25.30
N LEU A 124 1.57 4.44 -25.77
CA LEU A 124 0.42 5.05 -25.13
C LEU A 124 -0.81 4.66 -25.95
N LYS A 125 -1.78 4.04 -25.31
CA LYS A 125 -2.96 3.54 -26.02
C LYS A 125 -4.25 3.80 -25.25
N VAL A 126 -5.10 4.65 -25.83
CA VAL A 126 -6.38 4.99 -25.20
C VAL A 126 -7.53 4.44 -26.03
N SER A 127 -8.38 3.64 -25.39
CA SER A 127 -9.40 2.88 -26.10
C SER A 127 -10.72 2.80 -25.35
N CYS A 128 -11.80 2.64 -26.09
CA CYS A 128 -13.14 2.51 -25.50
C CYS A 128 -14.04 1.68 -26.40
N GLU A 129 -15.21 1.31 -25.89
CA GLU A 129 -16.10 0.40 -26.62
C GLU A 129 -16.70 1.00 -27.88
N ASN A 130 -17.12 2.27 -27.80
CA ASN A 130 -17.79 2.92 -28.92
C ASN A 130 -17.06 4.15 -29.44
N ALA A 131 -16.87 4.24 -30.75
CA ALA A 131 -16.34 5.44 -31.36
C ALA A 131 -17.44 6.51 -31.37
N ASP A 132 -17.80 6.98 -30.18
CA ASP A 132 -18.80 8.03 -30.05
C ASP A 132 -18.28 9.10 -29.10
N LEU A 133 -17.36 9.92 -29.59
CA LEU A 133 -16.64 10.83 -28.71
C LEU A 133 -15.98 12.01 -29.45
N ASP A 134 -15.72 13.09 -28.72
CA ASP A 134 -14.96 14.23 -29.22
C ASP A 134 -13.56 14.19 -28.57
N ILE A 135 -12.52 14.35 -29.37
CA ILE A 135 -11.16 14.48 -28.83
C ILE A 135 -10.64 15.86 -29.11
N TYR A 136 -10.22 16.57 -28.06
CA TYR A 136 -9.65 17.90 -28.26
C TYR A 136 -8.14 17.78 -28.21
N VAL A 137 -7.47 18.33 -29.22
CA VAL A 137 -6.03 18.38 -29.30
C VAL A 137 -5.58 19.81 -28.98
N ILE A 138 -4.71 19.96 -28.00
CA ILE A 138 -4.27 21.28 -27.55
C ILE A 138 -2.76 21.48 -27.73
N GLU A 139 -2.38 22.50 -28.49
CA GLU A 139 -0.97 22.80 -28.76
C GLU A 139 -0.42 23.86 -27.81
N GLY A 140 0.90 23.93 -27.75
CA GLY A 140 1.58 24.95 -26.96
C GLY A 140 3.05 24.66 -26.79
N GLU A 141 3.80 25.61 -26.25
CA GLU A 141 5.24 25.42 -26.04
C GLU A 141 5.58 24.32 -25.02
N ASN A 142 4.79 24.27 -23.95
CA ASN A 142 5.07 23.36 -22.84
C ASN A 142 3.78 22.91 -22.18
N ALA A 143 3.91 21.99 -21.23
CA ALA A 143 2.77 21.44 -20.51
C ALA A 143 1.94 22.53 -19.80
N TYR A 144 2.62 23.50 -19.21
CA TYR A 144 1.96 24.54 -18.43
C TYR A 144 1.10 25.41 -19.33
N ASP A 145 1.66 25.77 -20.49
CA ASP A 145 0.94 26.55 -21.51
C ASP A 145 -0.34 25.84 -21.89
N ILE A 146 -0.20 24.54 -22.13
CA ILE A 146 -1.29 23.70 -22.58
C ILE A 146 -2.35 23.55 -21.49
N VAL A 147 -1.92 23.42 -20.24
CA VAL A 147 -2.87 23.31 -19.14
C VAL A 147 -3.73 24.58 -19.08
N LYS A 148 -3.08 25.73 -19.13
CA LYS A 148 -3.81 27.00 -19.08
C LYS A 148 -4.80 27.19 -20.23
N GLN A 149 -4.43 26.76 -21.44
CA GLN A 149 -5.37 26.79 -22.57
C GLN A 149 -6.60 25.98 -22.25
N PHE A 150 -6.39 24.79 -21.70
CA PHE A 150 -7.48 23.88 -21.39
C PHE A 150 -8.37 24.40 -20.27
N ARG A 151 -7.77 24.93 -19.22
CA ARG A 151 -8.53 25.47 -18.10
C ARG A 151 -9.47 26.59 -18.59
N ARG A 152 -9.05 27.32 -19.61
CA ARG A 152 -9.85 28.41 -20.14
C ARG A 152 -11.16 27.93 -20.75
N VAL A 153 -11.11 26.83 -21.48
CA VAL A 153 -12.25 26.38 -22.26
C VAL A 153 -13.26 25.54 -21.47
N ILE A 154 -12.82 24.98 -20.33
CA ILE A 154 -13.72 24.21 -19.47
C ILE A 154 -14.47 25.11 -18.49
N GLY A 155 -14.06 26.37 -18.42
CA GLY A 155 -14.77 27.36 -17.62
C GLY A 155 -14.20 27.49 -16.22
N ARG A 156 -14.39 28.67 -15.64
CA ARG A 156 -13.85 29.01 -14.33
C ARG A 156 -14.12 27.96 -13.24
N SER A 157 -13.11 27.68 -12.42
CA SER A 157 -13.26 26.72 -11.34
C SER A 157 -14.20 27.22 -10.24
N TYR A 158 -14.83 26.28 -9.55
CA TYR A 158 -15.66 26.55 -8.37
C TYR A 158 -14.89 27.34 -7.32
N ILE A 159 -15.56 28.32 -6.71
CA ILE A 159 -14.94 29.11 -5.65
C ILE A 159 -15.71 28.95 -4.33
N PRO A 160 -15.04 28.44 -3.28
CA PRO A 160 -15.66 28.20 -1.97
C PRO A 160 -15.74 29.48 -1.12
N PRO A 161 -16.63 29.50 -0.12
CA PRO A 161 -16.66 30.63 0.82
C PRO A 161 -15.38 30.58 1.65
N LYS A 162 -14.93 31.71 2.18
CA LYS A 162 -13.65 31.75 2.88
C LYS A 162 -13.61 30.81 4.08
N PHE A 163 -14.74 30.63 4.75
CA PHE A 163 -14.73 29.82 5.97
C PHE A 163 -14.27 28.41 5.70
N ALA A 164 -14.36 27.97 4.44
CA ALA A 164 -14.00 26.62 4.06
C ALA A 164 -12.49 26.42 3.96
N PHE A 165 -11.73 27.49 4.14
CA PHE A 165 -10.28 27.39 4.23
C PHE A 165 -9.90 27.25 5.69
N GLY A 166 -10.91 27.14 6.54
CA GLY A 166 -10.66 26.84 7.94
C GLY A 166 -10.30 25.35 8.03
N PHE A 167 -10.34 24.81 9.25
CA PHE A 167 -10.12 23.38 9.44
C PHE A 167 -11.43 22.68 9.81
N GLY A 168 -11.62 21.47 9.28
CA GLY A 168 -12.85 20.72 9.51
C GLY A 168 -12.62 19.39 10.20
N GLN A 169 -13.53 19.05 11.12
CA GLN A 169 -13.53 17.79 11.84
C GLN A 169 -14.76 16.95 11.46
N SER A 170 -14.56 15.67 11.19
CA SER A 170 -15.61 14.79 10.68
C SER A 170 -15.42 13.33 11.12
N ARG A 171 -16.54 12.61 11.30
CA ARG A 171 -16.48 11.16 11.57
C ARG A 171 -17.79 10.44 11.20
N TYR A 172 -17.68 9.26 10.59
CA TYR A 172 -18.85 8.44 10.40
C TYR A 172 -19.20 7.92 11.78
N GLY A 173 -20.21 8.51 12.40
CA GLY A 173 -20.60 8.12 13.74
C GLY A 173 -21.22 9.22 14.57
N TYR A 174 -20.82 10.47 14.34
CA TYR A 174 -21.43 11.59 15.07
C TYR A 174 -22.93 11.55 14.83
N THR A 175 -23.72 11.53 15.89
CA THR A 175 -25.14 11.23 15.75
C THR A 175 -26.06 12.14 16.56
N THR A 176 -25.68 12.40 17.81
CA THR A 176 -26.53 13.21 18.68
C THR A 176 -25.95 14.62 18.87
N LYS A 177 -26.68 15.46 19.60
CA LYS A 177 -26.18 16.78 19.95
C LYS A 177 -24.99 16.65 20.91
N GLU A 178 -25.05 15.66 21.79
CA GLU A 178 -23.97 15.42 22.72
C GLU A 178 -22.69 15.13 21.94
N ASP A 179 -22.81 14.29 20.92
CA ASP A 179 -21.68 13.99 20.03
C ASP A 179 -21.03 15.26 19.45
N PHE A 180 -21.84 16.11 18.82
CA PHE A 180 -21.30 17.31 18.20
C PHE A 180 -20.74 18.31 19.22
N ARG A 181 -21.44 18.46 20.34
CA ARG A 181 -20.99 19.36 21.40
C ARG A 181 -19.62 18.96 21.96
N ALA A 182 -19.37 17.66 22.03
CA ALA A 182 -18.10 17.16 22.55
C ALA A 182 -16.97 17.49 21.59
N VAL A 183 -17.26 17.52 20.29
CA VAL A 183 -16.26 17.87 19.30
C VAL A 183 -15.96 19.37 19.41
N ALA A 184 -17.02 20.14 19.58
CA ALA A 184 -16.89 21.58 19.77
C ALA A 184 -16.06 21.86 21.03
N LYS A 185 -16.43 21.22 22.14
CA LYS A 185 -15.73 21.42 23.41
C LYS A 185 -14.29 20.91 23.39
N GLY A 186 -14.07 19.76 22.76
CA GLY A 186 -12.74 19.19 22.65
C GLY A 186 -11.79 20.10 21.90
N TYR A 187 -12.32 20.80 20.89
CA TYR A 187 -11.48 21.67 20.08
C TYR A 187 -11.30 23.06 20.68
N ARG A 188 -12.41 23.70 21.04
CA ARG A 188 -12.38 25.07 21.56
C ARG A 188 -11.71 25.20 22.93
N GLU A 189 -12.04 24.29 23.84
CA GLU A 189 -11.47 24.34 25.20
C GLU A 189 -9.96 24.20 25.16
N ASN A 190 -9.46 23.52 24.14
CA ASN A 190 -8.02 23.33 23.97
C ASN A 190 -7.42 24.30 22.97
N HIS A 191 -8.20 25.31 22.62
CA HIS A 191 -7.77 26.39 21.73
C HIS A 191 -7.15 25.91 20.42
N ILE A 192 -7.67 24.81 19.90
CA ILE A 192 -7.28 24.28 18.60
C ILE A 192 -8.23 24.89 17.59
N PRO A 193 -7.70 25.65 16.60
CA PRO A 193 -8.55 26.34 15.63
C PRO A 193 -9.40 25.38 14.81
N ILE A 194 -10.60 25.83 14.43
CA ILE A 194 -11.56 25.01 13.70
C ILE A 194 -12.75 25.87 13.23
N ASP A 195 -13.27 25.56 12.05
CA ASP A 195 -14.41 26.28 11.51
C ASP A 195 -15.57 25.35 11.17
N MET A 196 -15.28 24.06 10.95
CA MET A 196 -16.30 23.16 10.46
C MET A 196 -16.41 21.84 11.21
N ILE A 197 -17.63 21.36 11.37
CA ILE A 197 -17.89 20.00 11.81
C ILE A 197 -18.85 19.37 10.81
N TYR A 198 -18.43 18.25 10.21
CA TYR A 198 -19.23 17.57 9.20
C TYR A 198 -20.27 16.65 9.84
N MET A 199 -21.39 16.49 9.15
CA MET A 199 -22.44 15.58 9.61
C MET A 199 -22.60 14.45 8.62
N ASP A 200 -22.32 13.23 9.07
CA ASP A 200 -22.45 12.04 8.25
C ASP A 200 -23.85 11.45 8.39
N ILE A 201 -24.13 10.44 7.59
CA ILE A 201 -25.49 9.97 7.32
C ILE A 201 -26.39 9.70 8.53
N ASP A 202 -25.81 9.71 9.73
CA ASP A 202 -26.61 9.45 10.93
C ASP A 202 -27.51 10.63 11.34
N TYR A 203 -27.28 11.81 10.77
CA TYR A 203 -28.11 12.98 11.11
C TYR A 203 -29.47 12.93 10.44
N MET A 204 -29.59 12.10 9.40
CA MET A 204 -30.87 11.99 8.70
C MET A 204 -31.85 11.19 9.51
N GLN A 205 -33.12 11.27 9.13
CA GLN A 205 -34.12 10.35 9.64
C GLN A 205 -34.07 9.12 8.75
N ASP A 206 -33.56 8.02 9.32
CA ASP A 206 -33.48 6.74 8.62
C ASP A 206 -32.82 6.85 7.26
N PHE A 207 -31.75 7.64 7.18
CA PHE A 207 -30.96 7.77 5.95
C PHE A 207 -31.76 8.38 4.77
N LYS A 208 -32.84 9.09 5.08
CA LYS A 208 -33.62 9.74 4.04
C LYS A 208 -33.09 11.13 3.66
N ASP A 209 -32.70 11.31 2.40
CA ASP A 209 -32.25 12.61 1.89
C ASP A 209 -33.21 13.74 2.25
N PHE A 210 -32.63 14.87 2.64
CA PHE A 210 -33.37 16.10 2.92
C PHE A 210 -34.33 15.93 4.09
N THR A 211 -33.98 15.04 5.02
CA THR A 211 -34.63 15.04 6.32
C THR A 211 -33.59 15.17 7.42
N VAL A 212 -34.06 15.43 8.63
CA VAL A 212 -33.20 15.47 9.81
C VAL A 212 -33.85 14.62 10.90
N ASN A 213 -33.06 13.76 11.56
CA ASN A 213 -33.56 12.94 12.67
C ASN A 213 -34.37 13.77 13.66
N GLU A 214 -35.67 13.54 13.66
CA GLU A 214 -36.61 14.31 14.49
C GLU A 214 -36.35 14.16 15.99
N LYS A 215 -35.86 12.99 16.39
CA LYS A 215 -35.68 12.67 17.79
C LYS A 215 -34.38 13.24 18.36
N ASN A 216 -33.32 13.23 17.56
CA ASN A 216 -32.05 13.80 17.99
C ASN A 216 -31.96 15.32 17.83
N PHE A 217 -32.64 15.87 16.81
CA PHE A 217 -32.63 17.31 16.60
C PHE A 217 -34.04 17.89 16.47
N PRO A 218 -34.74 18.07 17.60
CA PRO A 218 -36.12 18.58 17.61
C PRO A 218 -36.24 20.03 17.15
N ASP A 219 -35.19 20.81 17.36
CA ASP A 219 -35.15 22.18 16.86
C ASP A 219 -33.81 22.40 16.18
N PHE A 220 -33.65 21.78 15.01
CA PHE A 220 -32.39 21.85 14.27
C PHE A 220 -31.85 23.26 13.98
N PRO A 221 -32.73 24.21 13.56
CA PRO A 221 -32.20 25.55 13.26
C PRO A 221 -31.56 26.17 14.49
N GLU A 222 -32.07 25.81 15.67
CA GLU A 222 -31.53 26.32 16.92
C GLU A 222 -30.12 25.77 17.16
N PHE A 223 -29.97 24.45 16.96
CA PHE A 223 -28.68 23.79 17.18
C PHE A 223 -27.65 24.28 16.18
N VAL A 224 -28.06 24.42 14.91
CA VAL A 224 -27.18 24.99 13.89
C VAL A 224 -26.61 26.35 14.30
N LYS A 225 -27.46 27.24 14.84
CA LYS A 225 -27.00 28.54 15.33
C LYS A 225 -26.16 28.44 16.61
N GLU A 226 -26.53 27.53 17.51
CA GLU A 226 -25.68 27.21 18.68
C GLU A 226 -24.23 26.92 18.26
N MET A 227 -24.06 26.22 17.15
CA MET A 227 -22.73 25.96 16.64
C MET A 227 -22.17 27.20 15.94
N LYS A 228 -22.98 27.82 15.08
CA LYS A 228 -22.50 28.96 14.28
C LYS A 228 -22.05 30.13 15.14
N ASP A 229 -22.75 30.38 16.24
CA ASP A 229 -22.36 31.43 17.18
C ASP A 229 -20.94 31.22 17.71
N GLN A 230 -20.46 29.97 17.62
CA GLN A 230 -19.11 29.60 18.06
C GLN A 230 -18.18 29.49 16.86
N GLU A 231 -18.67 29.91 15.70
CA GLU A 231 -17.93 29.80 14.43
C GLU A 231 -17.69 28.36 14.01
N LEU A 232 -18.68 27.51 14.28
CA LEU A 232 -18.66 26.14 13.82
C LEU A 232 -19.85 25.91 12.88
N ARG A 233 -19.57 25.78 11.60
CA ARG A 233 -20.59 25.55 10.61
C ARG A 233 -20.73 24.06 10.31
N LEU A 234 -21.94 23.54 10.47
CA LEU A 234 -22.26 22.13 10.26
C LEU A 234 -22.36 21.80 8.78
N ILE A 235 -21.58 20.83 8.30
CA ILE A 235 -21.64 20.46 6.88
C ILE A 235 -22.25 19.07 6.63
N PRO A 236 -23.56 19.01 6.40
CA PRO A 236 -24.26 17.73 6.20
C PRO A 236 -24.09 17.10 4.83
N ILE A 237 -24.17 15.77 4.85
CA ILE A 237 -23.98 14.94 3.68
C ILE A 237 -25.34 14.69 3.03
N ILE A 238 -25.30 14.52 1.71
CA ILE A 238 -26.45 14.11 0.91
C ILE A 238 -26.01 12.91 0.02
N ASP A 239 -26.85 11.88 -0.02
CA ASP A 239 -26.55 10.69 -0.81
C ASP A 239 -27.30 10.69 -2.13
N ALA A 240 -26.80 9.94 -3.10
CA ALA A 240 -27.41 9.81 -4.40
C ALA A 240 -28.74 9.06 -4.35
N GLY A 241 -28.90 8.18 -3.38
CA GLY A 241 -30.08 7.33 -3.34
C GLY A 241 -31.20 7.85 -2.46
N VAL A 242 -32.41 7.93 -3.03
CA VAL A 242 -33.60 8.33 -2.27
C VAL A 242 -34.38 7.12 -1.79
N LYS A 243 -34.52 6.98 -0.48
CA LYS A 243 -35.14 5.79 0.12
C LYS A 243 -36.52 5.50 -0.43
N VAL A 244 -36.82 4.22 -0.65
CA VAL A 244 -38.17 3.82 -1.02
C VAL A 244 -38.99 3.70 0.25
N GLU A 245 -40.01 4.54 0.39
CA GLU A 245 -40.83 4.59 1.61
C GLU A 245 -42.14 5.34 1.38
N LYS A 246 -43.26 4.70 1.68
CA LYS A 246 -44.57 5.35 1.51
C LYS A 246 -44.75 6.50 2.50
N GLY A 247 -45.12 7.67 1.98
CA GLY A 247 -45.33 8.86 2.81
C GLY A 247 -44.14 9.81 2.77
N TYR A 248 -42.97 9.27 2.42
CA TYR A 248 -41.75 10.07 2.28
C TYR A 248 -41.88 10.94 1.04
N GLU A 249 -42.04 12.25 1.25
CA GLU A 249 -42.32 13.21 0.19
C GLU A 249 -41.37 13.14 -1.01
N VAL A 250 -40.06 13.07 -0.76
CA VAL A 250 -39.09 13.06 -1.84
C VAL A 250 -39.28 11.86 -2.76
N TYR A 251 -39.59 10.72 -2.15
CA TYR A 251 -39.86 9.50 -2.88
C TYR A 251 -41.17 9.56 -3.68
N GLU A 252 -42.24 10.02 -3.04
CA GLU A 252 -43.55 10.12 -3.69
C GLU A 252 -43.53 11.00 -4.93
N GLU A 253 -42.83 12.12 -4.83
CA GLU A 253 -42.78 13.08 -5.94
C GLU A 253 -41.95 12.50 -7.08
N GLY A 254 -40.86 11.83 -6.72
CA GLY A 254 -39.97 11.22 -7.69
C GLY A 254 -40.65 10.15 -8.51
N VAL A 255 -41.51 9.37 -7.87
CA VAL A 255 -42.29 8.37 -8.58
C VAL A 255 -43.38 9.01 -9.42
N LYS A 256 -44.21 9.83 -8.77
CA LYS A 256 -45.36 10.46 -9.41
C LYS A 256 -44.96 11.22 -10.68
N ASN A 257 -43.83 11.92 -10.62
CA ASN A 257 -43.41 12.76 -11.73
C ASN A 257 -42.35 12.13 -12.62
N ASN A 258 -42.11 10.83 -12.45
CA ASN A 258 -41.12 10.11 -13.26
C ASN A 258 -39.75 10.77 -13.21
N TYR A 259 -39.29 11.11 -12.02
CA TYR A 259 -37.99 11.75 -11.84
C TYR A 259 -36.84 10.76 -11.56
N PHE A 260 -37.17 9.47 -11.42
CA PHE A 260 -36.17 8.44 -11.06
C PHE A 260 -35.67 7.65 -12.27
N CYS A 261 -34.48 7.07 -12.16
CA CYS A 261 -33.97 6.18 -13.22
C CYS A 261 -34.80 4.92 -13.34
N LYS A 262 -35.08 4.51 -14.56
CA LYS A 262 -36.04 3.46 -14.83
C LYS A 262 -35.43 2.22 -15.53
N ARG A 263 -36.07 1.08 -15.33
CA ARG A 263 -35.68 -0.12 -16.06
C ARG A 263 -36.22 0.04 -17.47
N GLU A 264 -35.82 -0.86 -18.37
CA GLU A 264 -36.27 -0.81 -19.76
C GLU A 264 -37.79 -0.75 -19.84
N ASP A 265 -38.46 -1.45 -18.92
CA ASP A 265 -39.92 -1.55 -18.96
C ASP A 265 -40.68 -0.38 -18.29
N GLY A 266 -39.95 0.67 -17.90
CA GLY A 266 -40.59 1.82 -17.29
C GLY A 266 -40.72 1.82 -15.78
N SER A 267 -40.37 0.71 -15.13
CA SER A 267 -40.43 0.65 -13.67
C SER A 267 -39.24 1.38 -13.08
N ASP A 268 -39.42 1.92 -11.87
CA ASP A 268 -38.37 2.69 -11.21
C ASP A 268 -37.30 1.75 -10.66
N PHE A 269 -36.05 1.93 -11.07
CA PHE A 269 -34.99 0.99 -10.71
C PHE A 269 -34.65 1.01 -9.23
N VAL A 270 -34.47 -0.18 -8.64
CA VAL A 270 -34.18 -0.29 -7.21
C VAL A 270 -32.73 -0.63 -6.94
N ALA A 271 -32.09 0.19 -6.13
CA ALA A 271 -30.73 -0.06 -5.70
C ALA A 271 -30.69 0.02 -4.19
N ALA A 272 -30.02 -0.93 -3.55
CA ALA A 272 -29.86 -0.87 -2.11
C ALA A 272 -28.65 -0.03 -1.72
N VAL A 273 -28.83 0.87 -0.77
CA VAL A 273 -27.71 1.59 -0.17
C VAL A 273 -28.06 1.72 1.31
N TRP A 274 -27.45 2.67 2.02
CA TRP A 274 -27.73 2.89 3.45
C TRP A 274 -29.19 2.77 3.87
N PRO A 275 -30.13 3.36 3.09
CA PRO A 275 -31.52 3.31 3.57
C PRO A 275 -32.21 1.98 3.26
N GLY A 276 -31.48 1.03 2.70
CA GLY A 276 -32.12 -0.14 2.12
C GLY A 276 -32.43 0.15 0.66
N ASP A 277 -33.58 -0.31 0.18
CA ASP A 277 -34.02 -0.02 -1.19
C ASP A 277 -34.17 1.49 -1.46
N THR A 278 -33.56 1.95 -2.55
CA THR A 278 -33.68 3.35 -2.97
C THR A 278 -33.94 3.46 -4.46
N HIS A 279 -34.31 4.67 -4.91
CA HIS A 279 -34.28 5.00 -6.33
C HIS A 279 -33.20 6.06 -6.59
N PHE A 280 -32.71 6.13 -7.81
CA PHE A 280 -31.77 7.17 -8.22
C PHE A 280 -32.51 8.28 -8.99
N PRO A 281 -32.39 9.53 -8.53
CA PRO A 281 -32.87 10.67 -9.34
C PRO A 281 -32.18 10.69 -10.71
N ASP A 282 -32.94 10.96 -11.76
CA ASP A 282 -32.42 10.95 -13.12
C ASP A 282 -31.56 12.20 -13.36
N MET A 283 -30.30 12.14 -12.97
CA MET A 283 -29.43 13.32 -12.97
C MET A 283 -29.16 13.90 -14.37
N LEU A 284 -29.51 13.20 -15.43
CA LEU A 284 -29.31 13.73 -16.78
C LEU A 284 -30.60 14.35 -17.36
N ASN A 285 -31.69 14.21 -16.62
CA ASN A 285 -32.95 14.85 -16.97
C ASN A 285 -33.00 16.22 -16.30
N PRO A 286 -32.99 17.30 -17.10
CA PRO A 286 -32.95 18.66 -16.57
C PRO A 286 -34.08 18.97 -15.58
N GLU A 287 -35.30 18.50 -15.83
CA GLU A 287 -36.39 18.77 -14.88
C GLU A 287 -36.13 18.00 -13.58
N ALA A 288 -35.61 16.78 -13.71
CA ALA A 288 -35.22 15.98 -12.55
C ALA A 288 -34.10 16.62 -11.73
N ARG A 289 -33.08 17.11 -12.43
CA ARG A 289 -32.00 17.87 -11.79
C ARG A 289 -32.53 19.01 -10.93
N LYS A 290 -33.39 19.83 -11.52
CA LYS A 290 -33.94 21.01 -10.85
C LYS A 290 -34.73 20.62 -9.60
N TRP A 291 -35.60 19.63 -9.75
CA TRP A 291 -36.36 19.09 -8.63
C TRP A 291 -35.44 18.68 -7.47
N PHE A 292 -34.38 17.91 -7.79
CA PHE A 292 -33.49 17.39 -6.75
C PHE A 292 -32.67 18.52 -6.10
N GLY A 293 -32.01 19.33 -6.92
CA GLY A 293 -31.26 20.46 -6.44
C GLY A 293 -32.10 21.42 -5.60
N ASP A 294 -33.34 21.69 -6.01
CA ASP A 294 -34.19 22.57 -5.22
C ASP A 294 -34.41 22.07 -3.80
N LYS A 295 -34.31 20.75 -3.60
CA LYS A 295 -34.54 20.18 -2.26
C LYS A 295 -33.53 20.63 -1.18
N TYR A 296 -32.32 21.00 -1.58
CA TYR A 296 -31.31 21.53 -0.66
C TYR A 296 -31.81 22.73 0.17
N ARG A 297 -32.81 23.43 -0.37
CA ARG A 297 -33.39 24.58 0.31
C ARG A 297 -33.82 24.21 1.73
N PHE A 298 -34.31 22.98 1.88
CA PHE A 298 -34.76 22.46 3.18
C PHE A 298 -33.69 22.64 4.26
N LEU A 299 -32.44 22.40 3.89
CA LEU A 299 -31.33 22.58 4.82
C LEU A 299 -30.81 24.02 4.84
N ILE A 300 -30.76 24.66 3.68
CA ILE A 300 -30.25 26.03 3.59
C ILE A 300 -31.10 26.97 4.45
N ASP A 301 -32.41 26.74 4.44
CA ASP A 301 -33.32 27.57 5.23
C ASP A 301 -33.10 27.40 6.73
N GLN A 302 -32.38 26.36 7.11
CA GLN A 302 -32.11 26.14 8.53
C GLN A 302 -30.74 26.67 8.94
N GLY A 303 -30.12 27.42 8.03
CA GLY A 303 -28.83 28.04 8.29
C GLY A 303 -27.64 27.17 7.91
N ILE A 304 -27.86 26.15 7.10
CA ILE A 304 -26.75 25.30 6.65
C ILE A 304 -26.05 26.00 5.49
N GLU A 305 -24.73 26.09 5.53
CA GLU A 305 -24.02 26.87 4.52
C GLU A 305 -23.09 26.04 3.62
N GLY A 306 -23.25 24.72 3.66
CA GLY A 306 -22.38 23.86 2.88
C GLY A 306 -22.81 22.41 2.89
N PHE A 307 -22.35 21.65 1.88
CA PHE A 307 -22.77 20.27 1.68
C PHE A 307 -21.65 19.38 1.16
N TRP A 308 -21.78 18.08 1.42
CA TRP A 308 -20.99 17.09 0.69
C TRP A 308 -21.86 15.99 0.06
N ASN A 309 -21.62 15.72 -1.22
CA ASN A 309 -22.39 14.74 -2.01
C ASN A 309 -21.61 13.44 -2.13
N ASP A 310 -22.25 12.33 -1.75
CA ASP A 310 -21.59 11.03 -1.56
C ASP A 310 -22.35 9.88 -2.24
N MET A 311 -21.69 8.71 -2.35
CA MET A 311 -22.24 7.52 -3.01
C MET A 311 -22.77 7.83 -4.41
N ASN A 312 -22.22 8.85 -5.06
CA ASN A 312 -22.82 9.33 -6.31
C ASN A 312 -22.11 8.87 -7.58
N GLU A 313 -21.50 7.69 -7.52
CA GLU A 313 -20.93 7.04 -8.70
C GLU A 313 -21.94 6.61 -9.78
N PRO A 314 -23.16 6.14 -9.42
CA PRO A 314 -23.75 5.89 -8.10
C PRO A 314 -23.32 4.54 -7.53
N ALA A 315 -23.10 4.49 -6.22
CA ALA A 315 -22.74 3.24 -5.56
C ALA A 315 -23.97 2.34 -5.40
N ILE A 316 -23.80 1.05 -5.61
CA ILE A 316 -24.91 0.11 -5.46
C ILE A 316 -24.47 -1.09 -4.61
N PHE A 317 -25.08 -1.27 -3.45
CA PHE A 317 -24.75 -2.42 -2.60
C PHE A 317 -25.22 -3.69 -3.29
N TYR A 318 -26.42 -3.63 -3.85
CA TYR A 318 -26.99 -4.67 -4.70
C TYR A 318 -28.28 -4.13 -5.31
N SER A 319 -28.72 -4.75 -6.41
CA SER A 319 -30.03 -4.45 -6.97
C SER A 319 -30.96 -5.57 -6.53
N SER A 320 -32.23 -5.46 -6.86
CA SER A 320 -33.20 -6.51 -6.56
C SER A 320 -32.92 -7.76 -7.40
N GLU A 321 -32.43 -7.55 -8.62
CA GLU A 321 -32.10 -8.67 -9.49
C GLU A 321 -30.91 -9.44 -8.92
N GLY A 322 -29.89 -8.73 -8.49
CA GLY A 322 -28.71 -9.33 -7.90
C GLY A 322 -28.99 -10.05 -6.60
N LEU A 323 -29.86 -9.47 -5.77
CA LEU A 323 -30.17 -10.07 -4.48
C LEU A 323 -30.82 -11.42 -4.67
N ALA A 324 -31.82 -11.47 -5.55
CA ALA A 324 -32.52 -12.72 -5.82
C ALA A 324 -31.58 -13.78 -6.38
N GLU A 325 -30.65 -13.34 -7.24
CA GLU A 325 -29.64 -14.25 -7.79
C GLU A 325 -28.79 -14.83 -6.67
N ALA A 326 -28.26 -13.96 -5.80
CA ALA A 326 -27.44 -14.41 -4.68
C ALA A 326 -28.21 -15.32 -3.71
N LYS A 327 -29.47 -15.01 -3.43
CA LYS A 327 -30.26 -15.91 -2.57
C LYS A 327 -30.46 -17.29 -3.20
N GLU A 328 -30.68 -17.32 -4.50
CA GLU A 328 -30.83 -18.58 -5.20
C GLU A 328 -29.54 -19.38 -5.12
N PHE A 329 -28.42 -18.70 -5.30
CA PHE A 329 -27.14 -19.39 -5.22
C PHE A 329 -26.89 -19.91 -3.82
N ALA A 330 -27.24 -19.11 -2.82
CA ALA A 330 -27.10 -19.51 -1.43
C ALA A 330 -27.93 -20.76 -1.12
N GLY A 331 -29.13 -20.82 -1.72
CA GLY A 331 -29.99 -21.99 -1.55
C GLY A 331 -29.30 -23.24 -2.05
N GLU A 332 -28.64 -23.14 -3.19
CA GLU A 332 -27.94 -24.28 -3.77
C GLU A 332 -26.74 -24.66 -2.92
N PHE A 333 -25.92 -23.67 -2.57
CA PHE A 333 -24.82 -23.90 -1.66
C PHE A 333 -25.27 -24.62 -0.38
N ALA A 334 -26.41 -24.23 0.17
CA ALA A 334 -26.88 -24.72 1.46
C ALA A 334 -27.14 -26.22 1.47
N LYS A 335 -27.80 -26.69 0.42
CA LYS A 335 -28.17 -28.09 0.36
C LYS A 335 -27.38 -28.88 -0.67
N ASP A 336 -26.18 -28.39 -1.02
CA ASP A 336 -25.26 -29.19 -1.82
C ASP A 336 -24.45 -30.14 -0.91
N THR A 337 -24.83 -31.41 -0.91
CA THR A 337 -24.17 -32.39 -0.05
C THR A 337 -22.91 -32.98 -0.69
N GLU A 338 -22.80 -32.85 -2.01
CA GLU A 338 -21.78 -33.56 -2.78
C GLU A 338 -20.44 -32.81 -2.93
N GLY A 339 -20.40 -31.55 -2.50
CA GLY A 339 -19.18 -30.77 -2.57
C GLY A 339 -18.91 -30.20 -3.95
N LYS A 340 -19.98 -29.86 -4.67
CA LYS A 340 -19.86 -29.32 -6.01
C LYS A 340 -19.88 -27.80 -5.99
N ILE A 341 -20.35 -27.22 -4.89
CA ILE A 341 -20.36 -25.77 -4.73
C ILE A 341 -19.46 -25.38 -3.54
N HIS A 342 -18.30 -24.82 -3.85
CA HIS A 342 -17.30 -24.50 -2.83
C HIS A 342 -17.55 -23.15 -2.18
N PRO A 343 -17.08 -22.97 -0.93
CA PRO A 343 -17.22 -21.70 -0.23
C PRO A 343 -16.67 -20.51 -1.03
N TRP A 344 -15.67 -20.74 -1.88
CA TRP A 344 -15.07 -19.64 -2.64
C TRP A 344 -16.03 -19.08 -3.70
N ALA A 345 -16.90 -19.92 -4.24
CA ALA A 345 -17.82 -19.49 -5.28
C ALA A 345 -18.96 -18.72 -4.64
N MET A 346 -19.35 -19.14 -3.44
CA MET A 346 -20.34 -18.43 -2.67
C MET A 346 -19.83 -17.03 -2.33
N GLN A 347 -18.58 -16.95 -1.90
CA GLN A 347 -17.94 -15.68 -1.57
C GLN A 347 -17.84 -14.78 -2.80
N ALA A 348 -17.58 -15.40 -3.96
CA ALA A 348 -17.44 -14.66 -5.19
C ALA A 348 -18.79 -14.05 -5.61
N LYS A 349 -19.87 -14.81 -5.45
CA LYS A 349 -21.19 -14.32 -5.78
C LYS A 349 -21.60 -13.11 -4.94
N MET A 350 -21.41 -13.20 -3.62
CA MET A 350 -21.75 -12.10 -2.72
C MET A 350 -20.95 -10.84 -3.06
N LYS A 351 -19.70 -11.03 -3.48
CA LYS A 351 -18.84 -9.94 -3.90
C LYS A 351 -19.34 -9.38 -5.23
N ASP A 352 -19.80 -10.27 -6.11
CA ASP A 352 -20.17 -9.90 -7.47
C ASP A 352 -21.39 -8.98 -7.56
N ILE A 353 -22.34 -9.13 -6.63
CA ILE A 353 -23.57 -8.33 -6.68
C ILE A 353 -23.39 -6.89 -6.19
N VAL A 354 -22.17 -6.54 -5.79
CA VAL A 354 -21.90 -5.19 -5.31
C VAL A 354 -21.22 -4.37 -6.40
N ASN A 355 -21.79 -3.20 -6.69
CA ASN A 355 -21.27 -2.31 -7.74
C ASN A 355 -21.08 -3.05 -9.06
N SER A 356 -22.05 -3.88 -9.36
CA SER A 356 -21.98 -4.82 -10.46
C SER A 356 -22.24 -4.13 -11.79
N PRO A 357 -21.29 -4.26 -12.73
CA PRO A 357 -21.43 -3.71 -14.08
C PRO A 357 -22.73 -4.14 -14.77
N GLU A 358 -23.31 -5.26 -14.35
CA GLU A 358 -24.59 -5.69 -14.91
C GLU A 358 -25.73 -4.81 -14.43
N ASP A 359 -25.67 -4.36 -13.18
CA ASP A 359 -26.68 -3.43 -12.67
C ASP A 359 -26.66 -2.11 -13.43
N TYR A 360 -25.46 -1.64 -13.76
CA TYR A 360 -25.29 -0.40 -14.50
C TYR A 360 -25.84 -0.52 -15.91
N LYS A 361 -26.17 -1.74 -16.31
CA LYS A 361 -26.82 -1.97 -17.61
C LYS A 361 -28.35 -2.05 -17.49
N ARG A 362 -28.84 -2.11 -16.26
CA ARG A 362 -30.26 -2.37 -16.01
C ARG A 362 -31.15 -1.12 -15.93
N PHE A 363 -30.54 0.07 -15.87
CA PHE A 363 -31.36 1.28 -15.79
C PHE A 363 -30.98 2.37 -16.80
N TYR A 364 -31.87 3.35 -16.97
CA TYR A 364 -31.79 4.30 -18.07
C TYR A 364 -31.97 5.76 -17.63
N HIS A 365 -31.40 6.67 -18.42
CA HIS A 365 -31.65 8.09 -18.24
C HIS A 365 -32.57 8.56 -19.34
N ASN A 366 -33.50 9.44 -18.99
CA ASN A 366 -34.44 10.02 -19.95
C ASN A 366 -34.03 11.44 -20.33
N VAL A 367 -33.35 11.58 -21.46
CA VAL A 367 -32.86 12.88 -21.91
C VAL A 367 -33.73 13.44 -23.04
N ASN A 368 -34.61 14.37 -22.70
CA ASN A 368 -35.54 14.96 -23.67
C ASN A 368 -36.42 13.92 -24.34
N GLY A 369 -36.89 12.95 -23.57
CA GLY A 369 -37.74 11.90 -24.12
C GLY A 369 -36.97 10.66 -24.58
N LYS A 370 -35.67 10.82 -24.78
CA LYS A 370 -34.83 9.72 -25.27
C LYS A 370 -34.21 8.91 -24.12
N LYS A 371 -34.42 7.60 -24.16
CA LYS A 371 -33.84 6.70 -23.17
C LYS A 371 -32.40 6.35 -23.51
N ILE A 372 -31.50 6.58 -22.57
CA ILE A 372 -30.10 6.21 -22.73
C ILE A 372 -29.64 5.31 -21.58
N ARG A 373 -29.17 4.10 -21.93
CA ARG A 373 -28.75 3.10 -20.93
C ARG A 373 -27.61 3.63 -20.07
N HIS A 374 -27.74 3.48 -18.76
CA HIS A 374 -26.86 4.19 -17.85
C HIS A 374 -25.36 3.92 -18.02
N ASP A 375 -24.99 2.72 -18.47
CA ASP A 375 -23.58 2.41 -18.65
C ASP A 375 -22.96 3.31 -19.72
N LYS A 376 -23.75 3.73 -20.70
CA LYS A 376 -23.20 4.56 -21.77
C LYS A 376 -22.84 5.98 -21.30
N VAL A 377 -23.43 6.40 -20.19
CA VAL A 377 -23.22 7.75 -19.66
C VAL A 377 -22.84 7.70 -18.19
N HIS A 378 -22.24 6.58 -17.79
CA HIS A 378 -21.95 6.30 -16.39
C HIS A 378 -21.14 7.35 -15.65
N ASN A 379 -20.07 7.85 -16.27
CA ASN A 379 -19.17 8.77 -15.58
C ASN A 379 -19.74 10.18 -15.34
N LEU A 380 -21.00 10.38 -15.72
CA LEU A 380 -21.62 11.70 -15.66
C LEU A 380 -22.56 11.87 -14.46
N PHE A 381 -22.79 10.81 -13.72
CA PHE A 381 -23.82 10.83 -12.68
C PHE A 381 -23.53 11.77 -11.51
N GLY A 382 -22.38 11.58 -10.87
CA GLY A 382 -22.00 12.42 -9.74
C GLY A 382 -21.89 13.88 -10.16
N TYR A 383 -21.22 14.07 -11.30
CA TYR A 383 -21.08 15.34 -11.98
C TYR A 383 -22.42 16.09 -12.03
N ASN A 384 -23.47 15.43 -12.51
CA ASN A 384 -24.76 16.10 -12.64
C ASN A 384 -25.57 16.20 -11.35
N MET A 385 -25.29 15.33 -10.38
CA MET A 385 -25.86 15.50 -9.04
C MET A 385 -25.33 16.80 -8.40
N THR A 386 -24.05 17.06 -8.57
CA THR A 386 -23.43 18.24 -7.96
C THR A 386 -23.85 19.49 -8.73
N ARG A 387 -23.93 19.36 -10.05
CA ARG A 387 -24.44 20.39 -10.91
C ARG A 387 -25.86 20.78 -10.50
N ALA A 388 -26.67 19.76 -10.21
CA ALA A 388 -28.03 19.97 -9.75
C ALA A 388 -28.04 20.83 -8.50
N ALA A 389 -27.11 20.52 -7.59
CA ALA A 389 -27.01 21.28 -6.36
C ALA A 389 -26.53 22.72 -6.61
N GLY A 390 -25.50 22.85 -7.45
CA GLY A 390 -24.89 24.15 -7.72
C GLY A 390 -25.87 25.15 -8.35
N GLU A 391 -26.56 24.70 -9.40
CA GLU A 391 -27.52 25.55 -10.10
C GLU A 391 -28.64 25.98 -9.18
N ALA A 392 -28.99 25.14 -8.22
CA ALA A 392 -30.03 25.44 -7.25
C ALA A 392 -29.57 26.52 -6.29
N PHE A 393 -28.32 26.44 -5.85
CA PHE A 393 -27.74 27.48 -4.99
C PHE A 393 -27.88 28.86 -5.68
N GLU A 394 -27.60 28.88 -6.98
CA GLU A 394 -27.69 30.11 -7.76
C GLU A 394 -29.12 30.66 -7.80
N ARG A 395 -30.11 29.78 -7.82
CA ARG A 395 -31.51 30.19 -7.77
C ARG A 395 -31.88 30.61 -6.36
N ILE A 396 -31.48 29.80 -5.40
CA ILE A 396 -31.88 29.99 -4.01
C ILE A 396 -31.29 31.25 -3.39
N ASP A 397 -30.00 31.51 -3.66
CA ASP A 397 -29.33 32.70 -3.15
C ASP A 397 -28.13 33.08 -4.04
N PRO A 398 -28.41 33.80 -5.13
CA PRO A 398 -27.41 34.09 -6.17
C PRO A 398 -26.14 34.83 -5.70
N GLU A 399 -26.23 35.61 -4.62
CA GLU A 399 -25.09 36.42 -4.18
C GLU A 399 -24.09 35.65 -3.36
N LYS A 400 -24.52 34.49 -2.85
CA LYS A 400 -23.77 33.79 -1.80
C LYS A 400 -23.02 32.55 -2.27
N ARG A 401 -21.79 32.38 -1.77
CA ARG A 401 -20.98 31.17 -2.02
C ARG A 401 -21.32 30.08 -1.01
N PHE A 402 -21.51 28.85 -1.49
CA PHE A 402 -21.77 27.71 -0.62
C PHE A 402 -20.61 26.72 -0.66
N LEU A 403 -20.29 26.12 0.48
CA LEU A 403 -19.35 25.01 0.47
C LEU A 403 -20.01 23.78 -0.17
N MET A 404 -19.33 23.20 -1.15
CA MET A 404 -19.89 22.08 -1.90
C MET A 404 -18.76 21.23 -2.48
N PHE A 405 -18.77 19.94 -2.15
CA PHE A 405 -17.83 19.02 -2.80
C PHE A 405 -18.44 17.63 -2.87
N SER A 406 -17.85 16.81 -3.74
CA SER A 406 -18.47 15.59 -4.22
C SER A 406 -17.44 14.47 -4.21
N ARG A 407 -17.89 13.23 -4.37
CA ARG A 407 -16.95 12.12 -4.45
C ARG A 407 -16.68 11.78 -5.91
N SER A 408 -17.72 11.36 -6.63
CA SER A 408 -17.62 11.07 -8.05
C SER A 408 -17.72 12.36 -8.85
N SER A 409 -16.97 12.43 -9.95
CA SER A 409 -16.89 13.64 -10.76
C SER A 409 -16.40 13.38 -12.18
N TYR A 410 -16.67 14.33 -13.06
CA TYR A 410 -16.20 14.30 -14.44
C TYR A 410 -15.86 15.74 -14.75
N ILE A 411 -14.98 15.97 -15.70
CA ILE A 411 -14.59 17.33 -16.04
C ILE A 411 -15.79 18.18 -16.51
N GLY A 412 -15.97 19.34 -15.88
CA GLY A 412 -17.20 20.11 -16.03
C GLY A 412 -17.82 20.38 -14.67
N MET A 413 -17.75 19.39 -13.77
CA MET A 413 -18.27 19.52 -12.42
C MET A 413 -17.41 20.48 -11.62
N HIS A 414 -16.19 20.68 -12.08
CA HIS A 414 -15.25 21.55 -11.40
C HIS A 414 -15.79 22.99 -11.36
N ARG A 415 -16.84 23.27 -12.14
CA ARG A 415 -17.46 24.60 -12.11
C ARG A 415 -18.42 24.76 -10.93
N TYR A 416 -18.96 23.65 -10.44
CA TYR A 416 -20.01 23.72 -9.43
C TYR A 416 -19.60 23.28 -8.02
N GLY A 417 -18.55 22.47 -7.91
CA GLY A 417 -18.10 22.01 -6.61
C GLY A 417 -16.69 21.45 -6.64
N GLY A 418 -16.12 21.20 -5.47
CA GLY A 418 -14.82 20.57 -5.36
C GLY A 418 -14.97 19.06 -5.18
N ILE A 419 -13.89 18.38 -4.85
CA ILE A 419 -13.96 16.96 -4.53
C ILE A 419 -13.05 16.65 -3.34
N TRP A 420 -13.38 15.56 -2.66
CA TRP A 420 -12.47 15.01 -1.67
C TRP A 420 -12.07 13.65 -2.20
N MET A 421 -10.86 13.19 -1.85
CA MET A 421 -10.29 11.99 -2.50
C MET A 421 -10.83 10.66 -1.98
N GLY A 422 -12.00 10.69 -1.36
CA GLY A 422 -12.71 9.46 -1.06
C GLY A 422 -12.14 8.69 0.12
N ASP A 423 -12.34 7.37 0.12
CA ASP A 423 -11.97 6.53 1.23
C ASP A 423 -10.51 6.06 1.18
N ASN A 424 -9.60 6.90 1.67
CA ASN A 424 -8.21 6.50 1.81
C ASN A 424 -8.03 5.70 3.11
N LYS A 425 -6.78 5.42 3.47
CA LYS A 425 -6.49 4.60 4.63
C LYS A 425 -5.49 5.32 5.52
N SER A 426 -5.50 5.00 6.81
CA SER A 426 -4.47 5.49 7.70
C SER A 426 -3.16 4.74 7.40
N TRP A 427 -2.61 5.03 6.21
CA TRP A 427 -1.37 4.45 5.72
C TRP A 427 -0.45 5.61 5.41
N TRP A 428 0.85 5.44 5.65
CA TRP A 428 1.81 6.51 5.38
C TRP A 428 1.92 6.76 3.88
N SER A 429 1.83 5.69 3.09
CA SER A 429 1.85 5.82 1.63
C SER A 429 0.71 6.67 1.08
N HIS A 430 -0.36 6.84 1.86
CA HIS A 430 -1.47 7.68 1.38
C HIS A 430 -1.27 9.19 1.57
N ILE A 431 -0.25 9.57 2.35
CA ILE A 431 0.13 10.98 2.41
C ILE A 431 0.72 11.36 1.07
N LEU A 432 1.55 10.48 0.52
CA LEU A 432 2.19 10.72 -0.77
C LEU A 432 1.15 10.72 -1.89
N LEU A 433 0.15 9.85 -1.75
CA LEU A 433 -0.93 9.78 -2.72
C LEU A 433 -1.77 11.07 -2.72
N ASN A 434 -2.09 11.56 -1.54
CA ASN A 434 -2.80 12.84 -1.38
C ASN A 434 -1.98 13.94 -2.05
N LEU A 435 -0.66 13.87 -1.89
CA LEU A 435 0.23 14.88 -2.46
C LEU A 435 0.17 14.87 -3.99
N LYS A 436 0.47 13.72 -4.57
CA LYS A 436 0.57 13.57 -6.02
C LYS A 436 -0.73 13.85 -6.80
N MET A 437 -1.88 13.56 -6.20
CA MET A 437 -3.15 13.82 -6.89
C MET A 437 -3.39 15.32 -7.09
N LEU A 438 -2.86 16.16 -6.21
CA LEU A 438 -3.16 17.59 -6.21
C LEU A 438 -2.93 18.32 -7.54
N PRO A 439 -1.69 18.28 -8.08
CA PRO A 439 -1.49 19.08 -9.30
C PRO A 439 -2.32 18.56 -10.46
N SER A 440 -2.45 17.25 -10.56
CA SER A 440 -3.27 16.62 -11.59
C SER A 440 -4.72 17.10 -11.54
N LEU A 441 -5.29 17.14 -10.36
CA LEU A 441 -6.65 17.64 -10.19
C LEU A 441 -6.72 19.11 -10.61
N ASN A 442 -5.66 19.85 -10.31
CA ASN A 442 -5.58 21.26 -10.70
C ASN A 442 -5.62 21.43 -12.22
N MET A 443 -4.94 20.53 -12.94
CA MET A 443 -4.88 20.61 -14.40
C MET A 443 -6.25 20.36 -14.99
N CYS A 444 -7.14 19.76 -14.20
CA CYS A 444 -8.47 19.41 -14.68
C CYS A 444 -9.57 20.34 -14.15
N GLY A 445 -9.19 21.43 -13.51
CA GLY A 445 -10.16 22.39 -13.01
C GLY A 445 -10.51 22.26 -11.53
N PHE A 446 -10.15 21.14 -10.92
CA PHE A 446 -10.54 20.86 -9.54
C PHE A 446 -9.52 21.36 -8.54
N MET A 447 -9.74 22.56 -8.01
CA MET A 447 -8.73 23.14 -7.14
C MET A 447 -9.12 23.01 -5.67
N TYR A 448 -10.42 23.04 -5.38
CA TYR A 448 -10.83 22.81 -4.01
C TYR A 448 -10.85 21.30 -3.74
N THR A 449 -9.73 20.75 -3.28
CA THR A 449 -9.62 19.32 -2.99
C THR A 449 -8.75 19.07 -1.77
N GLY A 450 -8.90 17.88 -1.20
CA GLY A 450 -8.06 17.39 -0.12
C GLY A 450 -8.43 15.94 0.18
N ALA A 451 -7.69 15.31 1.10
CA ALA A 451 -7.89 13.91 1.48
C ALA A 451 -8.32 13.81 2.93
N ASP A 452 -8.92 12.68 3.31
CA ASP A 452 -9.24 12.44 4.72
C ASP A 452 -7.96 12.37 5.55
N LEU A 453 -7.76 13.37 6.39
CA LEU A 453 -6.51 13.54 7.12
C LEU A 453 -6.49 12.64 8.34
N GLY A 454 -5.40 11.89 8.48
CA GLY A 454 -5.32 10.83 9.45
C GLY A 454 -5.64 9.51 8.81
N GLY A 455 -6.18 9.57 7.59
CA GLY A 455 -6.64 8.38 6.89
C GLY A 455 -8.04 8.01 7.34
N PHE A 456 -8.89 7.66 6.37
CA PHE A 456 -10.27 7.31 6.64
C PHE A 456 -10.40 5.91 7.24
N GLY A 457 -10.05 4.88 6.46
CA GLY A 457 -10.10 3.52 6.95
C GLY A 457 -8.93 3.17 7.87
N ASP A 458 -9.13 2.16 8.71
CA ASP A 458 -8.10 1.61 9.61
C ASP A 458 -7.77 2.50 10.82
N ASP A 459 -6.87 2.02 11.68
CA ASP A 459 -6.51 2.77 12.89
C ASP A 459 -5.27 3.63 12.64
N THR A 460 -5.39 4.91 12.94
CA THR A 460 -4.32 5.89 12.73
C THR A 460 -3.47 5.95 13.98
N THR A 461 -2.27 6.50 13.87
CA THR A 461 -1.46 6.74 15.07
C THR A 461 -1.23 8.24 15.23
N ARG A 462 -0.82 8.64 16.44
CA ARG A 462 -0.58 10.05 16.74
C ARG A 462 0.35 10.71 15.72
N ASP A 463 1.44 10.03 15.39
CA ASP A 463 2.41 10.59 14.45
C ASP A 463 1.91 10.64 13.01
N LEU A 464 1.19 9.61 12.58
CA LEU A 464 0.65 9.61 11.21
C LEU A 464 -0.31 10.79 11.03
N LEU A 465 -1.16 11.03 12.03
CA LEU A 465 -2.14 12.11 11.94
C LEU A 465 -1.45 13.48 11.82
N LEU A 466 -0.45 13.69 12.68
CA LEU A 466 0.32 14.93 12.64
C LEU A 466 1.00 15.18 11.28
N ARG A 467 1.54 14.12 10.66
CA ARG A 467 2.16 14.34 9.35
C ARG A 467 1.11 14.61 8.29
N PHE A 468 -0.03 13.92 8.37
CA PHE A 468 -1.14 14.19 7.46
C PHE A 468 -1.57 15.64 7.58
N LEU A 469 -1.82 16.07 8.81
CA LEU A 469 -2.24 17.44 9.11
C LEU A 469 -1.27 18.47 8.53
N ALA A 470 0.02 18.15 8.54
CA ALA A 470 1.04 19.08 8.05
C ALA A 470 1.00 19.19 6.53
N LEU A 471 0.44 18.20 5.86
CA LEU A 471 0.21 18.33 4.43
C LEU A 471 -1.10 19.07 4.23
N GLY A 472 -2.11 18.68 5.00
CA GLY A 472 -3.42 19.30 4.98
C GLY A 472 -3.40 20.81 5.11
N VAL A 473 -2.42 21.33 5.86
CA VAL A 473 -2.18 22.77 5.98
C VAL A 473 -2.28 23.52 4.64
N PHE A 474 -1.78 22.90 3.58
CA PHE A 474 -1.69 23.56 2.28
C PHE A 474 -2.81 23.18 1.29
N THR A 475 -3.63 22.19 1.64
CA THR A 475 -4.68 21.73 0.73
C THR A 475 -5.99 22.47 1.03
N PRO A 476 -6.63 23.06 0.01
CA PRO A 476 -7.78 23.95 0.28
C PRO A 476 -8.84 23.29 1.18
N LEU A 477 -9.21 22.06 0.87
CA LEU A 477 -9.99 21.26 1.81
C LEU A 477 -9.04 20.62 2.85
N MET A 478 -9.26 20.92 4.12
CA MET A 478 -8.44 20.41 5.22
C MET A 478 -9.37 19.84 6.25
N ARG A 479 -9.63 18.54 6.14
CA ARG A 479 -10.62 17.89 6.96
C ARG A 479 -10.08 16.56 7.50
N ASP A 480 -10.27 16.34 8.81
CA ASP A 480 -9.99 15.07 9.49
C ASP A 480 -11.26 14.24 9.44
N HIS A 481 -11.21 13.09 8.77
CA HIS A 481 -12.38 12.21 8.66
C HIS A 481 -11.98 10.76 8.97
N ALA A 482 -12.89 10.01 9.60
CA ALA A 482 -12.59 8.63 10.02
C ALA A 482 -13.77 7.67 9.77
N ALA A 483 -13.46 6.41 9.49
CA ALA A 483 -14.49 5.41 9.27
C ALA A 483 -15.07 4.89 10.59
N GLU A 484 -16.16 4.14 10.49
CA GLU A 484 -16.87 3.63 11.65
C GLU A 484 -16.04 2.57 12.35
N GLY A 485 -16.03 2.61 13.68
CA GLY A 485 -15.35 1.61 14.47
C GLY A 485 -13.85 1.82 14.61
N THR A 486 -13.32 2.79 13.88
CA THR A 486 -11.88 3.05 13.93
C THR A 486 -11.47 3.74 15.24
N ARG A 487 -10.18 3.72 15.53
CA ARG A 487 -9.65 4.49 16.65
C ARG A 487 -10.05 5.96 16.47
N GLU A 488 -10.38 6.62 17.56
CA GLU A 488 -10.83 8.01 17.48
C GLU A 488 -9.74 8.95 16.97
N GLN A 489 -10.06 9.72 15.95
CA GLN A 489 -9.07 10.53 15.24
C GLN A 489 -9.12 12.04 15.54
N GLU A 490 -10.01 12.46 16.44
CA GLU A 490 -10.06 13.87 16.83
C GLU A 490 -8.74 14.26 17.51
N CYS A 491 -8.31 15.50 17.31
CA CYS A 491 -7.02 15.97 17.80
C CYS A 491 -6.89 15.94 19.31
N TYR A 492 -8.02 15.87 20.01
CA TYR A 492 -8.01 15.89 21.47
C TYR A 492 -7.98 14.48 22.08
N GLN A 493 -7.81 13.47 21.23
CA GLN A 493 -7.77 12.08 21.68
C GLN A 493 -6.35 11.57 21.78
N PHE A 494 -5.40 12.50 21.84
CA PHE A 494 -3.99 12.11 21.89
C PHE A 494 -3.25 12.86 22.99
N GLU A 495 -2.09 12.33 23.39
CA GLU A 495 -1.31 12.98 24.43
C GLU A 495 -0.52 14.16 23.85
N ASN A 496 -0.24 15.14 24.70
CA ASN A 496 0.45 16.38 24.31
C ASN A 496 -0.29 17.12 23.18
N ILE A 497 -1.50 17.56 23.50
CA ILE A 497 -2.39 18.21 22.53
C ILE A 497 -1.78 19.47 21.91
N GLU A 498 -0.83 20.08 22.60
CA GLU A 498 -0.21 21.32 22.08
C GLU A 498 0.46 21.11 20.71
N ASP A 499 0.95 19.91 20.43
CA ASP A 499 1.51 19.66 19.10
C ASP A 499 0.49 19.79 17.96
N PHE A 500 -0.75 19.38 18.21
CA PHE A 500 -1.81 19.51 17.23
C PHE A 500 -2.23 20.98 17.05
N ARG A 501 -2.28 21.71 18.16
CA ARG A 501 -2.58 23.13 18.14
C ARG A 501 -1.54 23.89 17.30
N SER A 502 -0.27 23.50 17.42
CA SER A 502 0.79 24.12 16.65
C SER A 502 0.65 23.90 15.15
N VAL A 503 0.37 22.67 14.73
CA VAL A 503 0.23 22.40 13.30
C VAL A 503 -1.01 23.08 12.70
N ILE A 504 -2.12 23.07 13.43
CA ILE A 504 -3.32 23.71 12.93
C ILE A 504 -3.21 25.24 12.98
N ASN A 505 -2.45 25.77 13.94
CA ASN A 505 -2.17 27.21 13.99
C ASN A 505 -1.42 27.64 12.75
N ALA A 506 -0.51 26.78 12.29
CA ALA A 506 0.22 27.01 11.05
C ALA A 506 -0.75 27.28 9.90
N ARG A 507 -1.76 26.41 9.77
CA ARG A 507 -2.81 26.59 8.78
C ARG A 507 -3.46 27.98 8.86
N TYR A 508 -3.91 28.34 10.06
CA TYR A 508 -4.64 29.58 10.24
C TYR A 508 -3.78 30.82 9.97
N ARG A 509 -2.51 30.77 10.37
CA ARG A 509 -1.57 31.83 10.07
C ARG A 509 -1.38 32.00 8.56
N LEU A 510 -1.58 30.92 7.81
CA LEU A 510 -1.40 30.95 6.35
C LEU A 510 -2.67 31.21 5.57
N VAL A 511 -3.81 31.20 6.26
CA VAL A 511 -5.07 31.32 5.55
C VAL A 511 -5.16 32.53 4.61
N PRO A 512 -4.71 33.72 5.08
CA PRO A 512 -4.82 34.86 4.16
C PRO A 512 -3.99 34.63 2.90
N TYR A 513 -2.78 34.09 3.05
CA TYR A 513 -1.95 33.82 1.88
C TYR A 513 -2.53 32.69 1.03
N LEU A 514 -2.99 31.62 1.68
CA LEU A 514 -3.57 30.50 0.93
C LEU A 514 -4.88 30.92 0.22
N TYR A 515 -5.78 31.60 0.93
CA TYR A 515 -7.01 32.08 0.30
C TYR A 515 -6.67 32.97 -0.89
N SER A 516 -5.70 33.85 -0.68
CA SER A 516 -5.21 34.75 -1.71
C SER A 516 -4.86 34.03 -3.02
N GLU A 517 -3.92 33.09 -2.95
CA GLU A 517 -3.45 32.40 -4.14
C GLU A 517 -4.54 31.60 -4.83
N TYR A 518 -5.46 31.04 -4.04
CA TYR A 518 -6.58 30.29 -4.60
C TYR A 518 -7.45 31.22 -5.47
N MET A 519 -7.83 32.37 -4.94
CA MET A 519 -8.69 33.30 -5.68
C MET A 519 -8.02 33.77 -6.96
N LYS A 520 -6.74 34.13 -6.86
CA LYS A 520 -6.03 34.61 -8.04
C LYS A 520 -5.98 33.54 -9.12
N ALA A 521 -5.72 32.30 -8.73
CA ALA A 521 -5.61 31.19 -9.68
C ALA A 521 -6.97 30.85 -10.28
N ALA A 522 -8.00 30.88 -9.46
CA ALA A 522 -9.35 30.60 -9.95
C ALA A 522 -9.86 31.71 -10.87
N LEU A 523 -9.54 32.97 -10.57
CA LEU A 523 -10.07 34.07 -11.38
C LEU A 523 -9.25 34.23 -12.65
N ASN A 524 -8.13 33.51 -12.75
CA ASN A 524 -7.26 33.67 -13.91
C ASN A 524 -7.03 32.36 -14.66
N ASP A 525 -7.88 31.39 -14.38
CA ASP A 525 -7.77 30.04 -14.95
C ASP A 525 -6.35 29.46 -14.79
N ASP A 526 -5.76 29.66 -13.61
CA ASP A 526 -4.39 29.22 -13.36
C ASP A 526 -4.39 28.11 -12.30
N MET A 527 -3.21 27.58 -12.00
CA MET A 527 -3.11 26.45 -11.09
C MET A 527 -2.70 26.89 -9.70
N TYR A 528 -3.30 26.28 -8.69
CA TYR A 528 -2.95 26.56 -7.30
C TYR A 528 -1.71 25.74 -6.90
N PHE A 529 -1.73 24.43 -7.16
CA PHE A 529 -0.51 23.61 -7.06
C PHE A 529 0.05 23.34 -8.46
N LYS A 530 1.37 23.38 -8.61
CA LYS A 530 2.02 23.02 -9.87
C LYS A 530 3.16 22.01 -9.67
N PRO A 531 3.34 21.06 -10.60
CA PRO A 531 4.55 20.25 -10.46
C PRO A 531 5.77 21.09 -10.78
N LEU A 532 6.92 20.74 -10.19
CA LEU A 532 8.13 21.53 -10.35
C LEU A 532 8.51 21.78 -11.81
N GLY A 533 8.17 20.83 -12.68
CA GLY A 533 8.49 20.95 -14.09
C GLY A 533 7.73 22.08 -14.79
N PHE A 534 6.59 22.46 -14.23
CA PHE A 534 5.81 23.56 -14.80
C PHE A 534 6.49 24.91 -14.57
N VAL A 535 7.19 25.02 -13.45
CA VAL A 535 7.81 26.27 -13.02
C VAL A 535 9.29 26.30 -13.42
N TYR A 536 9.90 25.13 -13.56
CA TYR A 536 11.32 25.06 -13.92
C TYR A 536 11.56 24.17 -15.12
N PRO A 537 11.02 24.56 -16.27
CA PRO A 537 11.00 23.66 -17.44
C PRO A 537 12.38 23.27 -17.96
N ASP A 538 13.39 24.11 -17.78
CA ASP A 538 14.70 23.86 -18.37
C ASP A 538 15.63 23.04 -17.49
N ASP A 539 15.12 22.61 -16.34
CA ASP A 539 15.90 21.89 -15.34
C ASP A 539 15.53 20.41 -15.36
N LYS A 540 16.43 19.58 -15.87
CA LYS A 540 16.13 18.16 -16.05
C LYS A 540 15.88 17.40 -14.74
N MET A 541 16.50 17.86 -13.66
CA MET A 541 16.25 17.26 -12.35
C MET A 541 14.90 17.69 -11.79
N ALA A 542 14.55 18.96 -12.00
CA ALA A 542 13.31 19.49 -11.42
C ALA A 542 12.08 18.80 -11.99
N ILE A 543 12.11 18.50 -13.28
CA ILE A 543 10.93 18.00 -13.97
C ILE A 543 10.53 16.57 -13.59
N ARG A 544 11.36 15.89 -12.80
CA ARG A 544 11.06 14.53 -12.39
C ARG A 544 10.78 14.41 -10.89
N VAL A 545 10.92 15.52 -10.17
CA VAL A 545 10.55 15.55 -8.76
C VAL A 545 9.04 15.32 -8.61
N GLU A 546 8.68 14.33 -7.80
CA GLU A 546 7.28 13.95 -7.66
C GLU A 546 6.74 14.06 -6.24
N ASP A 547 7.59 14.37 -5.28
CA ASP A 547 7.15 14.46 -3.89
C ASP A 547 7.34 15.86 -3.32
N GLN A 548 7.44 16.85 -4.20
CA GLN A 548 7.42 18.27 -3.86
C GLN A 548 6.48 18.95 -4.83
N LEU A 549 5.83 20.03 -4.40
CA LEU A 549 4.93 20.81 -5.26
C LEU A 549 5.15 22.32 -5.12
N MET A 550 4.98 23.06 -6.22
CA MET A 550 4.98 24.52 -6.16
C MET A 550 3.56 25.00 -5.86
N LEU A 551 3.42 26.05 -5.04
CA LEU A 551 2.10 26.60 -4.73
C LEU A 551 2.08 28.08 -5.12
N GLY A 552 1.22 28.42 -6.07
CA GLY A 552 1.16 29.78 -6.57
C GLY A 552 2.50 30.15 -7.18
N ASN A 553 2.98 31.36 -6.88
CA ASN A 553 4.26 31.83 -7.39
C ASN A 553 5.28 32.19 -6.33
N GLU A 554 5.05 31.76 -5.10
CA GLU A 554 5.88 32.19 -3.98
C GLU A 554 6.61 31.05 -3.26
N ILE A 555 5.97 29.89 -3.17
CA ILE A 555 6.46 28.84 -2.31
C ILE A 555 6.46 27.44 -2.92
N MET A 556 7.17 26.54 -2.25
CA MET A 556 7.24 25.12 -2.58
C MET A 556 7.02 24.33 -1.28
N ILE A 557 6.28 23.23 -1.36
CA ILE A 557 6.05 22.41 -0.18
C ILE A 557 6.74 21.04 -0.30
N ALA A 558 7.13 20.48 0.84
CA ALA A 558 7.79 19.18 0.86
C ALA A 558 7.44 18.49 2.15
N PRO A 559 6.28 17.83 2.20
CA PRO A 559 5.86 17.24 3.46
C PRO A 559 6.62 15.94 3.72
N VAL A 560 6.73 15.57 5.00
CA VAL A 560 7.34 14.33 5.43
C VAL A 560 6.29 13.20 5.40
N TYR A 561 6.61 12.09 4.74
CA TYR A 561 5.64 11.03 4.56
C TYR A 561 6.16 9.63 4.97
N GLU A 562 7.34 9.60 5.57
CA GLU A 562 7.94 8.37 6.11
C GLU A 562 7.76 8.34 7.62
N GLN A 563 7.36 7.19 8.15
CA GLN A 563 7.21 7.00 9.59
C GLN A 563 8.57 7.02 10.30
N ASN A 564 8.62 7.67 11.46
CA ASN A 564 9.84 7.77 12.29
C ASN A 564 10.92 8.71 11.72
N ALA A 565 10.68 9.24 10.53
CA ALA A 565 11.60 10.22 9.94
C ALA A 565 11.68 11.48 10.79
N ARG A 566 12.85 12.11 10.80
CA ARG A 566 13.01 13.40 11.47
C ARG A 566 13.39 14.45 10.43
N GLY A 567 13.11 14.13 9.17
CA GLY A 567 13.44 15.01 8.06
C GLY A 567 13.26 14.27 6.75
N ARG A 568 13.69 14.91 5.66
CA ARG A 568 13.60 14.32 4.33
C ARG A 568 14.56 14.97 3.34
N TYR A 569 14.82 14.31 2.23
CA TYR A 569 15.61 14.92 1.17
C TYR A 569 14.70 15.84 0.36
N VAL A 570 15.22 17.00 -0.07
CA VAL A 570 14.54 17.86 -1.03
C VAL A 570 15.51 18.28 -2.13
N TYR A 571 14.96 18.72 -3.26
CA TYR A 571 15.78 19.34 -4.28
C TYR A 571 15.26 20.75 -4.58
N LEU A 572 16.14 21.76 -4.44
CA LEU A 572 15.75 23.16 -4.70
C LEU A 572 16.30 23.62 -6.06
N PRO A 573 15.41 23.89 -7.02
CA PRO A 573 15.81 24.31 -8.37
C PRO A 573 16.34 25.73 -8.42
N GLU A 574 16.31 26.42 -7.28
CA GLU A 574 16.86 27.77 -7.13
C GLU A 574 17.04 28.06 -5.64
N GLU A 575 17.73 29.14 -5.30
CA GLU A 575 17.87 29.52 -3.89
C GLU A 575 16.50 29.76 -3.27
N MET A 576 16.28 29.23 -2.07
CA MET A 576 15.05 29.48 -1.35
C MET A 576 15.32 29.67 0.14
N LYS A 577 14.34 30.20 0.87
CA LYS A 577 14.43 30.27 2.33
C LYS A 577 13.63 29.14 2.96
N PHE A 578 14.32 28.21 3.62
CA PHE A 578 13.66 27.10 4.32
C PHE A 578 12.99 27.65 5.57
N ILE A 579 11.68 27.45 5.65
CA ILE A 579 10.87 28.06 6.68
C ILE A 579 10.18 26.97 7.48
N LYS A 580 10.15 27.09 8.80
CA LYS A 580 9.39 26.14 9.60
C LYS A 580 8.57 26.85 10.65
N PHE A 581 7.27 26.55 10.68
CA PHE A 581 6.42 27.00 11.78
C PHE A 581 6.70 26.17 13.03
N MET A 582 7.38 26.79 13.99
CA MET A 582 7.88 26.10 15.18
C MET A 582 6.79 26.00 16.26
N PRO A 583 6.91 25.00 17.15
CA PRO A 583 5.79 24.72 18.05
C PRO A 583 5.67 25.72 19.19
N ASP A 584 6.66 26.59 19.35
CA ASP A 584 6.60 27.65 20.35
C ASP A 584 5.90 28.89 19.79
N GLY A 585 5.61 28.87 18.49
CA GLY A 585 4.98 30.01 17.84
C GLY A 585 5.92 30.83 16.99
N SER A 586 7.22 30.56 17.08
CA SER A 586 8.21 31.29 16.29
C SER A 586 8.25 30.75 14.85
N ILE A 587 8.99 31.43 13.99
CA ILE A 587 9.17 30.97 12.61
C ILE A 587 10.66 30.92 12.24
N SER A 588 11.19 29.71 12.01
CA SER A 588 12.61 29.59 11.71
C SER A 588 12.91 29.81 10.23
N GLU A 589 14.03 30.45 9.95
CA GLU A 589 14.42 30.78 8.60
C GLU A 589 15.88 30.41 8.33
N GLU A 590 16.11 29.74 7.21
CA GLU A 590 17.47 29.44 6.78
C GLU A 590 17.53 29.55 5.27
N VAL A 591 18.56 30.22 4.75
CA VAL A 591 18.76 30.26 3.30
C VAL A 591 19.49 29.01 2.79
N LEU A 592 18.83 28.27 1.92
CA LEU A 592 19.46 27.10 1.27
C LEU A 592 19.62 27.38 -0.21
N GLU A 593 20.78 27.04 -0.75
CA GLU A 593 21.07 27.31 -2.16
C GLU A 593 20.48 26.25 -3.09
N LYS A 594 20.61 26.48 -4.39
CA LYS A 594 20.16 25.51 -5.39
C LYS A 594 20.84 24.14 -5.21
N GLY A 595 20.07 23.07 -5.34
CA GLY A 595 20.64 21.74 -5.30
C GLY A 595 20.00 20.84 -4.28
N VAL A 596 20.67 19.71 -4.02
CA VAL A 596 20.16 18.68 -3.12
C VAL A 596 20.45 19.04 -1.67
N HIS A 597 19.50 18.77 -0.80
CA HIS A 597 19.66 19.00 0.64
C HIS A 597 18.89 17.98 1.44
N TYR A 598 19.34 17.76 2.68
CA TYR A 598 18.52 17.06 3.65
C TYR A 598 18.11 18.08 4.70
N VAL A 599 16.82 18.12 5.01
CA VAL A 599 16.30 19.11 5.95
C VAL A 599 15.65 18.45 7.16
N ASP A 600 15.86 19.01 8.34
CA ASP A 600 15.25 18.44 9.53
C ASP A 600 13.87 19.03 9.79
N VAL A 601 12.90 18.14 9.92
CA VAL A 601 11.52 18.53 10.18
C VAL A 601 10.97 17.60 11.25
N ALA A 602 10.76 18.13 12.44
CA ALA A 602 10.27 17.29 13.53
C ALA A 602 8.76 17.13 13.38
N LEU A 603 8.18 16.28 14.21
CA LEU A 603 6.76 15.92 14.12
C LEU A 603 5.84 17.12 14.27
N ASN A 604 6.21 18.02 15.18
CA ASN A 604 5.37 19.17 15.48
C ASN A 604 5.84 20.43 14.76
N GLU A 605 6.40 20.28 13.56
CA GLU A 605 6.94 21.40 12.79
C GLU A 605 6.38 21.36 11.35
N VAL A 606 5.95 22.51 10.85
CA VAL A 606 5.39 22.60 9.51
C VAL A 606 6.34 23.35 8.58
N PRO A 607 6.87 22.65 7.56
CA PRO A 607 7.90 23.21 6.67
C PRO A 607 7.35 23.79 5.35
N LEU A 608 8.03 24.82 4.84
CA LEU A 608 7.81 25.29 3.48
C LEU A 608 9.07 26.00 3.00
N PHE A 609 9.15 26.29 1.72
CA PHE A 609 10.28 27.06 1.18
C PHE A 609 9.75 28.33 0.52
N ILE A 610 10.46 29.45 0.70
CA ILE A 610 10.10 30.68 -0.01
C ILE A 610 11.10 30.99 -1.12
N ARG A 611 10.57 31.13 -2.34
CA ARG A 611 11.39 31.29 -3.53
C ARG A 611 12.18 32.57 -3.50
N SER A 612 13.36 32.53 -4.12
CA SER A 612 14.17 33.73 -4.34
C SER A 612 13.32 34.81 -4.99
N GLY A 613 13.47 36.03 -4.49
CA GLY A 613 12.73 37.17 -5.03
C GLY A 613 11.26 37.20 -4.66
N LYS A 614 10.84 36.36 -3.72
CA LYS A 614 9.45 36.35 -3.29
C LYS A 614 9.29 36.48 -1.78
N CYS A 615 8.09 36.83 -1.35
CA CYS A 615 7.74 36.85 0.07
C CYS A 615 6.26 36.55 0.26
N ILE A 616 5.89 36.17 1.47
CA ILE A 616 4.49 35.87 1.80
C ILE A 616 4.08 36.50 3.12
N PRO A 617 2.80 36.87 3.23
CA PRO A 617 2.29 37.39 4.51
C PRO A 617 1.87 36.26 5.44
N VAL A 618 2.09 36.45 6.73
CA VAL A 618 1.69 35.47 7.72
C VAL A 618 0.98 36.19 8.84
N ALA A 619 -0.24 35.79 9.14
CA ALA A 619 -0.97 36.39 10.23
C ALA A 619 -0.55 35.78 11.56
N GLU A 620 -0.91 36.44 12.66
CA GLU A 620 -0.81 35.82 13.96
C GLU A 620 -1.88 34.73 14.01
N ALA A 621 -1.68 33.73 14.85
CA ALA A 621 -2.57 32.58 14.89
C ALA A 621 -3.93 32.94 15.45
N ALA A 622 -5.01 32.49 14.81
CA ALA A 622 -6.35 32.71 15.32
C ALA A 622 -7.18 31.43 15.29
N GLU A 623 -8.23 31.38 16.12
CA GLU A 623 -8.98 30.14 16.36
C GLU A 623 -10.13 29.84 15.37
N CYS A 624 -10.45 30.82 14.53
CA CYS A 624 -11.41 30.62 13.48
C CYS A 624 -11.13 31.66 12.39
N VAL A 625 -11.68 31.43 11.21
CA VAL A 625 -11.37 32.27 10.05
C VAL A 625 -11.78 33.74 10.26
N LYS A 626 -13.00 33.95 10.73
CA LYS A 626 -13.51 35.29 11.04
C LYS A 626 -12.54 36.14 11.88
N ASP A 627 -11.81 35.49 12.79
CA ASP A 627 -10.97 36.23 13.73
C ASP A 627 -9.53 36.41 13.29
N ILE A 628 -9.18 35.99 12.08
CA ILE A 628 -7.80 36.16 11.63
C ILE A 628 -7.52 37.64 11.38
N ASP A 629 -6.44 38.17 11.95
CA ASP A 629 -6.12 39.59 11.82
C ASP A 629 -5.26 39.83 10.57
N THR A 630 -5.87 40.42 9.56
CA THR A 630 -5.18 40.61 8.30
C THR A 630 -4.64 42.02 8.10
N GLU A 631 -4.76 42.89 9.11
CA GLU A 631 -4.35 44.29 8.95
C GLU A 631 -2.85 44.47 8.78
N ASN A 632 -2.09 44.36 9.86
CA ASN A 632 -0.65 44.47 9.78
C ASN A 632 0.05 43.10 9.91
N MET A 633 -0.03 42.30 8.86
CA MET A 633 0.60 40.98 8.85
C MET A 633 2.13 41.02 8.70
N GLN A 634 2.80 40.04 9.27
CA GLN A 634 4.23 39.89 9.12
C GLN A 634 4.57 39.44 7.70
N LEU A 635 5.69 39.91 7.15
CA LEU A 635 6.14 39.44 5.83
C LEU A 635 7.43 38.63 5.93
N ILE A 636 7.38 37.39 5.46
CA ILE A 636 8.49 36.43 5.53
C ILE A 636 9.07 36.22 4.14
N GLY A 637 10.38 36.24 4.00
CA GLY A 637 10.93 36.00 2.69
C GLY A 637 12.10 36.89 2.38
N TYR A 638 12.15 37.37 1.14
CA TYR A 638 13.32 38.12 0.63
C TYR A 638 13.14 39.63 0.66
N GLU A 639 14.25 40.33 0.85
CA GLU A 639 14.25 41.79 0.80
C GLU A 639 13.99 42.31 -0.60
N GLY A 640 13.31 43.44 -0.69
CA GLY A 640 13.07 44.08 -1.96
C GLY A 640 11.98 43.43 -2.78
N SER A 641 11.36 42.40 -2.22
CA SER A 641 10.34 41.66 -2.96
C SER A 641 8.95 42.12 -2.55
N SER A 642 7.97 41.88 -3.41
CA SER A 642 6.61 42.27 -3.08
C SER A 642 5.63 41.14 -3.32
N TYR A 643 4.49 41.20 -2.64
CA TYR A 643 3.41 40.25 -2.80
C TYR A 643 2.09 40.97 -3.01
N THR A 644 1.28 40.49 -3.95
CA THR A 644 -0.02 41.08 -4.22
C THR A 644 -1.13 40.28 -3.57
N LEU A 645 -1.61 40.78 -2.43
CA LEU A 645 -2.62 40.07 -1.64
C LEU A 645 -4.02 40.23 -2.20
N TYR A 646 -4.72 39.12 -2.42
CA TYR A 646 -6.15 39.19 -2.73
C TYR A 646 -6.97 38.91 -1.48
N GLU A 647 -8.05 39.66 -1.32
CA GLU A 647 -8.85 39.60 -0.13
C GLU A 647 -10.20 40.25 -0.35
N ASP A 648 -11.27 39.49 -0.19
CA ASP A 648 -12.61 40.06 -0.27
C ASP A 648 -13.36 39.74 1.02
N ASP A 649 -14.68 39.83 1.00
CA ASP A 649 -15.45 39.59 2.21
C ASP A 649 -15.61 38.08 2.50
N GLY A 650 -15.17 37.25 1.56
CA GLY A 650 -15.18 35.80 1.74
C GLY A 650 -16.55 35.13 1.69
N ILE A 651 -17.59 35.92 1.44
CA ILE A 651 -18.97 35.42 1.52
C ILE A 651 -19.71 35.54 0.20
N HIS A 652 -19.52 36.66 -0.50
CA HIS A 652 -20.28 36.94 -1.72
C HIS A 652 -19.45 36.74 -3.00
N LYS A 653 -19.93 37.26 -4.12
CA LYS A 653 -19.31 37.00 -5.42
C LYS A 653 -18.86 38.27 -6.14
N ASP A 654 -18.29 39.19 -5.39
CA ASP A 654 -17.86 40.47 -5.95
C ASP A 654 -16.36 40.43 -6.28
N TYR A 655 -16.00 39.68 -7.32
CA TYR A 655 -14.60 39.33 -7.57
C TYR A 655 -13.77 40.42 -8.26
N ASP A 656 -14.42 41.26 -9.04
CA ASP A 656 -13.70 42.24 -9.87
C ASP A 656 -13.74 43.65 -9.30
N LYS A 657 -13.01 43.87 -8.21
CA LYS A 657 -12.88 45.21 -7.61
C LYS A 657 -11.41 45.48 -7.31
N LYS A 658 -10.95 46.68 -7.63
CA LYS A 658 -9.58 47.06 -7.33
C LYS A 658 -9.29 47.10 -5.83
N GLU A 659 -10.35 47.11 -5.02
CA GLU A 659 -10.21 47.11 -3.56
C GLU A 659 -9.85 45.72 -3.03
N ASN A 660 -10.03 44.71 -3.87
CA ASN A 660 -9.69 43.34 -3.50
C ASN A 660 -8.20 43.08 -3.57
N TYR A 661 -7.45 43.99 -4.19
CA TYR A 661 -6.01 43.80 -4.35
C TYR A 661 -5.22 44.80 -3.52
N ARG A 662 -4.17 44.31 -2.87
CA ARG A 662 -3.35 45.13 -1.98
C ARG A 662 -1.90 44.71 -2.14
N VAL A 663 -1.04 45.62 -2.59
CA VAL A 663 0.36 45.29 -2.78
C VAL A 663 1.14 45.48 -1.50
N LEU A 664 1.76 44.39 -1.03
CA LEU A 664 2.58 44.42 0.16
C LEU A 664 4.04 44.32 -0.24
N THR A 665 4.88 45.08 0.46
CA THR A 665 6.28 45.14 0.15
C THR A 665 7.12 44.86 1.40
N LYS A 666 8.07 43.96 1.28
CA LYS A 666 8.94 43.63 2.40
C LYS A 666 10.07 44.63 2.47
N MET B 4 25.65 -11.60 31.17
CA MET B 4 25.15 -10.60 30.24
C MET B 4 23.91 -11.10 29.49
N ILE B 5 23.52 -12.34 29.79
CA ILE B 5 22.24 -12.86 29.32
C ILE B 5 21.50 -13.51 30.48
N ARG B 6 20.31 -13.00 30.79
CA ARG B 6 19.53 -13.57 31.89
C ARG B 6 18.18 -14.10 31.43
N LYS B 7 17.73 -15.19 32.05
CA LYS B 7 16.44 -15.77 31.71
C LYS B 7 15.45 -15.68 32.89
N TYR B 8 14.42 -14.87 32.74
CA TYR B 8 13.35 -14.76 33.74
C TYR B 8 12.19 -15.66 33.35
N ARG B 9 11.72 -16.46 34.28
CA ARG B 9 10.70 -17.47 33.96
C ARG B 9 9.40 -17.20 34.69
N TYR B 10 8.30 -17.24 33.95
CA TYR B 10 6.97 -17.03 34.51
C TYR B 10 6.14 -18.28 34.27
N GLY B 11 5.43 -18.71 35.30
CA GLY B 11 4.60 -19.91 35.21
C GLY B 11 5.33 -21.14 34.74
N ALA B 12 4.68 -21.90 33.87
CA ALA B 12 5.21 -23.18 33.42
C ALA B 12 5.23 -23.22 31.90
N PRO B 13 6.26 -22.62 31.29
CA PRO B 13 6.23 -22.38 29.84
C PRO B 13 6.45 -23.63 29.00
N PHE B 14 5.89 -23.60 27.79
CA PHE B 14 6.10 -24.68 26.84
C PHE B 14 7.51 -24.61 26.27
N ASP B 15 8.19 -25.75 26.32
CA ASP B 15 9.54 -25.92 25.78
C ASP B 15 9.56 -25.78 24.27
N THR B 16 9.95 -24.61 23.77
CA THR B 16 9.89 -24.35 22.33
C THR B 16 11.14 -24.82 21.59
N GLU B 17 12.22 -25.00 22.35
CA GLU B 17 13.53 -25.38 21.79
C GLU B 17 14.14 -24.32 20.87
N ALA B 18 13.73 -23.07 21.07
CA ALA B 18 14.28 -21.94 20.31
C ALA B 18 15.77 -21.79 20.55
N LEU B 19 16.17 -21.88 21.82
CA LEU B 19 17.58 -21.77 22.16
C LEU B 19 18.28 -23.11 22.06
N THR B 20 19.57 -23.08 21.74
CA THR B 20 20.41 -24.25 21.87
C THR B 20 21.31 -24.12 23.11
N GLU B 21 21.48 -22.91 23.60
CA GLU B 21 22.27 -22.70 24.81
C GLU B 21 21.38 -22.58 26.06
N LYS B 22 21.80 -23.23 27.13
CA LYS B 22 21.08 -23.23 28.40
C LYS B 22 21.41 -21.96 29.17
N ILE B 23 20.39 -21.29 29.66
CA ILE B 23 20.60 -20.16 30.55
C ILE B 23 19.95 -20.51 31.87
N GLU B 24 20.62 -20.21 32.97
CA GLU B 24 20.02 -20.45 34.27
C GLU B 24 18.93 -19.41 34.57
N THR B 25 17.98 -19.82 35.41
CA THR B 25 16.87 -18.96 35.79
C THR B 25 17.32 -17.88 36.76
N ALA B 26 17.14 -16.63 36.36
CA ALA B 26 17.45 -15.48 37.21
C ALA B 26 16.46 -15.34 38.37
N GLU B 27 16.96 -14.89 39.52
CA GLU B 27 16.15 -14.74 40.71
C GLU B 27 16.01 -13.28 41.20
N GLU B 28 16.79 -12.37 40.63
CA GLU B 28 16.74 -10.95 41.00
C GLU B 28 15.54 -10.26 40.37
N ALA B 29 15.32 -8.99 40.73
CA ALA B 29 14.26 -8.18 40.13
C ALA B 29 14.45 -8.10 38.63
N PHE B 30 13.35 -8.07 37.87
CA PHE B 30 13.44 -7.82 36.44
C PHE B 30 14.09 -6.46 36.24
N PRO B 31 15.02 -6.36 35.27
CA PRO B 31 15.93 -5.21 35.24
C PRO B 31 15.46 -4.00 34.44
N TYR B 32 14.43 -4.15 33.60
CA TYR B 32 13.91 -3.01 32.84
C TYR B 32 12.39 -2.96 32.83
N GLY B 33 11.84 -1.76 32.93
CA GLY B 33 10.40 -1.59 32.87
C GLY B 33 9.68 -2.26 34.02
N GLU B 34 8.41 -2.56 33.80
CA GLU B 34 7.57 -3.21 34.79
C GLU B 34 6.95 -4.50 34.23
N ILE B 35 6.76 -5.49 35.11
CA ILE B 35 6.14 -6.76 34.76
C ILE B 35 4.82 -6.87 35.53
N SER B 36 3.72 -7.19 34.86
CA SER B 36 2.43 -7.32 35.53
C SER B 36 1.72 -8.62 35.19
N GLN B 37 1.02 -9.18 36.18
CA GLN B 37 0.24 -10.40 35.98
C GLN B 37 -1.21 -10.24 36.46
N LYS B 38 -1.76 -9.04 36.34
CA LYS B 38 -3.11 -8.75 36.81
C LYS B 38 -4.18 -9.08 35.77
N GLU B 39 -3.75 -9.36 34.54
CA GLU B 39 -4.66 -9.74 33.47
C GLU B 39 -3.87 -10.47 32.39
N GLY B 40 -3.37 -11.66 32.74
CA GLY B 40 -2.49 -12.39 31.87
C GLY B 40 -1.05 -11.97 32.13
N PHE B 41 -0.32 -11.63 31.08
CA PHE B 41 1.04 -11.15 31.25
C PHE B 41 1.27 -9.86 30.49
N ALA B 42 2.05 -8.95 31.08
CA ALA B 42 2.37 -7.70 30.41
C ALA B 42 3.74 -7.13 30.83
N PHE B 43 4.54 -6.78 29.82
CA PHE B 43 5.77 -6.03 30.03
C PHE B 43 5.53 -4.62 29.58
N THR B 44 5.85 -3.65 30.44
CA THR B 44 5.62 -2.24 30.11
C THR B 44 6.89 -1.41 30.28
N TYR B 45 7.24 -0.64 29.26
CA TYR B 45 8.51 0.11 29.26
C TYR B 45 8.38 1.52 28.68
N ILE B 46 8.77 2.54 29.46
CA ILE B 46 8.74 3.92 28.96
C ILE B 46 10.01 4.27 28.18
N MET B 47 9.88 4.46 26.88
CA MET B 47 11.02 4.74 26.01
C MET B 47 11.47 6.20 26.04
N ASP B 48 12.77 6.42 25.89
CA ASP B 48 13.28 7.77 25.60
C ASP B 48 12.84 8.19 24.21
N GLU B 49 12.67 9.48 23.98
CA GLU B 49 12.15 9.97 22.71
C GLU B 49 13.07 9.60 21.55
N ASP B 50 14.36 9.44 21.83
CA ASP B 50 15.30 9.07 20.76
C ASP B 50 15.54 7.55 20.58
N ASP B 51 15.04 6.74 21.51
CA ASP B 51 15.13 5.28 21.40
C ASP B 51 14.64 4.74 20.06
N ILE B 52 15.40 3.84 19.47
CA ILE B 52 14.96 3.07 18.30
C ILE B 52 14.61 1.66 18.77
N VAL B 53 13.53 1.08 18.25
CA VAL B 53 13.26 -0.32 18.56
C VAL B 53 13.51 -1.21 17.33
N TYR B 54 14.50 -2.09 17.42
CA TYR B 54 14.80 -3.01 16.33
C TYR B 54 14.22 -4.38 16.63
N GLY B 55 14.00 -5.16 15.59
CA GLY B 55 13.63 -6.55 15.78
C GLY B 55 12.38 -7.01 15.05
N LEU B 56 11.78 -8.06 15.62
CA LEU B 56 10.56 -8.70 15.13
C LEU B 56 10.66 -9.39 13.77
N GLY B 57 11.88 -9.61 13.27
CA GLY B 57 12.12 -10.35 12.04
C GLY B 57 11.14 -10.09 10.91
N GLU B 58 10.33 -11.09 10.61
CA GLU B 58 9.32 -10.95 9.58
C GLU B 58 8.04 -10.37 10.19
N SER B 59 7.94 -9.06 10.15
CA SER B 59 6.71 -8.39 10.56
C SER B 59 6.59 -7.15 9.69
N ASN B 60 5.46 -6.49 9.79
CA ASN B 60 5.14 -5.35 8.95
C ASN B 60 6.01 -4.11 9.19
N ARG B 61 5.94 -3.16 8.26
CA ARG B 61 6.48 -1.81 8.44
C ARG B 61 8.01 -1.66 8.34
N GLY B 62 8.58 -0.88 9.25
CA GLY B 62 9.95 -0.41 9.06
C GLY B 62 10.99 -1.06 9.94
N ILE B 63 12.23 -0.57 9.83
CA ILE B 63 13.36 -1.16 10.57
C ILE B 63 13.28 -0.72 12.03
N ASN B 64 12.94 0.54 12.24
CA ASN B 64 12.57 0.99 13.58
C ASN B 64 11.10 0.64 13.74
N LYS B 65 10.78 -0.24 14.70
CA LYS B 65 9.41 -0.71 14.82
C LYS B 65 8.45 0.32 15.50
N ARG B 66 9.02 1.36 16.09
CA ARG B 66 8.22 2.36 16.83
C ARG B 66 7.07 2.89 15.99
N GLY B 67 5.94 3.15 16.64
CA GLY B 67 4.78 3.72 15.97
C GLY B 67 3.71 2.75 15.50
N TYR B 68 3.80 1.48 15.90
CA TYR B 68 2.72 0.56 15.53
C TYR B 68 2.58 -0.64 16.46
N CYS B 69 1.65 -1.52 16.10
CA CYS B 69 1.33 -2.68 16.89
C CYS B 69 1.63 -3.93 16.07
N TYR B 70 2.36 -4.87 16.64
CA TYR B 70 2.71 -6.08 15.90
C TYR B 70 2.30 -7.26 16.75
N ILE B 71 1.52 -8.16 16.17
CA ILE B 71 1.08 -9.35 16.88
C ILE B 71 1.70 -10.63 16.29
N SER B 72 2.46 -11.34 17.11
CA SER B 72 3.00 -12.64 16.71
C SER B 72 1.89 -13.68 16.77
N ASN B 73 1.50 -14.15 15.59
CA ASN B 73 0.37 -15.04 15.44
C ASN B 73 0.28 -15.43 13.98
N CYS B 74 0.99 -16.49 13.61
CA CYS B 74 1.17 -16.92 12.22
C CYS B 74 -0.15 -16.97 11.45
N THR B 75 -0.28 -16.09 10.45
CA THR B 75 -1.52 -15.93 9.70
C THR B 75 -1.30 -15.97 8.19
N ASP B 76 -2.15 -16.70 7.48
CA ASP B 76 -2.15 -16.70 6.03
C ASP B 76 -2.95 -15.50 5.52
N ASP B 77 -2.25 -14.42 5.21
CA ASP B 77 -2.86 -13.19 4.73
C ASP B 77 -2.10 -12.66 3.52
N PRO B 78 -2.71 -12.74 2.33
CA PRO B 78 -2.05 -12.33 1.08
C PRO B 78 -2.11 -10.84 0.75
N ILE B 79 -2.57 -10.00 1.68
CA ILE B 79 -2.63 -8.55 1.42
C ILE B 79 -1.80 -7.80 2.45
N HIS B 80 -0.52 -7.62 2.15
CA HIS B 80 0.41 -7.02 3.10
C HIS B 80 0.36 -5.50 3.02
N THR B 81 -0.73 -4.93 3.53
CA THR B 81 -0.92 -3.48 3.56
C THR B 81 -0.48 -2.96 4.93
N GLU B 82 -0.34 -1.65 5.05
CA GLU B 82 0.29 -1.07 6.24
C GLU B 82 -0.43 -1.38 7.56
N ASP B 83 -1.74 -1.63 7.50
CA ASP B 83 -2.52 -1.87 8.71
C ASP B 83 -2.31 -3.26 9.34
N LYS B 84 -1.87 -4.22 8.54
CA LYS B 84 -1.78 -5.60 9.00
C LYS B 84 -0.87 -5.72 10.23
N ARG B 85 -1.35 -6.43 11.25
CA ARG B 85 -0.59 -6.60 12.49
C ARG B 85 0.09 -7.97 12.58
N SER B 86 -0.34 -8.92 11.75
CA SER B 86 0.24 -10.26 11.79
C SER B 86 0.45 -10.79 10.40
N LEU B 87 1.68 -11.24 10.13
CA LEU B 87 1.94 -11.94 8.89
C LEU B 87 2.27 -13.41 9.18
N TYR B 88 3.19 -13.97 8.43
CA TYR B 88 3.50 -15.39 8.53
C TYR B 88 4.36 -15.76 9.75
N GLY B 89 5.27 -14.88 10.13
CA GLY B 89 6.25 -15.20 11.16
C GLY B 89 5.90 -14.80 12.58
N ALA B 90 6.56 -15.47 13.53
CA ALA B 90 6.45 -15.14 14.95
C ALA B 90 7.86 -15.10 15.53
N HIS B 91 8.44 -13.91 15.52
CA HIS B 91 9.84 -13.70 15.83
C HIS B 91 10.00 -12.70 16.98
N ASN B 92 9.92 -13.18 18.21
CA ASN B 92 9.72 -12.33 19.38
C ASN B 92 10.97 -11.71 20.00
N PHE B 93 11.89 -11.27 19.15
CA PHE B 93 13.12 -10.65 19.61
C PHE B 93 13.06 -9.16 19.26
N ILE B 94 13.24 -8.29 20.27
CA ILE B 94 13.32 -6.84 20.05
C ILE B 94 14.52 -6.25 20.80
N ILE B 95 15.02 -5.11 20.33
CA ILE B 95 16.12 -4.44 20.98
C ILE B 95 15.83 -2.95 21.12
N VAL B 96 15.73 -2.47 22.37
CA VAL B 96 15.61 -1.05 22.61
C VAL B 96 17.00 -0.45 22.51
N SER B 97 17.20 0.51 21.61
CA SER B 97 18.51 1.08 21.35
C SER B 97 18.50 2.60 21.52
N GLY B 98 19.38 3.13 22.37
CA GLY B 98 19.43 4.54 22.66
C GLY B 98 20.33 4.75 23.87
N LYS B 99 19.93 5.66 24.75
CA LYS B 99 20.74 5.98 25.93
C LYS B 99 20.80 4.76 26.82
N THR B 100 19.66 4.08 26.93
CA THR B 100 19.62 2.78 27.56
C THR B 100 19.29 1.75 26.49
N THR B 101 20.14 0.72 26.38
CA THR B 101 20.04 -0.28 25.33
C THR B 101 19.91 -1.68 25.93
N PHE B 102 19.02 -2.51 25.40
CA PHE B 102 18.87 -3.89 25.89
C PHE B 102 18.03 -4.71 24.91
N GLY B 103 18.25 -6.03 24.90
CA GLY B 103 17.49 -6.91 24.02
C GLY B 103 16.53 -7.76 24.81
N LEU B 104 15.40 -8.11 24.21
CA LEU B 104 14.44 -8.98 24.89
C LEU B 104 13.92 -10.07 23.96
N PHE B 105 14.07 -11.32 24.37
CA PHE B 105 13.43 -12.40 23.64
C PHE B 105 12.31 -13.02 24.46
N PHE B 106 11.09 -12.97 23.93
CA PHE B 106 9.94 -13.52 24.60
C PHE B 106 9.70 -14.92 24.04
N ASP B 107 10.15 -15.95 24.77
CA ASP B 107 9.99 -17.35 24.36
C ASP B 107 8.60 -17.81 24.78
N TYR B 108 7.65 -17.63 23.86
CA TYR B 108 6.23 -17.87 24.10
C TYR B 108 5.65 -18.28 22.76
N PRO B 109 4.92 -19.40 22.74
CA PRO B 109 4.47 -19.99 21.48
C PRO B 109 3.09 -19.53 21.01
N SER B 110 2.42 -18.67 21.78
CA SER B 110 1.05 -18.28 21.45
C SER B 110 0.93 -16.80 21.03
N LYS B 111 -0.30 -16.29 20.99
CA LYS B 111 -0.54 -14.90 20.55
C LYS B 111 0.15 -13.87 21.44
N LEU B 112 1.07 -13.12 20.86
CA LEU B 112 1.88 -12.18 21.62
C LEU B 112 1.85 -10.82 20.94
N THR B 113 1.42 -9.81 21.69
CA THR B 113 1.14 -8.49 21.13
C THR B 113 2.19 -7.47 21.54
N PHE B 114 2.91 -6.94 20.55
CA PHE B 114 3.88 -5.87 20.77
C PHE B 114 3.24 -4.53 20.39
N ASP B 115 2.83 -3.76 21.38
CA ASP B 115 2.30 -2.41 21.19
C ASP B 115 3.49 -1.45 21.30
N ILE B 116 4.08 -1.07 20.17
CA ILE B 116 5.34 -0.35 20.21
C ILE B 116 5.14 1.12 19.84
N GLY B 117 4.55 1.87 20.77
CA GLY B 117 4.24 3.27 20.53
C GLY B 117 2.84 3.49 19.96
N TYR B 118 2.18 2.40 19.59
CA TYR B 118 0.83 2.51 19.05
C TYR B 118 -0.10 3.30 19.99
N THR B 119 -0.29 2.81 21.22
CA THR B 119 -1.23 3.48 22.13
C THR B 119 -0.74 4.82 22.69
N ARG B 120 0.46 4.81 23.28
CA ARG B 120 1.15 6.03 23.68
C ARG B 120 2.50 6.01 22.99
N MET B 121 2.90 7.13 22.38
CA MET B 121 4.15 7.17 21.64
C MET B 121 5.35 6.73 22.48
N ASP B 122 5.34 7.14 23.75
CA ASP B 122 6.48 6.91 24.63
C ASP B 122 6.46 5.54 25.34
N THR B 123 5.44 4.73 25.04
CA THR B 123 5.22 3.50 25.79
C THR B 123 5.37 2.25 24.93
N LEU B 124 6.16 1.30 25.43
CA LEU B 124 6.30 -0.02 24.82
C LEU B 124 5.63 -1.08 25.70
N LYS B 125 4.69 -1.84 25.13
CA LYS B 125 3.96 -2.83 25.91
C LYS B 125 3.79 -4.14 25.16
N VAL B 126 4.30 -5.21 25.77
CA VAL B 126 4.26 -6.53 25.18
C VAL B 126 3.41 -7.42 26.08
N SER B 127 2.38 -8.05 25.53
CA SER B 127 1.43 -8.75 26.39
C SER B 127 0.88 -10.04 25.80
N CYS B 128 0.38 -10.91 26.68
CA CYS B 128 -0.18 -12.19 26.28
C CYS B 128 -1.17 -12.73 27.33
N GLU B 129 -2.00 -13.69 26.91
CA GLU B 129 -3.09 -14.18 27.74
C GLU B 129 -2.62 -14.95 28.96
N ASN B 130 -1.50 -15.65 28.84
CA ASN B 130 -1.00 -16.47 29.94
C ASN B 130 0.42 -16.14 30.35
N ALA B 131 0.62 -15.87 31.62
CA ALA B 131 1.96 -15.69 32.18
C ALA B 131 2.75 -17.01 32.23
N ASP B 132 2.89 -17.68 31.10
CA ASP B 132 3.69 -18.89 30.99
C ASP B 132 4.72 -18.73 29.89
N LEU B 133 5.90 -18.21 30.24
CA LEU B 133 6.90 -17.87 29.24
C LEU B 133 8.25 -17.59 29.90
N ASP B 134 9.31 -17.65 29.10
CA ASP B 134 10.63 -17.20 29.53
C ASP B 134 10.92 -15.88 28.83
N ILE B 135 11.55 -14.96 29.54
CA ILE B 135 11.97 -13.70 28.93
C ILE B 135 13.47 -13.64 29.06
N TYR B 136 14.17 -13.53 27.94
CA TYR B 136 15.61 -13.41 27.97
C TYR B 136 16.02 -11.93 27.88
N VAL B 137 16.78 -11.46 28.85
CA VAL B 137 17.32 -10.10 28.83
C VAL B 137 18.81 -10.10 28.46
N ILE B 138 19.14 -9.44 27.36
CA ILE B 138 20.52 -9.39 26.87
C ILE B 138 21.09 -7.97 26.95
N GLU B 139 22.27 -7.83 27.54
CA GLU B 139 22.93 -6.54 27.67
C GLU B 139 24.11 -6.45 26.71
N GLY B 140 24.51 -5.23 26.38
CA GLY B 140 25.66 -4.98 25.53
C GLY B 140 25.87 -3.49 25.30
N GLU B 141 26.98 -3.15 24.66
CA GLU B 141 27.31 -1.75 24.37
C GLU B 141 26.32 -1.12 23.41
N ASN B 142 26.06 -1.82 22.30
CA ASN B 142 25.12 -1.35 21.28
C ASN B 142 24.19 -2.48 20.87
N ALA B 143 23.28 -2.16 19.96
CA ALA B 143 22.29 -3.13 19.50
C ALA B 143 22.95 -4.25 18.69
N TYR B 144 24.03 -3.92 17.99
CA TYR B 144 24.75 -4.92 17.20
C TYR B 144 25.39 -5.98 18.10
N ASP B 145 25.85 -5.58 19.28
CA ASP B 145 26.47 -6.55 20.20
C ASP B 145 25.41 -7.45 20.79
N ILE B 146 24.21 -6.90 20.97
CA ILE B 146 23.13 -7.64 21.58
C ILE B 146 22.62 -8.70 20.61
N VAL B 147 22.62 -8.37 19.34
CA VAL B 147 22.15 -9.28 18.31
C VAL B 147 23.14 -10.45 18.12
N LYS B 148 24.43 -10.16 18.28
CA LYS B 148 25.45 -11.18 18.12
C LYS B 148 25.39 -12.20 19.25
N GLN B 149 25.12 -11.72 20.46
CA GLN B 149 24.90 -12.61 21.61
C GLN B 149 23.65 -13.46 21.42
N PHE B 150 22.57 -12.88 20.88
CA PHE B 150 21.36 -13.66 20.63
C PHE B 150 21.62 -14.74 19.58
N ARG B 151 22.29 -14.35 18.51
CA ARG B 151 22.63 -15.26 17.42
C ARG B 151 23.43 -16.44 17.94
N ARG B 152 24.26 -16.21 18.96
CA ARG B 152 25.01 -17.29 19.58
C ARG B 152 24.07 -18.28 20.25
N VAL B 153 23.18 -17.79 21.12
CA VAL B 153 22.40 -18.70 21.96
C VAL B 153 21.31 -19.52 21.25
N ILE B 154 20.95 -19.13 20.03
CA ILE B 154 19.86 -19.79 19.32
C ILE B 154 20.42 -20.76 18.29
N GLY B 155 21.74 -20.72 18.12
CA GLY B 155 22.44 -21.80 17.42
C GLY B 155 22.63 -21.46 15.96
N ARG B 156 23.56 -22.11 15.29
CA ARG B 156 23.94 -21.72 13.94
C ARG B 156 22.79 -21.70 12.94
N SER B 157 22.76 -20.66 12.10
CA SER B 157 21.73 -20.54 11.08
C SER B 157 21.87 -21.62 9.99
N TYR B 158 20.74 -22.02 9.44
CA TYR B 158 20.69 -22.83 8.22
C TYR B 158 21.64 -22.30 7.14
N ILE B 159 22.27 -23.23 6.43
CA ILE B 159 23.20 -22.91 5.36
C ILE B 159 22.80 -23.69 4.12
N PRO B 160 22.45 -22.98 3.03
CA PRO B 160 21.99 -23.64 1.81
C PRO B 160 23.15 -24.10 0.94
N PRO B 161 22.89 -25.02 -0.01
CA PRO B 161 23.91 -25.40 -1.00
C PRO B 161 24.21 -24.22 -1.91
N LYS B 162 25.39 -24.18 -2.50
CA LYS B 162 25.80 -23.04 -3.31
C LYS B 162 24.89 -22.75 -4.52
N PHE B 163 24.27 -23.78 -5.10
CA PHE B 163 23.41 -23.52 -6.27
C PHE B 163 22.23 -22.61 -5.92
N ALA B 164 21.86 -22.58 -4.64
CA ALA B 164 20.71 -21.80 -4.19
C ALA B 164 21.00 -20.30 -4.22
N PHE B 165 22.26 -19.95 -4.47
CA PHE B 165 22.65 -18.56 -4.67
C PHE B 165 22.60 -18.21 -6.14
N GLY B 166 21.92 -19.03 -6.92
CA GLY B 166 21.65 -18.69 -8.31
C GLY B 166 20.32 -17.96 -8.41
N PHE B 167 19.81 -17.80 -9.62
CA PHE B 167 18.48 -17.23 -9.80
C PHE B 167 17.45 -18.35 -10.05
N GLY B 168 16.25 -18.17 -9.52
CA GLY B 168 15.20 -19.15 -9.67
C GLY B 168 13.90 -18.58 -10.21
N GLN B 169 13.23 -19.35 -11.07
CA GLN B 169 11.99 -18.96 -11.72
C GLN B 169 10.84 -19.86 -11.27
N SER B 170 9.70 -19.24 -10.95
CA SER B 170 8.56 -19.96 -10.37
C SER B 170 7.21 -19.39 -10.81
N ARG B 171 6.18 -20.24 -10.88
CA ARG B 171 4.81 -19.77 -11.11
C ARG B 171 3.74 -20.79 -10.71
N TYR B 172 2.76 -20.37 -9.91
CA TYR B 172 1.59 -21.19 -9.64
C TYR B 172 0.85 -21.41 -10.97
N GLY B 173 1.19 -22.50 -11.66
CA GLY B 173 0.65 -22.74 -12.98
C GLY B 173 1.46 -23.74 -13.78
N TYR B 174 2.78 -23.75 -13.58
CA TYR B 174 3.64 -24.74 -14.23
C TYR B 174 3.13 -26.12 -13.85
N THR B 175 2.77 -26.91 -14.86
CA THR B 175 2.03 -28.14 -14.63
C THR B 175 2.62 -29.31 -15.41
N THR B 176 2.81 -29.11 -16.71
CA THR B 176 3.28 -30.19 -17.57
C THR B 176 4.76 -30.05 -17.90
N LYS B 177 5.33 -31.08 -18.50
CA LYS B 177 6.75 -31.07 -18.86
C LYS B 177 7.04 -29.96 -19.86
N GLU B 178 6.10 -29.73 -20.76
CA GLU B 178 6.26 -28.70 -21.79
C GLU B 178 6.29 -27.31 -21.16
N ASP B 179 5.45 -27.11 -20.14
CA ASP B 179 5.47 -25.89 -19.35
C ASP B 179 6.88 -25.63 -18.83
N PHE B 180 7.47 -26.64 -18.18
CA PHE B 180 8.79 -26.51 -17.60
C PHE B 180 9.88 -26.35 -18.65
N ARG B 181 9.81 -27.15 -19.70
CA ARG B 181 10.75 -27.03 -20.83
C ARG B 181 10.78 -25.64 -21.45
N ALA B 182 9.61 -25.02 -21.59
CA ALA B 182 9.52 -23.69 -22.20
C ALA B 182 10.18 -22.60 -21.33
N VAL B 183 10.13 -22.79 -20.01
CA VAL B 183 10.81 -21.87 -19.10
C VAL B 183 12.30 -22.06 -19.26
N ALA B 184 12.74 -23.32 -19.34
CA ALA B 184 14.14 -23.61 -19.57
C ALA B 184 14.59 -22.98 -20.88
N LYS B 185 13.81 -23.23 -21.94
CA LYS B 185 14.09 -22.69 -23.26
C LYS B 185 14.20 -21.16 -23.24
N GLY B 186 13.22 -20.51 -22.64
CA GLY B 186 13.14 -19.06 -22.59
C GLY B 186 14.32 -18.38 -21.91
N TYR B 187 14.89 -19.02 -20.89
CA TYR B 187 16.03 -18.44 -20.19
C TYR B 187 17.34 -18.82 -20.85
N ARG B 188 17.52 -20.11 -21.14
CA ARG B 188 18.78 -20.61 -21.68
C ARG B 188 19.10 -20.07 -23.08
N GLU B 189 18.08 -19.95 -23.93
CA GLU B 189 18.31 -19.54 -25.31
C GLU B 189 18.57 -18.04 -25.42
N ASN B 190 18.27 -17.31 -24.35
CA ASN B 190 18.52 -15.89 -24.28
C ASN B 190 19.73 -15.56 -23.42
N HIS B 191 20.51 -16.59 -23.12
CA HIS B 191 21.70 -16.47 -22.26
C HIS B 191 21.46 -15.69 -20.96
N ILE B 192 20.24 -15.80 -20.44
CA ILE B 192 19.94 -15.30 -19.10
C ILE B 192 20.23 -16.41 -18.10
N PRO B 193 21.13 -16.13 -17.14
CA PRO B 193 21.53 -17.12 -16.13
C PRO B 193 20.35 -17.59 -15.28
N ILE B 194 20.42 -18.83 -14.82
CA ILE B 194 19.38 -19.43 -14.00
C ILE B 194 19.88 -20.78 -13.49
N ASP B 195 19.46 -21.17 -12.28
CA ASP B 195 19.88 -22.44 -11.70
C ASP B 195 18.71 -23.29 -11.21
N MET B 196 17.57 -22.65 -10.96
CA MET B 196 16.46 -23.35 -10.32
C MET B 196 15.13 -23.03 -10.98
N ILE B 197 14.27 -24.05 -11.07
CA ILE B 197 12.89 -23.82 -11.44
C ILE B 197 12.01 -24.48 -10.39
N TYR B 198 11.04 -23.75 -9.85
CA TYR B 198 10.21 -24.29 -8.77
C TYR B 198 8.95 -24.95 -9.31
N MET B 199 8.57 -26.08 -8.72
CA MET B 199 7.33 -26.75 -9.09
C MET B 199 6.29 -26.49 -8.02
N ASP B 200 5.23 -25.76 -8.35
CA ASP B 200 4.15 -25.46 -7.40
C ASP B 200 3.19 -26.66 -7.38
N ILE B 201 2.12 -26.54 -6.60
CA ILE B 201 1.30 -27.71 -6.21
C ILE B 201 0.77 -28.57 -7.35
N ASP B 202 0.70 -28.01 -8.54
CA ASP B 202 0.17 -28.73 -9.70
C ASP B 202 0.95 -29.99 -10.12
N TYR B 203 2.13 -30.21 -9.53
CA TYR B 203 2.97 -31.34 -9.91
C TYR B 203 2.58 -32.63 -9.18
N MET B 204 1.81 -32.48 -8.12
CA MET B 204 1.35 -33.65 -7.36
C MET B 204 0.21 -34.36 -8.07
N GLN B 205 -0.12 -35.56 -7.60
CA GLN B 205 -1.32 -36.23 -8.05
C GLN B 205 -2.43 -35.78 -7.12
N ASP B 206 -3.39 -35.03 -7.66
CA ASP B 206 -4.54 -34.58 -6.88
C ASP B 206 -4.13 -33.87 -5.58
N PHE B 207 -3.06 -33.08 -5.66
CA PHE B 207 -2.54 -32.30 -4.54
C PHE B 207 -2.13 -33.16 -3.36
N LYS B 208 -1.74 -34.41 -3.62
CA LYS B 208 -1.27 -35.32 -2.58
C LYS B 208 0.22 -35.13 -2.29
N ASP B 209 0.53 -34.72 -1.06
CA ASP B 209 1.90 -34.70 -0.56
C ASP B 209 2.65 -35.99 -0.88
N PHE B 210 3.91 -35.86 -1.30
CA PHE B 210 4.77 -36.99 -1.61
C PHE B 210 4.21 -37.90 -2.71
N THR B 211 3.46 -37.31 -3.64
CA THR B 211 3.17 -37.99 -4.89
C THR B 211 3.51 -37.09 -6.05
N VAL B 212 3.40 -37.62 -7.26
CA VAL B 212 3.71 -36.91 -8.49
C VAL B 212 2.65 -37.35 -9.49
N ASN B 213 2.15 -36.43 -10.31
CA ASN B 213 1.23 -36.79 -11.38
C ASN B 213 1.92 -37.69 -12.41
N GLU B 214 1.66 -38.99 -12.33
CA GLU B 214 2.33 -39.95 -13.20
C GLU B 214 1.85 -39.88 -14.65
N LYS B 215 0.69 -39.26 -14.86
CA LYS B 215 0.19 -39.05 -16.21
C LYS B 215 1.09 -38.06 -16.94
N ASN B 216 1.45 -36.99 -16.25
CA ASN B 216 2.26 -35.93 -16.84
C ASN B 216 3.76 -36.18 -16.66
N PHE B 217 4.10 -36.93 -15.61
CA PHE B 217 5.50 -37.30 -15.35
C PHE B 217 5.64 -38.81 -15.18
N PRO B 218 5.54 -39.56 -16.29
CA PRO B 218 5.55 -41.02 -16.26
C PRO B 218 6.94 -41.60 -15.93
N ASP B 219 7.95 -40.75 -15.91
CA ASP B 219 9.30 -41.17 -15.54
C ASP B 219 10.01 -39.97 -14.94
N PHE B 220 9.44 -39.45 -13.85
CA PHE B 220 9.94 -38.26 -13.17
C PHE B 220 11.46 -38.20 -12.98
N PRO B 221 12.09 -39.31 -12.49
CA PRO B 221 13.55 -39.29 -12.33
C PRO B 221 14.31 -38.95 -13.61
N GLU B 222 13.84 -39.42 -14.75
CA GLU B 222 14.49 -39.07 -16.02
C GLU B 222 14.29 -37.59 -16.35
N PHE B 223 13.14 -37.02 -16.02
CA PHE B 223 12.91 -35.61 -16.29
C PHE B 223 13.74 -34.73 -15.36
N VAL B 224 13.86 -35.16 -14.10
CA VAL B 224 14.69 -34.44 -13.14
C VAL B 224 16.15 -34.42 -13.61
N LYS B 225 16.58 -35.47 -14.30
CA LYS B 225 17.93 -35.48 -14.87
C LYS B 225 18.04 -34.63 -16.13
N GLU B 226 17.04 -34.69 -16.99
CA GLU B 226 17.00 -33.86 -18.20
C GLU B 226 17.19 -32.39 -17.86
N MET B 227 16.53 -31.97 -16.78
CA MET B 227 16.65 -30.62 -16.28
C MET B 227 18.00 -30.38 -15.58
N LYS B 228 18.47 -31.35 -14.82
CA LYS B 228 19.74 -31.20 -14.11
C LYS B 228 20.93 -31.19 -15.06
N ASP B 229 20.77 -31.78 -16.23
CA ASP B 229 21.85 -31.79 -17.21
C ASP B 229 22.09 -30.41 -17.80
N GLN B 230 21.08 -29.55 -17.71
CA GLN B 230 21.21 -28.18 -18.18
C GLN B 230 21.44 -27.27 -16.98
N GLU B 231 21.93 -27.86 -15.88
CA GLU B 231 22.08 -27.17 -14.61
C GLU B 231 20.80 -26.42 -14.17
N LEU B 232 19.70 -27.16 -14.12
CA LEU B 232 18.45 -26.65 -13.56
C LEU B 232 17.90 -27.67 -12.55
N ARG B 233 17.87 -27.29 -11.28
CA ARG B 233 17.39 -28.16 -10.22
C ARG B 233 15.93 -27.89 -9.83
N LEU B 234 15.07 -28.87 -10.06
CA LEU B 234 13.65 -28.71 -9.80
C LEU B 234 13.34 -28.66 -8.30
N ILE B 235 12.65 -27.61 -7.87
CA ILE B 235 12.38 -27.41 -6.45
C ILE B 235 10.87 -27.54 -6.18
N PRO B 236 10.42 -28.75 -5.80
CA PRO B 236 8.99 -28.96 -5.57
C PRO B 236 8.48 -28.48 -4.20
N ILE B 237 7.21 -28.08 -4.14
CA ILE B 237 6.57 -27.60 -2.91
C ILE B 237 6.03 -28.77 -2.05
N ILE B 238 5.88 -28.54 -0.76
CA ILE B 238 5.20 -29.51 0.11
C ILE B 238 4.24 -28.79 1.06
N ASP B 239 2.98 -29.23 1.08
CA ASP B 239 1.96 -28.62 1.94
C ASP B 239 1.85 -29.29 3.30
N ALA B 240 1.39 -28.54 4.29
CA ALA B 240 1.17 -29.08 5.62
C ALA B 240 0.03 -30.10 5.69
N GLY B 241 -0.91 -30.02 4.76
CA GLY B 241 -2.12 -30.81 4.84
C GLY B 241 -2.09 -32.03 3.95
N VAL B 242 -2.24 -33.21 4.56
CA VAL B 242 -2.26 -34.48 3.85
C VAL B 242 -3.68 -34.87 3.44
N LYS B 243 -3.92 -35.02 2.14
CA LYS B 243 -5.25 -35.34 1.61
C LYS B 243 -5.91 -36.54 2.28
N VAL B 244 -7.21 -36.42 2.57
CA VAL B 244 -8.01 -37.55 3.03
C VAL B 244 -8.52 -38.36 1.83
N GLU B 245 -8.01 -39.58 1.69
CA GLU B 245 -8.34 -40.43 0.54
C GLU B 245 -7.96 -41.89 0.82
N LYS B 246 -8.95 -42.78 0.80
CA LYS B 246 -8.70 -44.20 1.00
C LYS B 246 -7.70 -44.71 -0.04
N GLY B 247 -6.71 -45.48 0.42
CA GLY B 247 -5.73 -46.10 -0.47
C GLY B 247 -4.49 -45.25 -0.66
N TYR B 248 -4.56 -44.02 -0.18
CA TYR B 248 -3.42 -43.11 -0.22
C TYR B 248 -2.51 -43.46 0.95
N GLU B 249 -1.31 -43.92 0.63
CA GLU B 249 -0.37 -44.45 1.61
C GLU B 249 -0.10 -43.49 2.78
N VAL B 250 0.23 -42.24 2.47
CA VAL B 250 0.53 -41.28 3.52
C VAL B 250 -0.65 -41.10 4.48
N TYR B 251 -1.87 -41.02 3.92
CA TYR B 251 -3.08 -40.91 4.74
C TYR B 251 -3.32 -42.14 5.61
N GLU B 252 -3.25 -43.32 5.01
CA GLU B 252 -3.52 -44.56 5.73
C GLU B 252 -2.55 -44.80 6.89
N GLU B 253 -1.28 -44.44 6.69
CA GLU B 253 -0.29 -44.63 7.74
C GLU B 253 -0.51 -43.66 8.88
N GLY B 254 -0.90 -42.44 8.54
CA GLY B 254 -1.12 -41.39 9.53
C GLY B 254 -2.31 -41.72 10.41
N VAL B 255 -3.33 -42.33 9.83
CA VAL B 255 -4.53 -42.72 10.55
C VAL B 255 -4.21 -43.88 11.49
N LYS B 256 -3.61 -44.92 10.92
CA LYS B 256 -3.29 -46.13 11.67
C LYS B 256 -2.37 -45.86 12.87
N ASN B 257 -1.37 -45.02 12.66
CA ASN B 257 -0.36 -44.75 13.67
C ASN B 257 -0.61 -43.52 14.55
N ASN B 258 -1.78 -42.91 14.40
CA ASN B 258 -2.13 -41.72 15.15
C ASN B 258 -1.08 -40.61 15.02
N TYR B 259 -0.73 -40.30 13.79
CA TYR B 259 0.25 -39.26 13.51
C TYR B 259 -0.41 -37.90 13.22
N PHE B 260 -1.74 -37.89 13.05
CA PHE B 260 -2.47 -36.65 12.76
C PHE B 260 -2.96 -35.95 14.02
N CYS B 261 -3.03 -34.63 13.97
CA CYS B 261 -3.70 -33.85 15.01
C CYS B 261 -5.14 -34.33 15.12
N LYS B 262 -5.59 -34.57 16.34
CA LYS B 262 -6.92 -35.09 16.58
C LYS B 262 -7.86 -34.06 17.21
N ARG B 263 -9.16 -34.32 17.13
CA ARG B 263 -10.14 -33.49 17.83
C ARG B 263 -10.14 -33.87 19.30
N GLU B 264 -10.96 -33.17 20.08
CA GLU B 264 -11.12 -33.44 21.51
C GLU B 264 -11.48 -34.90 21.78
N ASP B 265 -12.25 -35.50 20.88
CA ASP B 265 -12.77 -36.85 21.08
C ASP B 265 -11.92 -37.98 20.48
N GLY B 266 -10.70 -37.67 20.05
CA GLY B 266 -9.84 -38.68 19.48
C GLY B 266 -9.86 -38.81 17.96
N SER B 267 -10.94 -38.36 17.33
CA SER B 267 -11.04 -38.40 15.87
C SER B 267 -10.03 -37.45 15.21
N ASP B 268 -9.61 -37.80 14.00
CA ASP B 268 -8.66 -36.96 13.27
C ASP B 268 -9.37 -35.72 12.73
N PHE B 269 -8.82 -34.54 13.03
CA PHE B 269 -9.41 -33.27 12.63
C PHE B 269 -9.35 -33.04 11.12
N VAL B 270 -10.47 -32.60 10.54
CA VAL B 270 -10.54 -32.28 9.12
C VAL B 270 -10.41 -30.79 8.85
N ALA B 271 -9.38 -30.44 8.09
CA ALA B 271 -9.19 -29.09 7.59
C ALA B 271 -9.06 -29.16 6.07
N ALA B 272 -9.88 -28.37 5.37
CA ALA B 272 -9.86 -28.36 3.91
C ALA B 272 -8.83 -27.38 3.36
N VAL B 273 -8.00 -27.85 2.44
CA VAL B 273 -7.00 -27.01 1.78
C VAL B 273 -7.05 -27.37 0.28
N TRP B 274 -5.92 -27.29 -0.42
CA TRP B 274 -5.89 -27.55 -1.86
C TRP B 274 -6.55 -28.85 -2.35
N PRO B 275 -6.44 -29.95 -1.59
CA PRO B 275 -7.11 -31.14 -2.11
C PRO B 275 -8.48 -31.42 -1.49
N GLY B 276 -9.16 -30.40 -0.96
CA GLY B 276 -10.39 -30.64 -0.24
C GLY B 276 -10.05 -31.04 1.19
N ASP B 277 -10.78 -32.00 1.74
CA ASP B 277 -10.52 -32.46 3.11
C ASP B 277 -9.09 -32.99 3.32
N THR B 278 -8.43 -32.52 4.38
CA THR B 278 -7.10 -33.03 4.76
C THR B 278 -6.97 -33.26 6.28
N HIS B 279 -5.88 -33.92 6.67
CA HIS B 279 -5.50 -33.98 8.07
C HIS B 279 -4.13 -33.33 8.21
N PHE B 280 -3.83 -32.83 9.40
CA PHE B 280 -2.53 -32.22 9.69
C PHE B 280 -1.65 -33.19 10.48
N PRO B 281 -0.45 -33.50 9.97
CA PRO B 281 0.51 -34.23 10.80
C PRO B 281 0.74 -33.46 12.09
N ASP B 282 0.83 -34.20 13.19
CA ASP B 282 1.03 -33.65 14.53
C ASP B 282 2.49 -33.25 14.65
N MET B 283 2.81 -32.09 14.10
CA MET B 283 4.20 -31.62 14.01
C MET B 283 4.91 -31.47 15.36
N LEU B 284 4.15 -31.44 16.45
CA LEU B 284 4.76 -31.34 17.77
C LEU B 284 4.99 -32.70 18.43
N ASN B 285 4.52 -33.78 17.79
CA ASN B 285 4.79 -35.14 18.25
C ASN B 285 6.01 -35.69 17.53
N PRO B 286 7.01 -36.16 18.31
CA PRO B 286 8.31 -36.57 17.78
C PRO B 286 8.24 -37.72 16.78
N GLU B 287 7.34 -38.68 17.01
CA GLU B 287 7.16 -39.79 16.09
C GLU B 287 6.56 -39.31 14.76
N ALA B 288 5.57 -38.42 14.85
CA ALA B 288 4.94 -37.84 13.67
C ALA B 288 5.95 -37.10 12.79
N ARG B 289 6.78 -36.27 13.43
CA ARG B 289 7.83 -35.52 12.74
C ARG B 289 8.79 -36.44 11.97
N LYS B 290 9.27 -37.49 12.64
CA LYS B 290 10.21 -38.41 12.02
C LYS B 290 9.57 -39.12 10.84
N TRP B 291 8.33 -39.53 11.02
CA TRP B 291 7.59 -40.18 9.95
C TRP B 291 7.35 -39.24 8.76
N PHE B 292 6.94 -38.00 9.04
CA PHE B 292 6.63 -37.05 7.98
C PHE B 292 7.90 -36.64 7.24
N GLY B 293 8.95 -36.34 8.00
CA GLY B 293 10.22 -35.97 7.39
C GLY B 293 10.76 -37.09 6.50
N ASP B 294 10.58 -38.33 6.93
CA ASP B 294 11.11 -39.43 6.16
C ASP B 294 10.44 -39.52 4.80
N LYS B 295 9.24 -38.98 4.68
CA LYS B 295 8.53 -39.08 3.41
C LYS B 295 9.19 -38.24 2.31
N TYR B 296 10.10 -37.35 2.68
CA TYR B 296 10.82 -36.54 1.69
C TYR B 296 11.78 -37.37 0.82
N ARG B 297 12.17 -38.58 1.25
CA ARG B 297 13.11 -39.33 0.41
C ARG B 297 12.44 -39.80 -0.87
N PHE B 298 11.11 -39.76 -0.89
CA PHE B 298 10.35 -40.11 -2.09
C PHE B 298 10.83 -39.28 -3.26
N LEU B 299 11.14 -38.03 -2.97
CA LEU B 299 11.59 -37.08 -3.99
C LEU B 299 13.12 -37.01 -4.07
N ILE B 300 13.77 -37.08 -2.91
CA ILE B 300 15.22 -37.05 -2.84
C ILE B 300 15.82 -38.19 -3.64
N ASP B 301 15.29 -39.40 -3.45
CA ASP B 301 15.71 -40.58 -4.20
C ASP B 301 15.57 -40.37 -5.71
N GLN B 302 14.75 -39.40 -6.11
CA GLN B 302 14.56 -39.15 -7.53
C GLN B 302 15.42 -38.00 -8.08
N GLY B 303 16.32 -37.48 -7.24
CA GLY B 303 17.27 -36.46 -7.66
C GLY B 303 16.96 -35.02 -7.26
N ILE B 304 15.89 -34.83 -6.49
CA ILE B 304 15.50 -33.52 -5.99
C ILE B 304 16.46 -33.01 -4.91
N GLU B 305 16.97 -31.79 -5.07
CA GLU B 305 17.94 -31.27 -4.10
C GLU B 305 17.44 -30.10 -3.26
N GLY B 306 16.12 -29.90 -3.20
CA GLY B 306 15.56 -28.76 -2.48
C GLY B 306 14.04 -28.73 -2.41
N PHE B 307 13.50 -28.10 -1.37
CA PHE B 307 12.06 -28.07 -1.15
C PHE B 307 11.60 -26.72 -0.61
N TRP B 308 10.34 -26.38 -0.86
CA TRP B 308 9.71 -25.29 -0.11
C TRP B 308 8.42 -25.75 0.58
N ASN B 309 8.31 -25.45 1.87
CA ASN B 309 7.15 -25.85 2.67
C ASN B 309 6.12 -24.73 2.73
N ASP B 310 4.86 -25.04 2.40
CA ASP B 310 3.84 -24.00 2.27
C ASP B 310 2.60 -24.28 3.12
N MET B 311 1.75 -23.27 3.30
CA MET B 311 0.44 -23.40 3.97
C MET B 311 0.56 -23.93 5.39
N ASN B 312 1.70 -23.67 6.03
CA ASN B 312 2.04 -24.32 7.30
C ASN B 312 1.85 -23.47 8.55
N GLU B 313 0.96 -22.49 8.45
CA GLU B 313 0.52 -21.70 9.61
C GLU B 313 -0.05 -22.52 10.80
N PRO B 314 -0.86 -23.57 10.54
CA PRO B 314 -1.41 -24.16 9.31
C PRO B 314 -2.56 -23.32 8.75
N ALA B 315 -2.69 -23.25 7.43
CA ALA B 315 -3.78 -22.49 6.83
C ALA B 315 -4.99 -23.40 6.69
N ILE B 316 -6.17 -22.86 6.95
CA ILE B 316 -7.40 -23.64 6.84
C ILE B 316 -8.42 -22.89 5.99
N PHE B 317 -8.85 -23.47 4.88
CA PHE B 317 -9.87 -22.80 4.07
C PHE B 317 -11.18 -22.88 4.85
N TYR B 318 -11.37 -24.02 5.52
CA TYR B 318 -12.56 -24.30 6.33
C TYR B 318 -12.47 -25.68 6.97
N SER B 319 -12.99 -25.80 8.20
CA SER B 319 -13.13 -27.09 8.84
C SER B 319 -14.48 -27.66 8.44
N SER B 320 -14.74 -28.89 8.85
CA SER B 320 -16.04 -29.51 8.60
C SER B 320 -17.12 -28.81 9.40
N GLU B 321 -16.77 -28.41 10.61
CA GLU B 321 -17.70 -27.70 11.50
C GLU B 321 -18.06 -26.33 10.92
N GLY B 322 -17.06 -25.65 10.37
CA GLY B 322 -17.23 -24.34 9.79
C GLY B 322 -18.08 -24.36 8.54
N LEU B 323 -17.88 -25.37 7.70
CA LEU B 323 -18.64 -25.51 6.47
C LEU B 323 -20.11 -25.74 6.76
N ALA B 324 -20.39 -26.50 7.82
CA ALA B 324 -21.76 -26.77 8.23
C ALA B 324 -22.46 -25.51 8.74
N GLU B 325 -21.75 -24.73 9.55
CA GLU B 325 -22.29 -23.49 10.09
C GLU B 325 -22.60 -22.48 8.99
N ALA B 326 -21.72 -22.41 8.00
CA ALA B 326 -21.88 -21.50 6.88
C ALA B 326 -22.96 -21.94 5.91
N LYS B 327 -23.08 -23.24 5.67
CA LYS B 327 -24.14 -23.72 4.79
C LYS B 327 -25.50 -23.48 5.42
N GLU B 328 -25.60 -23.72 6.72
CA GLU B 328 -26.86 -23.50 7.42
C GLU B 328 -27.29 -22.03 7.39
N PHE B 329 -26.32 -21.14 7.53
CA PHE B 329 -26.59 -19.70 7.49
C PHE B 329 -27.06 -19.31 6.10
N ALA B 330 -26.34 -19.82 5.09
CA ALA B 330 -26.72 -19.65 3.68
C ALA B 330 -28.16 -20.05 3.44
N GLY B 331 -28.61 -21.10 4.11
CA GLY B 331 -29.99 -21.54 3.98
C GLY B 331 -30.96 -20.50 4.50
N GLU B 332 -30.61 -19.89 5.63
CA GLU B 332 -31.45 -18.86 6.24
C GLU B 332 -31.51 -17.65 5.31
N PHE B 333 -30.35 -17.31 4.75
CA PHE B 333 -30.25 -16.18 3.84
C PHE B 333 -31.11 -16.38 2.60
N ALA B 334 -31.11 -17.61 2.09
CA ALA B 334 -31.84 -17.91 0.86
C ALA B 334 -33.35 -17.81 1.02
N LYS B 335 -33.86 -18.07 2.22
CA LYS B 335 -35.30 -18.14 2.44
C LYS B 335 -35.84 -16.96 3.24
N ASP B 336 -34.97 -15.98 3.49
CA ASP B 336 -35.36 -14.75 4.15
C ASP B 336 -36.08 -13.81 3.19
N THR B 337 -37.34 -13.48 3.50
CA THR B 337 -38.14 -12.61 2.64
C THR B 337 -38.23 -11.18 3.18
N GLU B 338 -37.97 -11.04 4.48
CA GLU B 338 -38.19 -9.78 5.18
C GLU B 338 -36.94 -8.90 5.27
N GLY B 339 -35.83 -9.37 4.72
CA GLY B 339 -34.60 -8.59 4.69
C GLY B 339 -33.95 -8.47 6.05
N LYS B 340 -34.13 -9.50 6.87
CA LYS B 340 -33.50 -9.54 8.17
C LYS B 340 -32.04 -9.97 8.04
N ILE B 341 -31.75 -10.74 6.99
CA ILE B 341 -30.39 -11.19 6.75
C ILE B 341 -29.76 -10.49 5.54
N HIS B 342 -28.84 -9.57 5.82
CA HIS B 342 -28.26 -8.75 4.76
C HIS B 342 -27.09 -9.47 4.11
N PRO B 343 -26.81 -9.17 2.82
CA PRO B 343 -25.71 -9.79 2.09
C PRO B 343 -24.36 -9.64 2.79
N TRP B 344 -24.10 -8.48 3.39
CA TRP B 344 -22.81 -8.27 4.06
C TRP B 344 -22.60 -9.25 5.22
N ALA B 345 -23.69 -9.66 5.87
CA ALA B 345 -23.61 -10.61 6.96
C ALA B 345 -23.24 -11.99 6.40
N MET B 346 -23.84 -12.32 5.26
CA MET B 346 -23.55 -13.56 4.56
C MET B 346 -22.11 -13.53 4.07
N GLN B 347 -21.71 -12.39 3.51
CA GLN B 347 -20.33 -12.15 3.09
C GLN B 347 -19.34 -12.39 4.24
N ALA B 348 -19.67 -11.90 5.43
CA ALA B 348 -18.80 -11.99 6.60
C ALA B 348 -18.67 -13.43 7.07
N LYS B 349 -19.80 -14.14 7.11
CA LYS B 349 -19.77 -15.52 7.53
C LYS B 349 -18.84 -16.34 6.66
N MET B 350 -18.85 -16.08 5.35
CA MET B 350 -18.01 -16.84 4.43
C MET B 350 -16.54 -16.55 4.69
N LYS B 351 -16.24 -15.32 5.08
CA LYS B 351 -14.88 -14.92 5.39
C LYS B 351 -14.47 -15.44 6.77
N ASP B 352 -15.43 -15.53 7.68
CA ASP B 352 -15.16 -15.94 9.06
C ASP B 352 -14.67 -17.39 9.18
N ILE B 353 -15.00 -18.23 8.20
CA ILE B 353 -14.62 -19.65 8.28
C ILE B 353 -13.22 -19.96 7.74
N VAL B 354 -12.58 -18.95 7.17
CA VAL B 354 -11.23 -19.09 6.64
C VAL B 354 -10.21 -18.72 7.72
N ASN B 355 -9.30 -19.63 8.04
CA ASN B 355 -8.34 -19.42 9.13
C ASN B 355 -9.06 -18.98 10.40
N SER B 356 -10.11 -19.71 10.76
CA SER B 356 -10.91 -19.34 11.92
C SER B 356 -10.17 -19.57 13.23
N PRO B 357 -10.16 -18.56 14.10
CA PRO B 357 -9.61 -18.71 15.44
C PRO B 357 -10.30 -19.86 16.19
N GLU B 358 -11.57 -20.10 15.85
CA GLU B 358 -12.31 -21.16 16.50
C GLU B 358 -11.85 -22.55 16.06
N ASP B 359 -11.41 -22.67 14.82
CA ASP B 359 -10.88 -23.92 14.32
C ASP B 359 -9.58 -24.30 15.05
N TYR B 360 -8.71 -23.31 15.23
CA TYR B 360 -7.45 -23.52 15.96
C TYR B 360 -7.66 -23.95 17.43
N LYS B 361 -8.91 -23.90 17.89
CA LYS B 361 -9.24 -24.42 19.22
C LYS B 361 -9.81 -25.83 19.11
N ARG B 362 -10.05 -26.30 17.88
CA ARG B 362 -10.71 -27.59 17.65
C ARG B 362 -9.78 -28.81 17.55
N PHE B 363 -8.47 -28.60 17.53
CA PHE B 363 -7.55 -29.76 17.47
C PHE B 363 -6.36 -29.69 18.42
N TYR B 364 -5.76 -30.85 18.67
CA TYR B 364 -4.74 -30.98 19.70
C TYR B 364 -3.44 -31.57 19.17
N HIS B 365 -2.35 -31.27 19.88
CA HIS B 365 -1.09 -31.93 19.64
C HIS B 365 -0.87 -32.93 20.76
N ASN B 366 -0.25 -34.05 20.43
CA ASN B 366 0.11 -35.06 21.42
C ASN B 366 1.62 -34.94 21.65
N VAL B 367 2.02 -34.29 22.74
CA VAL B 367 3.42 -34.04 22.98
C VAL B 367 3.94 -34.98 24.05
N ASN B 368 4.66 -36.00 23.60
CA ASN B 368 5.15 -37.07 24.47
C ASN B 368 4.05 -37.61 25.39
N GLY B 369 2.85 -37.76 24.85
CA GLY B 369 1.75 -38.30 25.64
C GLY B 369 0.78 -37.29 26.23
N LYS B 370 1.16 -36.01 26.21
CA LYS B 370 0.33 -34.99 26.81
C LYS B 370 -0.42 -34.17 25.76
N LYS B 371 -1.74 -34.14 25.88
CA LYS B 371 -2.57 -33.42 24.94
C LYS B 371 -2.57 -31.91 25.23
N ILE B 372 -2.21 -31.13 24.21
CA ILE B 372 -2.32 -29.68 24.31
C ILE B 372 -3.07 -29.11 23.09
N ARG B 373 -3.99 -28.19 23.35
CA ARG B 373 -4.79 -27.56 22.30
C ARG B 373 -3.88 -26.69 21.42
N HIS B 374 -4.11 -26.78 20.11
CA HIS B 374 -3.22 -26.16 19.14
C HIS B 374 -3.04 -24.66 19.29
N ASP B 375 -4.09 -23.94 19.66
CA ASP B 375 -3.99 -22.48 19.80
C ASP B 375 -2.89 -22.09 20.80
N LYS B 376 -2.73 -22.87 21.86
CA LYS B 376 -1.72 -22.59 22.86
C LYS B 376 -0.28 -22.80 22.34
N VAL B 377 -0.15 -23.43 21.19
CA VAL B 377 1.16 -23.67 20.58
C VAL B 377 1.16 -23.36 19.08
N HIS B 378 0.19 -22.53 18.66
CA HIS B 378 -0.05 -22.24 17.25
C HIS B 378 1.18 -21.83 16.43
N ASN B 379 2.06 -20.99 17.00
CA ASN B 379 3.17 -20.44 16.24
C ASN B 379 4.36 -21.38 16.09
N LEU B 380 4.22 -22.61 16.58
CA LEU B 380 5.30 -23.58 16.51
C LEU B 380 5.12 -24.56 15.37
N PHE B 381 3.95 -24.50 14.72
CA PHE B 381 3.58 -25.53 13.74
C PHE B 381 4.51 -25.55 12.53
N GLY B 382 4.57 -24.44 11.81
CA GLY B 382 5.42 -24.33 10.63
C GLY B 382 6.88 -24.60 10.94
N TYR B 383 7.32 -24.06 12.07
CA TYR B 383 8.63 -24.31 12.65
C TYR B 383 8.92 -25.81 12.68
N ASN B 384 8.01 -26.55 13.29
CA ASN B 384 8.25 -27.97 13.51
C ASN B 384 8.05 -28.81 12.26
N MET B 385 7.35 -28.26 11.28
CA MET B 385 7.23 -28.97 10.00
C MET B 385 8.58 -28.93 9.29
N THR B 386 9.20 -27.75 9.30
CA THR B 386 10.49 -27.55 8.64
C THR B 386 11.60 -28.26 9.42
N ARG B 387 11.37 -28.41 10.72
CA ARG B 387 12.30 -29.15 11.57
C ARG B 387 12.24 -30.61 11.20
N ALA B 388 11.03 -31.11 10.94
CA ALA B 388 10.83 -32.49 10.53
C ALA B 388 11.60 -32.76 9.25
N ALA B 389 11.49 -31.87 8.29
CA ALA B 389 12.24 -32.01 7.06
C ALA B 389 13.74 -32.01 7.36
N GLY B 390 14.17 -31.07 8.19
CA GLY B 390 15.58 -30.83 8.44
C GLY B 390 16.25 -32.04 9.07
N GLU B 391 15.66 -32.52 10.16
CA GLU B 391 16.16 -33.66 10.90
C GLU B 391 16.20 -34.91 10.03
N ALA B 392 15.21 -35.07 9.15
CA ALA B 392 15.18 -36.21 8.26
C ALA B 392 16.29 -36.14 7.21
N PHE B 393 16.58 -34.93 6.73
CA PHE B 393 17.73 -34.73 5.82
C PHE B 393 18.99 -35.20 6.51
N GLU B 394 19.08 -34.90 7.79
CA GLU B 394 20.24 -35.21 8.60
C GLU B 394 20.41 -36.72 8.76
N ARG B 395 19.31 -37.45 8.91
CA ARG B 395 19.38 -38.92 8.98
C ARG B 395 19.77 -39.52 7.63
N ILE B 396 19.14 -39.04 6.56
CA ILE B 396 19.39 -39.59 5.22
C ILE B 396 20.82 -39.39 4.72
N ASP B 397 21.26 -38.13 4.65
CA ASP B 397 22.60 -37.82 4.18
C ASP B 397 23.14 -36.61 4.96
N PRO B 398 23.67 -36.87 6.16
CA PRO B 398 24.06 -35.81 7.10
C PRO B 398 25.15 -34.86 6.61
N GLU B 399 25.83 -35.20 5.53
CA GLU B 399 26.89 -34.34 5.02
C GLU B 399 26.46 -33.54 3.79
N LYS B 400 25.23 -33.72 3.34
CA LYS B 400 24.74 -32.97 2.18
C LYS B 400 23.83 -31.81 2.60
N ARG B 401 24.06 -30.64 1.99
CA ARG B 401 23.20 -29.45 2.16
C ARG B 401 22.03 -29.50 1.19
N PHE B 402 20.81 -29.39 1.72
CA PHE B 402 19.62 -29.33 0.86
C PHE B 402 19.09 -27.92 0.89
N LEU B 403 18.52 -27.44 -0.21
CA LEU B 403 17.84 -26.14 -0.20
C LEU B 403 16.48 -26.31 0.46
N MET B 404 16.23 -25.53 1.51
CA MET B 404 15.01 -25.69 2.27
C MET B 404 14.57 -24.31 2.76
N PHE B 405 13.32 -23.95 2.49
CA PHE B 405 12.71 -22.79 3.15
C PHE B 405 11.20 -22.91 3.35
N SER B 406 10.69 -22.15 4.32
CA SER B 406 9.33 -22.27 4.79
C SER B 406 8.56 -20.92 4.73
N ARG B 407 7.24 -20.97 4.75
CA ARG B 407 6.46 -19.73 4.81
C ARG B 407 6.31 -19.31 6.27
N SER B 408 5.67 -20.17 7.07
CA SER B 408 5.49 -19.89 8.49
C SER B 408 6.73 -20.30 9.28
N SER B 409 7.02 -19.56 10.35
CA SER B 409 8.20 -19.85 11.14
C SER B 409 8.17 -19.24 12.54
N TYR B 410 9.05 -19.74 13.39
CA TYR B 410 9.25 -19.26 14.76
C TYR B 410 10.74 -19.38 15.02
N ILE B 411 11.25 -18.66 16.01
CA ILE B 411 12.68 -18.64 16.23
C ILE B 411 13.11 -20.01 16.72
N GLY B 412 14.18 -20.53 16.11
CA GLY B 412 14.55 -21.92 16.29
C GLY B 412 14.44 -22.62 14.95
N MET B 413 13.44 -22.24 14.15
CA MET B 413 13.33 -22.84 12.82
C MET B 413 14.51 -22.44 11.93
N HIS B 414 15.16 -21.34 12.30
CA HIS B 414 16.25 -20.78 11.49
C HIS B 414 17.41 -21.75 11.31
N ARG B 415 17.51 -22.75 12.19
CA ARG B 415 18.57 -23.76 12.13
C ARG B 415 18.31 -24.78 11.03
N TYR B 416 17.06 -24.85 10.54
CA TYR B 416 16.69 -25.93 9.63
C TYR B 416 16.36 -25.48 8.21
N GLY B 417 16.06 -24.20 8.03
CA GLY B 417 15.69 -23.68 6.73
C GLY B 417 15.49 -22.18 6.72
N GLY B 418 15.41 -21.59 5.52
CA GLY B 418 15.20 -20.17 5.40
C GLY B 418 13.72 -19.83 5.33
N ILE B 419 13.40 -18.58 5.01
CA ILE B 419 12.01 -18.28 4.71
C ILE B 419 11.96 -17.45 3.45
N TRP B 420 10.81 -17.50 2.79
CA TRP B 420 10.48 -16.49 1.78
C TRP B 420 9.31 -15.65 2.33
N MET B 421 9.22 -14.40 1.90
CA MET B 421 8.35 -13.43 2.56
C MET B 421 6.85 -13.54 2.23
N GLY B 422 6.45 -14.63 1.61
CA GLY B 422 5.05 -14.95 1.42
C GLY B 422 4.41 -14.32 0.20
N ASP B 423 3.12 -14.06 0.31
CA ASP B 423 2.35 -13.53 -0.79
C ASP B 423 2.37 -12.00 -0.83
N ASN B 424 3.43 -11.42 -1.36
CA ASN B 424 3.43 -9.98 -1.61
C ASN B 424 2.59 -9.64 -2.85
N LYS B 425 2.73 -8.42 -3.35
CA LYS B 425 1.99 -7.94 -4.51
C LYS B 425 2.92 -7.22 -5.47
N SER B 426 2.50 -7.08 -6.72
CA SER B 426 3.24 -6.26 -7.68
C SER B 426 3.01 -4.76 -7.43
N TRP B 427 3.47 -4.32 -6.26
CA TRP B 427 3.44 -2.92 -5.84
C TRP B 427 4.88 -2.46 -5.67
N TRP B 428 5.13 -1.22 -6.07
CA TRP B 428 6.44 -0.61 -5.86
C TRP B 428 6.84 -0.56 -4.39
N SER B 429 5.88 -0.34 -3.49
CA SER B 429 6.20 -0.30 -2.07
C SER B 429 6.65 -1.65 -1.51
N HIS B 430 6.40 -2.73 -2.25
CA HIS B 430 6.87 -4.03 -1.78
C HIS B 430 8.34 -4.27 -2.14
N ILE B 431 8.95 -3.34 -2.87
CA ILE B 431 10.39 -3.42 -3.03
C ILE B 431 11.01 -2.92 -1.73
N LEU B 432 10.50 -1.80 -1.24
CA LEU B 432 10.91 -1.23 0.04
C LEU B 432 10.60 -2.16 1.23
N LEU B 433 9.44 -2.82 1.20
CA LEU B 433 9.08 -3.75 2.26
C LEU B 433 10.02 -4.94 2.30
N ASN B 434 10.30 -5.50 1.13
CA ASN B 434 11.29 -6.57 0.97
C ASN B 434 12.60 -6.13 1.62
N LEU B 435 13.01 -4.90 1.36
CA LEU B 435 14.29 -4.41 1.86
C LEU B 435 14.37 -4.37 3.40
N LYS B 436 13.34 -3.81 4.02
CA LYS B 436 13.31 -3.55 5.46
C LYS B 436 13.19 -4.81 6.33
N MET B 437 12.59 -5.86 5.77
CA MET B 437 12.47 -7.12 6.48
C MET B 437 13.82 -7.82 6.62
N LEU B 438 14.74 -7.54 5.69
CA LEU B 438 16.01 -8.27 5.63
C LEU B 438 16.86 -8.20 6.92
N PRO B 439 17.19 -6.98 7.41
CA PRO B 439 18.03 -6.99 8.61
C PRO B 439 17.33 -7.56 9.85
N SER B 440 16.03 -7.32 9.98
CA SER B 440 15.28 -7.84 11.12
C SER B 440 15.32 -9.37 11.16
N LEU B 441 15.13 -9.97 9.98
CA LEU B 441 15.25 -11.40 9.83
C LEU B 441 16.64 -11.91 10.23
N ASN B 442 17.69 -11.20 9.80
CA ASN B 442 19.06 -11.53 10.17
C ASN B 442 19.27 -11.53 11.67
N MET B 443 18.71 -10.54 12.36
CA MET B 443 18.84 -10.45 13.81
C MET B 443 18.25 -11.68 14.48
N CYS B 444 17.28 -12.30 13.83
CA CYS B 444 16.56 -13.42 14.42
C CYS B 444 17.02 -14.79 13.93
N GLY B 445 18.13 -14.81 13.20
CA GLY B 445 18.72 -16.06 12.74
C GLY B 445 18.40 -16.44 11.31
N PHE B 446 17.38 -15.81 10.72
CA PHE B 446 16.96 -16.17 9.36
C PHE B 446 17.74 -15.38 8.31
N MET B 447 18.76 -16.01 7.74
CA MET B 447 19.68 -15.32 6.83
C MET B 447 19.43 -15.67 5.36
N TYR B 448 18.96 -16.89 5.10
CA TYR B 448 18.58 -17.26 3.75
C TYR B 448 17.12 -16.86 3.53
N THR B 449 16.92 -15.61 3.12
CA THR B 449 15.59 -15.04 2.89
C THR B 449 15.52 -14.33 1.53
N GLY B 450 14.30 -14.03 1.11
CA GLY B 450 14.05 -13.36 -0.15
C GLY B 450 12.56 -13.22 -0.31
N ALA B 451 12.14 -12.47 -1.33
CA ALA B 451 10.73 -12.22 -1.60
C ALA B 451 10.40 -12.47 -3.07
N ASP B 452 9.13 -12.72 -3.37
CA ASP B 452 8.72 -13.01 -4.74
C ASP B 452 9.01 -11.79 -5.63
N LEU B 453 10.07 -11.87 -6.44
CA LEU B 453 10.50 -10.73 -7.24
C LEU B 453 9.52 -10.43 -8.38
N GLY B 454 9.13 -9.16 -8.49
CA GLY B 454 8.13 -8.74 -9.46
C GLY B 454 6.77 -8.68 -8.81
N GLY B 455 6.66 -9.28 -7.64
CA GLY B 455 5.40 -9.33 -6.92
C GLY B 455 4.61 -10.59 -7.25
N PHE B 456 4.23 -11.32 -6.21
CA PHE B 456 3.39 -12.49 -6.37
C PHE B 456 2.01 -12.12 -6.90
N GLY B 457 1.21 -11.43 -6.07
CA GLY B 457 -0.13 -11.05 -6.48
C GLY B 457 -0.17 -9.85 -7.41
N ASP B 458 -1.25 -9.76 -8.19
CA ASP B 458 -1.51 -8.65 -9.11
C ASP B 458 -0.56 -8.60 -10.32
N ASP B 459 -0.83 -7.67 -11.24
CA ASP B 459 -0.11 -7.59 -12.50
C ASP B 459 1.10 -6.66 -12.44
N THR B 460 2.28 -7.20 -12.75
CA THR B 460 3.51 -6.40 -12.74
C THR B 460 3.71 -5.66 -14.07
N THR B 461 4.69 -4.77 -14.11
CA THR B 461 5.11 -4.12 -15.35
C THR B 461 6.60 -4.35 -15.58
N ARG B 462 7.04 -4.07 -16.81
CA ARG B 462 8.44 -4.26 -17.19
C ARG B 462 9.42 -3.57 -16.24
N ASP B 463 9.11 -2.34 -15.83
CA ASP B 463 10.03 -1.59 -14.98
C ASP B 463 10.06 -2.07 -13.52
N LEU B 464 8.89 -2.46 -13.00
CA LEU B 464 8.82 -2.96 -11.63
C LEU B 464 9.65 -4.23 -11.47
N LEU B 465 9.51 -5.14 -12.42
CA LEU B 465 10.27 -6.39 -12.37
C LEU B 465 11.78 -6.11 -12.34
N LEU B 466 12.26 -5.24 -13.21
CA LEU B 466 13.68 -4.96 -13.26
C LEU B 466 14.19 -4.38 -11.95
N ARG B 467 13.43 -3.49 -11.32
CA ARG B 467 13.82 -2.91 -10.04
C ARG B 467 13.77 -3.94 -8.91
N PHE B 468 12.83 -4.89 -8.99
CA PHE B 468 12.77 -5.97 -8.02
C PHE B 468 14.01 -6.85 -8.17
N LEU B 469 14.35 -7.14 -9.42
CA LEU B 469 15.48 -8.00 -9.73
C LEU B 469 16.81 -7.41 -9.25
N ALA B 470 16.88 -6.08 -9.22
CA ALA B 470 18.11 -5.42 -8.78
C ALA B 470 18.26 -5.47 -7.26
N LEU B 471 17.14 -5.53 -6.55
CA LEU B 471 17.20 -5.80 -5.11
C LEU B 471 17.52 -7.27 -4.88
N GLY B 472 16.88 -8.14 -5.66
CA GLY B 472 17.07 -9.57 -5.53
C GLY B 472 18.50 -10.02 -5.70
N VAL B 473 19.24 -9.32 -6.56
CA VAL B 473 20.67 -9.55 -6.75
C VAL B 473 21.40 -9.80 -5.43
N PHE B 474 21.04 -9.05 -4.40
CA PHE B 474 21.74 -9.11 -3.11
C PHE B 474 21.08 -10.02 -2.07
N THR B 475 19.84 -10.44 -2.31
CA THR B 475 19.17 -11.31 -1.35
C THR B 475 19.46 -12.80 -1.64
N PRO B 476 19.89 -13.56 -0.61
CA PRO B 476 20.34 -14.95 -0.81
C PRO B 476 19.33 -15.76 -1.63
N LEU B 477 18.06 -15.74 -1.24
CA LEU B 477 17.02 -16.27 -2.10
C LEU B 477 16.64 -15.21 -3.15
N MET B 478 16.87 -15.54 -4.41
CA MET B 478 16.51 -14.68 -5.54
C MET B 478 15.53 -15.40 -6.48
N ARG B 479 14.24 -15.27 -6.19
CA ARG B 479 13.22 -15.99 -6.93
C ARG B 479 12.09 -15.09 -7.47
N ASP B 480 11.85 -15.21 -8.77
CA ASP B 480 10.72 -14.58 -9.44
C ASP B 480 9.54 -15.55 -9.34
N HIS B 481 8.46 -15.13 -8.66
CA HIS B 481 7.28 -15.96 -8.45
C HIS B 481 6.00 -15.16 -8.70
N ALA B 482 4.99 -15.82 -9.26
CA ALA B 482 3.75 -15.16 -9.64
C ALA B 482 2.51 -16.01 -9.30
N ALA B 483 1.42 -15.33 -8.98
CA ALA B 483 0.16 -16.00 -8.65
C ALA B 483 -0.55 -16.39 -9.94
N GLU B 484 -1.53 -17.30 -9.84
CA GLU B 484 -2.29 -17.68 -11.01
C GLU B 484 -3.17 -16.52 -11.50
N GLY B 485 -3.36 -16.44 -12.81
CA GLY B 485 -4.23 -15.45 -13.40
C GLY B 485 -3.54 -14.14 -13.67
N THR B 486 -2.31 -14.01 -13.19
CA THR B 486 -1.55 -12.79 -13.35
C THR B 486 -0.88 -12.74 -14.71
N ARG B 487 -0.48 -11.52 -15.11
CA ARG B 487 0.35 -11.34 -16.29
C ARG B 487 1.64 -12.16 -16.08
N GLU B 488 2.17 -12.73 -17.15
CA GLU B 488 3.38 -13.55 -17.06
C GLU B 488 4.62 -12.73 -16.72
N GLN B 489 5.35 -13.14 -15.68
CA GLN B 489 6.47 -12.37 -15.15
C GLN B 489 7.85 -12.93 -15.49
N GLU B 490 7.90 -13.98 -16.33
CA GLU B 490 9.19 -14.50 -16.81
C GLU B 490 9.99 -13.41 -17.50
N CYS B 491 11.30 -13.40 -17.33
CA CYS B 491 12.15 -12.37 -17.93
C CYS B 491 12.04 -12.31 -19.44
N TYR B 492 11.65 -13.43 -20.06
CA TYR B 492 11.58 -13.49 -21.52
C TYR B 492 10.24 -13.01 -22.09
N GLN B 493 9.30 -12.64 -21.21
CA GLN B 493 7.98 -12.20 -21.64
C GLN B 493 7.91 -10.69 -21.88
N PHE B 494 9.07 -10.05 -21.98
CA PHE B 494 9.14 -8.61 -22.08
C PHE B 494 9.96 -8.18 -23.29
N GLU B 495 9.79 -6.92 -23.71
CA GLU B 495 10.61 -6.37 -24.78
C GLU B 495 12.00 -6.05 -24.24
N ASN B 496 12.99 -5.97 -25.12
CA ASN B 496 14.37 -5.72 -24.73
C ASN B 496 14.83 -6.65 -23.61
N ILE B 497 15.00 -7.91 -23.95
CA ILE B 497 15.35 -8.93 -22.97
C ILE B 497 16.79 -8.74 -22.49
N GLU B 498 17.56 -7.95 -23.23
CA GLU B 498 18.95 -7.66 -22.87
C GLU B 498 19.08 -7.11 -21.44
N ASP B 499 18.14 -6.25 -21.08
CA ASP B 499 18.16 -5.59 -19.78
C ASP B 499 17.99 -6.57 -18.62
N PHE B 500 17.21 -7.62 -18.85
CA PHE B 500 17.02 -8.67 -17.86
C PHE B 500 18.26 -9.57 -17.78
N ARG B 501 18.94 -9.74 -18.91
CA ARG B 501 20.18 -10.50 -18.90
C ARG B 501 21.20 -9.75 -18.05
N SER B 502 21.19 -8.42 -18.15
CA SER B 502 22.20 -7.59 -17.51
C SER B 502 22.08 -7.57 -15.99
N VAL B 503 20.86 -7.44 -15.48
CA VAL B 503 20.62 -7.42 -14.05
C VAL B 503 20.94 -8.78 -13.41
N ILE B 504 20.47 -9.84 -14.05
CA ILE B 504 20.71 -11.18 -13.54
C ILE B 504 22.20 -11.56 -13.68
N ASN B 505 22.89 -11.02 -14.68
CA ASN B 505 24.34 -11.21 -14.80
C ASN B 505 25.09 -10.64 -13.59
N ALA B 506 24.58 -9.53 -13.07
CA ALA B 506 25.16 -8.88 -11.90
C ALA B 506 25.08 -9.79 -10.69
N ARG B 507 23.99 -10.55 -10.60
CA ARG B 507 23.85 -11.57 -9.57
C ARG B 507 24.96 -12.61 -9.67
N TYR B 508 25.17 -13.13 -10.88
CA TYR B 508 26.15 -14.19 -11.07
C TYR B 508 27.60 -13.71 -11.01
N ARG B 509 27.83 -12.42 -11.24
CA ARG B 509 29.16 -11.87 -11.06
C ARG B 509 29.48 -11.66 -9.57
N LEU B 510 28.43 -11.46 -8.76
CA LEU B 510 28.60 -11.22 -7.34
C LEU B 510 28.48 -12.48 -6.46
N VAL B 511 28.13 -13.61 -7.05
CA VAL B 511 27.89 -14.82 -6.28
C VAL B 511 29.10 -15.24 -5.40
N PRO B 512 30.32 -15.28 -5.97
CA PRO B 512 31.49 -15.55 -5.14
C PRO B 512 31.56 -14.66 -3.89
N TYR B 513 31.37 -13.36 -4.07
CA TYR B 513 31.38 -12.44 -2.95
C TYR B 513 30.17 -12.64 -2.01
N LEU B 514 28.99 -12.76 -2.59
CA LEU B 514 27.78 -12.90 -1.79
C LEU B 514 27.79 -14.22 -1.01
N TYR B 515 28.23 -15.29 -1.68
CA TYR B 515 28.36 -16.60 -1.01
C TYR B 515 29.39 -16.56 0.11
N SER B 516 30.55 -15.96 -0.17
CA SER B 516 31.59 -15.85 0.84
C SER B 516 31.10 -15.12 2.09
N GLU B 517 30.43 -13.99 1.88
CA GLU B 517 29.88 -13.23 3.01
C GLU B 517 28.85 -14.01 3.79
N TYR B 518 28.01 -14.78 3.08
CA TYR B 518 27.00 -15.58 3.75
C TYR B 518 27.64 -16.63 4.67
N MET B 519 28.63 -17.35 4.13
CA MET B 519 29.29 -18.41 4.86
C MET B 519 30.04 -17.87 6.08
N LYS B 520 30.80 -16.81 5.87
CA LYS B 520 31.54 -16.20 6.96
C LYS B 520 30.58 -15.73 8.05
N ALA B 521 29.39 -15.26 7.66
CA ALA B 521 28.44 -14.75 8.63
C ALA B 521 27.74 -15.89 9.35
N ALA B 522 27.33 -16.89 8.58
CA ALA B 522 26.69 -18.08 9.14
C ALA B 522 27.62 -18.81 10.11
N LEU B 523 28.85 -19.05 9.68
CA LEU B 523 29.78 -19.79 10.51
C LEU B 523 30.20 -19.01 11.76
N ASN B 524 29.92 -17.71 11.77
CA ASN B 524 30.34 -16.86 12.88
C ASN B 524 29.19 -16.26 13.69
N ASP B 525 27.99 -16.78 13.49
CA ASP B 525 26.81 -16.23 14.15
C ASP B 525 26.69 -14.71 13.94
N ASP B 526 27.05 -14.24 12.75
CA ASP B 526 27.04 -12.82 12.40
C ASP B 526 25.96 -12.52 11.35
N MET B 527 25.78 -11.25 11.03
CA MET B 527 24.72 -10.81 10.12
C MET B 527 25.23 -10.58 8.70
N TYR B 528 24.46 -11.08 7.73
CA TYR B 528 24.72 -10.84 6.31
C TYR B 528 24.28 -9.41 5.95
N PHE B 529 23.05 -9.05 6.33
CA PHE B 529 22.52 -7.70 6.14
C PHE B 529 22.49 -6.97 7.46
N LYS B 530 22.86 -5.68 7.45
CA LYS B 530 22.89 -4.83 8.65
C LYS B 530 22.22 -3.49 8.41
N PRO B 531 21.52 -2.97 9.43
CA PRO B 531 21.08 -1.56 9.35
C PRO B 531 22.30 -0.68 9.48
N LEU B 532 22.28 0.51 8.88
CA LEU B 532 23.39 1.45 9.01
C LEU B 532 23.73 1.74 10.47
N GLY B 533 22.70 1.75 11.34
CA GLY B 533 22.90 2.02 12.75
C GLY B 533 23.80 1.03 13.48
N PHE B 534 23.97 -0.14 12.90
CA PHE B 534 24.87 -1.15 13.44
C PHE B 534 26.33 -0.85 13.10
N VAL B 535 26.57 -0.36 11.88
CA VAL B 535 27.94 -0.14 11.41
C VAL B 535 28.49 1.23 11.84
N TYR B 536 27.63 2.25 11.84
CA TYR B 536 28.02 3.58 12.27
C TYR B 536 27.13 4.06 13.41
N PRO B 537 27.30 3.50 14.62
CA PRO B 537 26.37 3.79 15.71
C PRO B 537 26.43 5.22 16.24
N ASP B 538 27.52 5.94 16.01
CA ASP B 538 27.67 7.30 16.53
C ASP B 538 27.24 8.39 15.53
N ASP B 539 26.74 7.96 14.37
CA ASP B 539 26.23 8.85 13.34
C ASP B 539 24.72 8.91 13.50
N LYS B 540 24.22 10.04 13.99
CA LYS B 540 22.80 10.18 14.27
C LYS B 540 21.96 10.24 12.99
N MET B 541 22.62 10.52 11.87
CA MET B 541 21.98 10.50 10.57
C MET B 541 21.88 9.07 10.04
N ALA B 542 22.97 8.31 10.17
CA ALA B 542 23.01 6.91 9.71
C ALA B 542 22.01 6.03 10.45
N ILE B 543 21.85 6.24 11.75
CA ILE B 543 20.99 5.34 12.53
C ILE B 543 19.52 5.34 12.09
N ARG B 544 19.08 6.42 11.42
CA ARG B 544 17.69 6.56 10.98
C ARG B 544 17.45 6.18 9.52
N VAL B 545 18.51 5.93 8.77
CA VAL B 545 18.39 5.46 7.40
C VAL B 545 17.75 4.08 7.34
N GLU B 546 16.70 3.93 6.54
CA GLU B 546 16.00 2.66 6.45
C GLU B 546 15.82 2.14 5.04
N ASP B 547 16.28 2.89 4.04
CA ASP B 547 16.18 2.40 2.67
C ASP B 547 17.55 2.15 2.06
N GLN B 548 18.53 1.89 2.93
CA GLN B 548 19.85 1.43 2.55
C GLN B 548 20.25 0.38 3.57
N LEU B 549 21.09 -0.58 3.16
CA LEU B 549 21.55 -1.65 4.03
C LEU B 549 23.05 -1.93 3.86
N MET B 550 23.70 -2.35 4.94
CA MET B 550 25.08 -2.80 4.88
C MET B 550 25.14 -4.31 4.60
N LEU B 551 26.04 -4.72 3.72
CA LEU B 551 26.18 -6.14 3.42
C LEU B 551 27.60 -6.58 3.77
N GLY B 552 27.72 -7.55 4.66
CA GLY B 552 29.01 -7.99 5.13
C GLY B 552 29.71 -6.83 5.82
N ASN B 553 30.98 -6.64 5.48
CA ASN B 553 31.76 -5.53 6.00
C ASN B 553 32.33 -4.69 4.87
N GLU B 554 31.93 -5.00 3.64
CA GLU B 554 32.58 -4.41 2.48
C GLU B 554 31.69 -3.42 1.72
N ILE B 555 30.39 -3.67 1.67
CA ILE B 555 29.50 -2.82 0.87
C ILE B 555 28.21 -2.33 1.53
N MET B 556 27.55 -1.41 0.83
CA MET B 556 26.23 -0.92 1.20
C MET B 556 25.39 -1.00 -0.07
N ILE B 557 24.13 -1.39 0.06
CA ILE B 557 23.21 -1.35 -1.08
C ILE B 557 22.12 -0.29 -0.86
N ALA B 558 21.60 0.25 -1.97
CA ALA B 558 20.52 1.25 -1.96
C ALA B 558 19.75 1.19 -3.28
N PRO B 559 18.75 0.30 -3.38
CA PRO B 559 18.01 0.11 -4.63
C PRO B 559 17.00 1.22 -4.88
N VAL B 560 16.66 1.44 -6.15
CA VAL B 560 15.61 2.40 -6.49
C VAL B 560 14.27 1.72 -6.32
N TYR B 561 13.35 2.36 -5.61
CA TYR B 561 12.04 1.76 -5.38
C TYR B 561 10.88 2.67 -5.79
N GLU B 562 11.18 3.67 -6.60
CA GLU B 562 10.15 4.60 -7.09
C GLU B 562 9.91 4.43 -8.59
N GLN B 563 8.65 4.37 -8.99
CA GLN B 563 8.33 4.30 -10.41
C GLN B 563 8.71 5.57 -11.18
N ASN B 564 9.31 5.37 -12.35
CA ASN B 564 9.78 6.44 -13.25
C ASN B 564 11.06 7.14 -12.79
N ALA B 565 11.58 6.75 -11.63
CA ALA B 565 12.77 7.40 -11.10
C ALA B 565 14.03 7.00 -11.88
N ARG B 566 14.90 7.97 -12.14
CA ARG B 566 16.16 7.69 -12.84
C ARG B 566 17.37 7.73 -11.89
N GLY B 567 17.07 7.62 -10.60
CA GLY B 567 18.09 7.75 -9.57
C GLY B 567 17.45 7.89 -8.22
N ARG B 568 18.24 8.22 -7.20
CA ARG B 568 17.72 8.34 -5.84
C ARG B 568 18.67 9.03 -4.87
N TYR B 569 18.13 9.47 -3.75
CA TYR B 569 18.94 10.07 -2.69
C TYR B 569 19.56 8.98 -1.84
N VAL B 570 20.82 9.18 -1.46
CA VAL B 570 21.50 8.29 -0.54
C VAL B 570 22.26 9.10 0.49
N TYR B 571 22.39 8.57 1.71
CA TYR B 571 23.33 9.15 2.67
C TYR B 571 24.49 8.18 2.86
N LEU B 572 25.72 8.68 2.71
CA LEU B 572 26.91 7.84 2.95
C LEU B 572 27.68 8.26 4.20
N PRO B 573 27.67 7.42 5.24
CA PRO B 573 28.30 7.72 6.54
C PRO B 573 29.83 7.72 6.50
N GLU B 574 30.42 7.32 5.38
CA GLU B 574 31.86 7.49 5.16
C GLU B 574 32.11 7.55 3.66
N GLU B 575 33.33 7.88 3.27
CA GLU B 575 33.69 7.87 1.86
C GLU B 575 33.49 6.49 1.25
N MET B 576 32.92 6.44 0.05
CA MET B 576 32.63 5.18 -0.63
C MET B 576 32.78 5.31 -2.14
N LYS B 577 33.06 4.20 -2.80
CA LYS B 577 33.05 4.18 -4.25
C LYS B 577 31.66 3.81 -4.74
N PHE B 578 31.09 4.65 -5.59
CA PHE B 578 29.80 4.38 -6.18
C PHE B 578 30.01 3.45 -7.37
N ILE B 579 29.48 2.24 -7.26
CA ILE B 579 29.65 1.23 -8.28
C ILE B 579 28.35 0.94 -9.00
N LYS B 580 28.39 0.96 -10.33
CA LYS B 580 27.28 0.43 -11.11
C LYS B 580 27.71 -0.69 -12.06
N PHE B 581 26.96 -1.78 -12.05
CA PHE B 581 27.12 -2.80 -13.08
C PHE B 581 26.35 -2.35 -14.31
N MET B 582 27.08 -2.05 -15.38
CA MET B 582 26.47 -1.51 -16.59
C MET B 582 25.95 -2.60 -17.51
N PRO B 583 24.91 -2.27 -18.31
CA PRO B 583 24.33 -3.25 -19.23
C PRO B 583 25.30 -3.72 -20.29
N ASP B 584 26.32 -2.92 -20.61
CA ASP B 584 27.25 -3.28 -21.66
C ASP B 584 28.38 -4.19 -21.13
N GLY B 585 28.25 -4.58 -19.87
CA GLY B 585 29.19 -5.51 -19.26
C GLY B 585 30.27 -4.84 -18.44
N SER B 586 30.37 -3.52 -18.57
CA SER B 586 31.38 -2.77 -17.82
C SER B 586 30.89 -2.39 -16.42
N ILE B 587 31.82 -1.94 -15.59
CA ILE B 587 31.51 -1.54 -14.23
C ILE B 587 31.97 -0.12 -13.99
N SER B 588 31.03 0.79 -13.80
CA SER B 588 31.38 2.19 -13.57
C SER B 588 31.76 2.38 -12.11
N GLU B 589 32.62 3.37 -11.88
CA GLU B 589 33.22 3.57 -10.56
C GLU B 589 33.41 5.06 -10.33
N GLU B 590 32.96 5.53 -9.16
CA GLU B 590 33.08 6.95 -8.83
C GLU B 590 33.23 7.14 -7.33
N VAL B 591 34.24 7.91 -6.93
CA VAL B 591 34.42 8.25 -5.53
C VAL B 591 33.48 9.38 -5.09
N LEU B 592 32.66 9.11 -4.08
CA LEU B 592 31.77 10.11 -3.52
C LEU B 592 32.13 10.26 -2.05
N GLU B 593 32.11 11.49 -1.54
CA GLU B 593 32.49 11.74 -0.16
C GLU B 593 31.35 11.47 0.81
N LYS B 594 31.68 11.43 2.09
CA LYS B 594 30.66 11.29 3.13
C LYS B 594 29.62 12.42 3.00
N GLY B 595 28.36 12.05 3.06
CA GLY B 595 27.29 13.04 3.03
C GLY B 595 26.11 12.65 2.15
N VAL B 596 25.20 13.59 1.95
CA VAL B 596 24.02 13.38 1.13
C VAL B 596 24.34 13.52 -0.35
N HIS B 597 23.83 12.60 -1.16
CA HIS B 597 24.07 12.63 -2.60
C HIS B 597 22.84 12.20 -3.37
N TYR B 598 22.71 12.69 -4.59
CA TYR B 598 21.76 12.13 -5.52
C TYR B 598 22.52 11.32 -6.56
N VAL B 599 22.16 10.05 -6.72
CA VAL B 599 22.87 9.20 -7.67
C VAL B 599 21.98 8.74 -8.82
N ASP B 600 22.52 8.75 -10.03
CA ASP B 600 21.79 8.25 -11.20
C ASP B 600 21.87 6.74 -11.31
N VAL B 601 20.70 6.09 -11.34
CA VAL B 601 20.62 4.65 -11.50
C VAL B 601 19.53 4.33 -12.53
N ALA B 602 19.95 4.07 -13.76
CA ALA B 602 19.04 3.67 -14.82
C ALA B 602 18.44 2.28 -14.58
N LEU B 603 17.38 1.98 -15.32
CA LEU B 603 16.62 0.73 -15.15
C LEU B 603 17.45 -0.53 -15.25
N ASN B 604 18.45 -0.52 -16.13
CA ASN B 604 19.25 -1.71 -16.41
C ASN B 604 20.64 -1.62 -15.81
N GLU B 605 20.78 -0.86 -14.74
CA GLU B 605 22.06 -0.71 -14.05
C GLU B 605 21.86 -1.18 -12.61
N VAL B 606 22.83 -1.92 -12.07
CA VAL B 606 22.75 -2.34 -10.68
C VAL B 606 23.76 -1.59 -9.82
N PRO B 607 23.27 -0.86 -8.80
CA PRO B 607 24.12 -0.05 -7.92
C PRO B 607 24.53 -0.74 -6.63
N LEU B 608 25.75 -0.43 -6.17
CA LEU B 608 26.20 -0.74 -4.82
C LEU B 608 27.32 0.23 -4.43
N PHE B 609 27.69 0.24 -3.15
CA PHE B 609 28.74 1.12 -2.66
C PHE B 609 29.80 0.34 -1.90
N ILE B 610 31.06 0.57 -2.24
CA ILE B 610 32.19 -0.07 -1.56
C ILE B 610 32.82 0.87 -0.52
N ARG B 611 32.85 0.43 0.74
CA ARG B 611 33.30 1.25 1.85
C ARG B 611 34.78 1.60 1.79
N SER B 612 35.14 2.74 2.39
CA SER B 612 36.53 3.17 2.49
C SER B 612 37.41 2.07 3.04
N GLY B 613 38.55 1.86 2.39
CA GLY B 613 39.50 0.85 2.82
C GLY B 613 39.02 -0.59 2.74
N LYS B 614 38.16 -0.89 1.78
CA LYS B 614 37.68 -2.26 1.56
C LYS B 614 37.61 -2.55 0.06
N CYS B 615 37.43 -3.81 -0.29
CA CYS B 615 37.27 -4.22 -1.69
C CYS B 615 36.52 -5.53 -1.75
N ILE B 616 35.95 -5.83 -2.91
CA ILE B 616 35.23 -7.08 -3.15
C ILE B 616 35.68 -7.75 -4.44
N PRO B 617 35.65 -9.09 -4.48
CA PRO B 617 35.95 -9.84 -5.71
C PRO B 617 34.74 -9.96 -6.63
N VAL B 618 34.96 -9.67 -7.91
CA VAL B 618 33.90 -9.74 -8.91
C VAL B 618 34.34 -10.66 -10.03
N ALA B 619 33.49 -11.63 -10.35
CA ALA B 619 33.80 -12.60 -11.40
C ALA B 619 33.10 -12.25 -12.70
N GLU B 620 33.54 -12.86 -13.79
CA GLU B 620 32.86 -12.71 -15.08
C GLU B 620 31.47 -13.34 -15.04
N ALA B 621 30.60 -12.90 -15.94
CA ALA B 621 29.22 -13.40 -15.96
C ALA B 621 29.15 -14.84 -16.44
N ALA B 622 28.42 -15.67 -15.71
CA ALA B 622 28.19 -17.06 -16.12
C ALA B 622 26.70 -17.38 -16.08
N GLU B 623 26.31 -18.53 -16.63
CA GLU B 623 24.89 -18.86 -16.77
C GLU B 623 24.38 -19.85 -15.72
N CYS B 624 25.28 -20.34 -14.88
CA CYS B 624 24.93 -21.16 -13.72
C CYS B 624 26.06 -21.09 -12.71
N VAL B 625 25.77 -21.45 -11.47
CA VAL B 625 26.74 -21.34 -10.38
C VAL B 625 28.01 -22.17 -10.66
N LYS B 626 27.80 -23.37 -11.19
CA LYS B 626 28.91 -24.26 -11.53
C LYS B 626 29.92 -23.64 -12.52
N ASP B 627 29.42 -22.88 -13.49
CA ASP B 627 30.27 -22.34 -14.56
C ASP B 627 31.02 -21.05 -14.20
N ILE B 628 30.85 -20.56 -12.97
CA ILE B 628 31.53 -19.32 -12.57
C ILE B 628 33.04 -19.54 -12.39
N ASP B 629 33.82 -18.72 -13.09
CA ASP B 629 35.27 -18.76 -12.99
C ASP B 629 35.74 -17.99 -11.77
N THR B 630 36.03 -18.68 -10.68
CA THR B 630 36.46 -18.00 -9.46
C THR B 630 37.98 -17.93 -9.34
N GLU B 631 38.67 -18.44 -10.34
CA GLU B 631 40.15 -18.50 -10.33
C GLU B 631 40.77 -17.11 -10.17
N ASN B 632 40.69 -16.30 -11.23
CA ASN B 632 41.17 -14.94 -11.15
C ASN B 632 40.05 -13.92 -11.33
N MET B 633 39.52 -13.47 -10.20
CA MET B 633 38.43 -12.51 -10.19
C MET B 633 38.98 -11.10 -10.08
N GLN B 634 38.32 -10.16 -10.74
CA GLN B 634 38.67 -8.76 -10.65
C GLN B 634 38.36 -8.25 -9.25
N LEU B 635 39.17 -7.30 -8.79
CA LEU B 635 38.96 -6.68 -7.49
C LEU B 635 38.57 -5.22 -7.69
N ILE B 636 37.35 -4.89 -7.24
CA ILE B 636 36.86 -3.51 -7.24
C ILE B 636 36.93 -2.98 -5.81
N GLY B 637 37.28 -1.71 -5.66
CA GLY B 637 37.36 -1.13 -4.34
C GLY B 637 38.63 -0.34 -4.14
N TYR B 638 39.12 -0.30 -2.90
CA TYR B 638 40.26 0.55 -2.56
C TYR B 638 41.60 -0.16 -2.62
N GLU B 639 42.58 0.49 -3.26
CA GLU B 639 43.94 -0.01 -3.32
C GLU B 639 44.50 -0.30 -1.92
N GLY B 640 45.28 -1.36 -1.81
CA GLY B 640 45.92 -1.74 -0.56
C GLY B 640 44.98 -2.31 0.50
N SER B 641 43.73 -2.56 0.13
CA SER B 641 42.80 -3.22 1.05
C SER B 641 42.82 -4.73 0.80
N SER B 642 42.40 -5.50 1.80
CA SER B 642 42.36 -6.94 1.63
C SER B 642 40.98 -7.53 1.94
N TYR B 643 40.55 -8.45 1.09
CA TYR B 643 39.33 -9.19 1.34
C TYR B 643 39.61 -10.67 1.58
N THR B 644 39.06 -11.22 2.67
CA THR B 644 39.19 -12.64 2.97
C THR B 644 38.04 -13.43 2.33
N LEU B 645 38.37 -14.20 1.30
CA LEU B 645 37.37 -14.97 0.55
C LEU B 645 37.19 -16.39 1.10
N TYR B 646 35.95 -16.74 1.42
CA TYR B 646 35.62 -18.11 1.83
C TYR B 646 35.13 -18.88 0.63
N GLU B 647 35.67 -20.07 0.43
CA GLU B 647 35.31 -20.89 -0.70
C GLU B 647 35.36 -22.37 -0.33
N ASP B 648 34.27 -23.09 -0.61
CA ASP B 648 34.23 -24.54 -0.46
C ASP B 648 33.54 -25.20 -1.67
N ASP B 649 33.18 -26.47 -1.55
CA ASP B 649 32.63 -27.19 -2.69
C ASP B 649 31.17 -26.82 -2.89
N GLY B 650 30.60 -26.12 -1.92
CA GLY B 650 29.24 -25.63 -2.00
C GLY B 650 28.18 -26.71 -1.93
N ILE B 651 28.59 -27.93 -1.58
CA ILE B 651 27.69 -29.07 -1.62
C ILE B 651 27.62 -29.79 -0.28
N HIS B 652 28.76 -30.05 0.33
CA HIS B 652 28.82 -30.72 1.62
C HIS B 652 29.07 -29.75 2.77
N LYS B 653 29.37 -30.28 3.95
CA LYS B 653 29.45 -29.45 5.15
C LYS B 653 30.86 -29.40 5.70
N ASP B 654 31.79 -29.15 4.81
CA ASP B 654 33.21 -29.19 5.13
C ASP B 654 33.69 -27.79 5.53
N TYR B 655 32.99 -27.22 6.51
CA TYR B 655 33.11 -25.81 6.86
C TYR B 655 34.46 -25.38 7.44
N ASP B 656 35.03 -26.18 8.33
CA ASP B 656 36.16 -25.73 9.13
C ASP B 656 37.55 -26.03 8.57
N LYS B 657 37.69 -26.07 7.24
CA LYS B 657 38.99 -26.28 6.61
C LYS B 657 39.74 -24.95 6.40
N LYS B 658 41.06 -24.98 6.54
CA LYS B 658 41.89 -23.80 6.33
C LYS B 658 41.97 -23.45 4.85
N GLU B 659 41.90 -24.46 3.99
CA GLU B 659 41.90 -24.26 2.53
C GLU B 659 40.64 -23.50 2.06
N ASN B 660 39.70 -23.26 2.98
CA ASN B 660 38.48 -22.58 2.62
C ASN B 660 38.67 -21.07 2.58
N TYR B 661 39.71 -20.59 3.25
CA TYR B 661 39.97 -19.16 3.37
C TYR B 661 41.17 -18.72 2.53
N ARG B 662 41.00 -17.61 1.81
CA ARG B 662 42.05 -17.06 0.96
C ARG B 662 42.05 -15.53 1.01
N VAL B 663 43.19 -14.94 1.35
CA VAL B 663 43.28 -13.49 1.44
C VAL B 663 43.61 -12.87 0.09
N LEU B 664 42.72 -12.01 -0.38
CA LEU B 664 42.89 -11.30 -1.65
C LEU B 664 43.35 -9.89 -1.41
N THR B 665 44.21 -9.38 -2.27
CA THR B 665 44.67 -8.00 -2.15
C THR B 665 44.63 -7.27 -3.48
N LYS B 666 44.03 -6.08 -3.46
CA LYS B 666 43.88 -5.28 -4.68
C LYS B 666 45.17 -4.55 -5.04
C1 VOG C . -19.54 6.84 4.55
O1 VOG C . -18.82 5.83 5.19
C2 VOG C . -18.75 8.10 4.59
O2 VOG C . -18.34 8.34 5.90
C3 VOG C . -17.55 8.05 3.70
O3 VOG C . -16.90 9.27 3.78
C4 VOG C . -17.99 7.75 2.30
O4 VOG C . -16.89 7.74 1.44
C5 VOG C . -18.68 6.42 2.22
C6 VOG C . -19.86 6.38 3.15
C7 VOG C . -20.82 7.11 5.29
O7 VOG C . -21.58 8.15 4.82
N VOG C . -17.75 5.36 2.59
C8 VOG C . -18.23 3.94 2.29
C9 VOG C . -17.32 2.85 2.83
O9 VOG C . -16.99 2.96 4.16
C10 VOG C . -18.70 3.69 0.88
O10 VOG C . -17.72 3.77 -0.08
C1 VOG D . 0.01 -20.88 -3.63
O1 VOG D . -0.77 -19.92 -4.27
C2 VOG D . 1.47 -20.55 -3.84
O2 VOG D . 1.67 -20.22 -5.17
C3 VOG D . 1.97 -19.45 -2.96
O3 VOG D . 3.33 -19.31 -3.15
C4 VOG D . 1.66 -19.74 -1.52
O4 VOG D . 2.16 -18.76 -0.68
C5 VOG D . 0.19 -19.89 -1.30
C6 VOG D . -0.42 -20.93 -2.20
C7 VOG D . -0.23 -22.22 -4.26
O7 VOG D . 0.69 -23.20 -4.01
N VOG D . -0.47 -18.61 -1.49
C8 VOG D . -2.00 -18.62 -1.37
C9 VOG D . -2.68 -17.39 -1.93
O9 VOG D . -2.66 -17.25 -3.29
C10 VOG D . -2.56 -19.06 -0.04
O10 VOG D . -1.86 -18.66 1.08
#